data_3J9P
#
_entry.id   3J9P
#
_cell.length_a   1
_cell.length_b   1
_cell.length_c   1
_cell.angle_alpha   90
_cell.angle_beta   90
_cell.angle_gamma   90
#
_symmetry.space_group_name_H-M   'P 1'
#
_entity_poly.entity_id   1
_entity_poly.type   'polypeptide(L)'
_entity_poly.pdbx_seq_one_letter_code
;MGSSHHHHHHHHGSSMKIEEGKLVIWINGDKGYNGLAEVGKKFEKDTGIKVTVEHPDKLEEKFPQVAATGDGPDIIFWAH
DRFGGYAQSGLLAEITPDKAFQDKLYPFTWDAVRYNGKLIAYPIAVEALSLIYNKDLLPNPPKTWEEIPALDKELKAKGK
SALMFNLQEPYFTWPLIAADGGYAFKYENGKYDIKDVGVDNAGAKAGLTFLVDLIKNKHMNADTDYSIAEAAFNKGETAM
TINGPWAWSNIDTSKVNYGVTVLPTFKGQPSKPFVGVLSAGINAASPNKELAKEFLENYLLTDEGLEAVNKDKPLGAVAL
KSYEEELAKDPRIAATMENAQKGEIMPNIPQMSAFWYAVRTAVINAASGRQTVDEALKDAQTNSSSNNNNNNNNNNLGIE
ENLYFQGAGSKRSLRKMWRPGEKKEPQGVVYEDVPDDTEDFKESLKVVFEGSAYGLQNFNKQKKLKRCDDMDTFFLHYAA
AEGQIELMEKITRDSSLEVLHEMDDYGNTPLHCAVEKNQIESVKFLLSRGANPNLRNFNMMAPLHIAVQGMNNEVMKVLL
EHRTIDVNLEGENGNTAVIIACTTNNSEALQILLKKGAKPCKSNKWGCFPIHQAAFSGSKECMEIILRFGEEHGYSRQLH
INFMNNGKATPLHLAVQNGDLEMIKMCLDNGAQIDPVEKGRCTAIHFAATQGATEIVKLMISSYSGSVDIVNTTDGCHET
MLHRASLFDHHELADYLISVGADINKIDSEGRSPLILATASASWNIVNLLLSKGAQVDIKDNFGRNFLHLTVQQPYGLKN
LRPEFMQMQQIKELVMDEDNDGCTPLHYACRQGGPGSVNNLLGFNVSIHSKSKDKKSPLHFAASYGRINTCQRLLQDISD
TRLLNEGDLHGMTPLHLAAKNGHDKVVQLLLKKGALFLSDHNGWTALHHASMGGYTQTMKVILDTNLKCTDRLDEDGNTA
LHFAAREGHAKAVALLLSHNADIVLNKQQASFLHLALHNKRKEVVLTIIRSKRWDECLKIFSHNSPGNKCPITEMIEYLP
ECMKVLLDFCMLHSTEDKSCRDYYIEYNFKYLQCPLEFTKKTPTQDVIYEPLTALNAMVQNNRIELLNHPVCKEYLLMKW
LAYGFRAHMMNLGSYCLGLIPMTILVVNIKPGMAFNSTGIINETSDHSEILDTTNSYLIKTCMILVFLSSIFGYCKEAGQ
IFQQKRNYFMDISNVLEWIIYTTGIIFVLPLFVEIPAHLQWQCGAIAVYFYWMNFLLYLQRFENCGIFIVMLEVILKTLL
RSTVVFIFLLLAFGLSFYILLNLQDPFSSPLLSIIQTFSMMLGDINYRESFLEPYLRNELAHPVLSFAQLVSFTIFVPIV
LMNLLIGLAVGDIADVQKHASLKRIAMQVELHTSLEKKLPLWFLRKVDQKSTIVYPNKPRSGGMLFHIFCFLFCTGEIRQ
EIPNADKSLEMEILKQKYRLKDLTFLLEKQHELIKLIIQKMEIISETEDDDSHCSFQDRFKKEQMEQRNSRWNTVLRAVK
AKTHHLEP
;
_entity_poly.pdbx_strand_id   D,A,B,C
#
# COMPACT_ATOMS: atom_id res chain seq x y z
N LYS A 855 44.74 23.86 43.30
CA LYS A 855 45.71 24.21 42.26
C LYS A 855 46.72 23.09 42.02
N LYS A 856 46.97 22.77 40.75
CA LYS A 856 46.30 23.45 39.64
C LYS A 856 45.29 22.55 38.92
N SER A 857 44.02 22.92 39.05
CA SER A 857 42.91 22.23 38.38
C SER A 857 42.39 22.95 37.13
N PRO A 858 42.20 24.30 37.17
CA PRO A 858 41.47 24.99 36.10
C PRO A 858 41.98 24.67 34.70
N LEU A 859 43.29 24.52 34.56
CA LEU A 859 43.90 24.30 33.25
C LEU A 859 43.19 23.17 32.52
N HIS A 860 42.86 22.11 33.25
CA HIS A 860 42.18 20.95 32.69
C HIS A 860 40.89 21.37 32.00
N PHE A 861 40.11 22.15 32.72
CA PHE A 861 38.86 22.72 32.23
C PHE A 861 39.15 23.57 31.00
N ALA A 862 39.97 24.59 31.20
CA ALA A 862 40.13 25.71 30.29
C ALA A 862 40.57 25.18 28.93
N ALA A 863 41.57 24.29 28.94
CA ALA A 863 42.07 23.73 27.70
C ALA A 863 41.29 22.48 27.27
N SER A 864 40.33 22.04 28.08
CA SER A 864 39.30 21.14 27.55
C SER A 864 38.42 21.89 26.57
N TYR A 865 37.79 22.96 27.06
CA TYR A 865 36.95 23.80 26.20
C TYR A 865 37.70 24.83 25.35
N GLY A 866 39.00 24.99 25.61
CA GLY A 866 39.86 25.71 24.70
C GLY A 866 39.87 27.20 24.96
N ARG A 867 40.00 27.55 26.24
CA ARG A 867 40.13 28.93 26.67
C ARG A 867 41.57 29.38 26.45
N ILE A 868 41.86 29.82 25.23
CA ILE A 868 43.24 29.96 24.78
C ILE A 868 44.10 30.90 25.62
N ASN A 869 43.61 32.08 25.98
CA ASN A 869 44.45 33.02 26.70
C ASN A 869 44.76 32.59 28.13
N THR A 870 43.75 32.05 28.80
CA THR A 870 43.93 31.53 30.15
C THR A 870 44.87 30.32 30.12
N CYS A 871 44.71 29.47 29.12
CA CYS A 871 45.63 28.38 28.89
C CYS A 871 47.08 28.86 28.76
N GLN A 872 47.33 29.79 27.85
CA GLN A 872 48.68 30.28 27.58
C GLN A 872 49.32 30.99 28.78
N ARG A 873 48.58 31.89 29.43
CA ARG A 873 49.12 32.64 30.56
C ARG A 873 49.25 31.82 31.85
N LEU A 874 48.38 30.82 32.04
CA LEU A 874 48.54 29.90 33.17
C LEU A 874 49.67 28.90 32.98
N LEU A 875 49.76 28.32 31.78
CA LEU A 875 50.74 27.29 31.47
C LEU A 875 52.19 27.74 31.33
N GLN A 876 52.40 28.96 30.83
CA GLN A 876 53.74 29.49 30.75
C GLN A 876 54.11 30.10 32.10
N ASP A 877 55.02 29.45 32.81
CA ASP A 877 55.44 29.92 34.13
C ASP A 877 56.96 30.11 34.34
N ILE A 878 57.83 29.13 34.03
CA ILE A 878 57.51 27.84 33.41
C ILE A 878 57.73 26.71 34.40
N SER A 879 56.71 25.87 34.55
CA SER A 879 56.74 24.74 35.48
C SER A 879 57.82 23.74 35.07
N ASP A 880 58.06 23.66 33.75
CA ASP A 880 58.77 22.57 33.06
C ASP A 880 57.81 21.41 32.80
N THR A 881 56.53 21.71 32.97
CA THR A 881 55.44 20.81 32.60
C THR A 881 55.50 19.44 33.28
N ARG A 882 55.85 19.43 34.57
CA ARG A 882 55.75 18.23 35.40
C ARG A 882 54.34 17.63 35.39
N LEU A 883 53.35 18.52 35.44
CA LEU A 883 51.93 18.14 35.48
C LEU A 883 51.19 18.26 34.15
N LEU A 884 51.91 18.26 33.03
CA LEU A 884 51.32 18.69 31.75
C LEU A 884 50.32 17.76 31.00
N ASN A 885 50.41 16.41 30.97
CA ASN A 885 51.18 15.40 31.75
C ASN A 885 50.71 15.24 33.21
N GLU A 886 49.43 15.57 33.45
CA GLU A 886 48.71 15.12 34.63
C GLU A 886 47.34 14.55 34.25
N GLY A 887 46.76 13.74 35.13
CA GLY A 887 45.43 13.23 34.88
C GLY A 887 44.67 12.88 36.16
N ASP A 888 43.36 12.93 36.04
CA ASP A 888 42.44 12.54 37.09
C ASP A 888 41.30 11.74 36.53
N LEU A 889 40.72 10.87 37.34
CA LEU A 889 39.79 9.85 36.86
C LEU A 889 38.51 10.52 36.22
N HIS A 890 38.04 10.00 35.10
CA HIS A 890 38.77 8.88 34.42
C HIS A 890 40.01 9.56 33.91
N GLY A 891 41.17 8.96 34.00
CA GLY A 891 42.39 9.65 33.63
C GLY A 891 42.32 10.23 32.22
N MET A 892 42.73 11.50 32.11
CA MET A 892 42.76 12.20 30.83
C MET A 892 43.74 13.36 30.91
N THR A 893 44.18 13.84 29.76
CA THR A 893 45.15 14.92 29.68
C THR A 893 44.55 16.04 28.85
N PRO A 894 44.98 17.29 29.12
CA PRO A 894 44.57 18.42 28.27
C PRO A 894 44.75 18.11 26.80
N LEU A 895 45.80 17.36 26.44
CA LEU A 895 46.12 17.10 25.04
C LEU A 895 44.91 16.40 24.41
N HIS A 896 44.33 15.48 25.18
CA HIS A 896 43.11 14.78 24.79
C HIS A 896 41.89 15.68 24.76
N LEU A 897 41.56 16.30 25.89
CA LEU A 897 40.36 17.14 26.00
C LEU A 897 40.30 18.24 24.95
N ALA A 898 41.47 18.64 24.44
CA ALA A 898 41.53 19.55 23.31
C ALA A 898 40.98 18.84 22.07
N ALA A 899 41.39 17.58 21.87
CA ALA A 899 40.96 16.77 20.73
C ALA A 899 39.49 16.31 20.79
N LYS A 900 39.02 15.94 21.97
CA LYS A 900 37.65 15.52 22.17
C LYS A 900 36.70 16.56 21.61
N ASN A 901 36.72 17.77 22.18
CA ASN A 901 35.79 18.82 21.74
C ASN A 901 36.30 19.78 20.68
N GLY A 902 37.33 19.39 19.93
CA GLY A 902 37.71 20.16 18.76
C GLY A 902 38.32 21.52 19.01
N HIS A 903 39.63 21.58 19.23
CA HIS A 903 40.34 22.84 19.37
C HIS A 903 41.68 22.72 18.68
N ASP A 904 41.70 23.11 17.41
CA ASP A 904 42.92 23.11 16.60
C ASP A 904 43.94 24.09 17.18
N LYS A 905 43.45 25.27 17.58
CA LYS A 905 44.32 26.35 18.07
C LYS A 905 45.15 25.91 19.28
N VAL A 906 44.45 25.41 20.29
CA VAL A 906 45.07 25.07 21.56
C VAL A 906 45.93 23.83 21.44
N VAL A 907 45.46 22.83 20.70
CA VAL A 907 46.24 21.61 20.56
C VAL A 907 47.51 21.88 19.74
N GLN A 908 47.43 22.81 18.79
CA GLN A 908 48.62 23.33 18.12
C GLN A 908 49.58 24.00 19.08
N LEU A 909 49.11 24.97 19.85
CA LEU A 909 49.98 25.70 20.79
C LEU A 909 50.66 24.74 21.77
N LEU A 910 49.87 23.79 22.22
CA LEU A 910 50.30 22.80 23.20
C LEU A 910 51.30 21.83 22.60
N LEU A 911 51.21 21.60 21.28
CA LEU A 911 52.30 20.93 20.59
C LEU A 911 53.46 21.83 20.18
N LYS A 912 53.32 23.15 20.29
CA LYS A 912 54.48 24.01 20.10
C LYS A 912 55.34 23.92 21.34
N LYS A 913 54.70 24.01 22.50
CA LYS A 913 55.40 23.63 23.72
C LYS A 913 55.65 22.12 23.68
N GLY A 914 54.72 21.38 23.10
CA GLY A 914 54.86 19.94 22.94
C GLY A 914 54.63 19.20 24.23
N ALA A 915 54.67 17.87 24.14
CA ALA A 915 54.80 16.97 25.28
C ALA A 915 53.46 16.82 25.99
N LEU A 916 53.19 15.66 26.60
CA LEU A 916 53.95 14.42 26.43
C LEU A 916 53.95 13.90 24.99
N PHE A 917 52.86 14.21 24.28
CA PHE A 917 52.54 13.76 22.91
C PHE A 917 51.84 12.40 22.85
N LEU A 918 51.71 11.76 24.01
CA LEU A 918 50.75 10.67 24.18
C LEU A 918 50.65 10.22 25.64
N SER A 919 49.43 9.83 26.00
CA SER A 919 49.13 9.16 27.27
C SER A 919 47.69 8.69 27.15
N ASP A 920 47.32 7.70 27.94
CA ASP A 920 46.04 7.03 27.73
C ASP A 920 45.62 6.13 28.91
N HIS A 921 44.51 6.54 29.54
CA HIS A 921 43.87 5.80 30.61
C HIS A 921 42.97 4.61 30.28
N ASN A 922 42.13 4.72 29.25
CA ASN A 922 41.58 3.51 28.69
C ASN A 922 42.24 3.25 27.32
N GLY A 923 43.36 3.90 27.09
CA GLY A 923 44.26 3.43 26.07
C GLY A 923 43.95 4.08 24.73
N TRP A 924 42.96 4.95 24.72
CA TRP A 924 42.40 5.46 23.47
C TRP A 924 43.42 6.29 22.73
N THR A 925 44.23 7.02 23.50
CA THR A 925 45.09 8.10 23.04
C THR A 925 44.16 9.29 22.68
N ALA A 926 44.74 10.35 22.13
CA ALA A 926 43.99 11.55 21.75
C ALA A 926 43.37 11.47 20.37
N LEU A 927 44.12 10.95 19.40
CA LEU A 927 43.70 10.95 18.01
C LEU A 927 42.46 10.09 17.75
N HIS A 928 42.20 9.14 18.63
CA HIS A 928 40.93 8.41 18.63
C HIS A 928 39.76 9.31 19.04
N HIS A 929 39.98 10.11 20.07
CA HIS A 929 39.05 11.16 20.50
C HIS A 929 38.84 12.25 19.45
N ALA A 930 39.86 12.47 18.63
CA ALA A 930 39.74 13.28 17.42
C ALA A 930 38.88 12.58 16.37
N SER A 931 39.15 11.30 16.11
CA SER A 931 38.43 10.52 15.10
C SER A 931 37.08 10.05 15.62
N MET A 932 36.73 10.53 16.81
CA MET A 932 35.48 10.17 17.47
C MET A 932 34.40 10.97 16.76
N GLY A 933 34.52 12.29 16.81
CA GLY A 933 33.68 13.16 16.01
C GLY A 933 34.36 13.39 14.69
N GLY A 934 33.69 14.15 13.82
CA GLY A 934 34.21 14.46 12.49
C GLY A 934 35.00 15.75 12.38
N TYR A 935 36.01 15.89 13.22
CA TYR A 935 36.85 17.09 13.20
C TYR A 935 37.89 16.93 12.11
N THR A 936 38.50 18.04 11.68
CA THR A 936 39.54 17.92 10.67
C THR A 936 40.89 18.60 10.89
N GLN A 937 40.87 19.87 11.25
CA GLN A 937 42.10 20.63 11.38
C GLN A 937 42.99 20.08 12.49
N THR A 938 42.35 19.71 13.59
CA THR A 938 43.01 19.03 14.69
C THR A 938 43.70 17.83 14.12
N MET A 939 42.89 16.95 13.53
CA MET A 939 43.35 15.67 12.99
C MET A 939 44.39 15.85 11.90
N LYS A 940 44.37 16.99 11.23
CA LYS A 940 45.49 17.38 10.39
C LYS A 940 46.79 17.55 11.18
N VAL A 941 46.85 18.63 11.97
CA VAL A 941 48.13 19.06 12.55
C VAL A 941 48.68 18.08 13.60
N ILE A 942 47.78 17.52 14.41
CA ILE A 942 48.14 16.53 15.41
C ILE A 942 48.89 15.37 14.79
N LEU A 943 48.36 14.88 13.69
CA LEU A 943 48.95 13.75 13.01
C LEU A 943 50.26 14.21 12.40
N ASP A 944 50.26 15.41 11.82
CA ASP A 944 51.43 15.88 11.07
C ASP A 944 52.65 16.12 11.96
N THR A 945 52.44 16.31 13.26
CA THR A 945 53.60 16.40 14.17
C THR A 945 54.51 15.16 14.23
N ASN A 946 53.91 13.97 14.35
CA ASN A 946 54.64 12.72 14.19
C ASN A 946 53.77 11.68 13.46
N LEU A 947 54.36 10.92 12.54
CA LEU A 947 53.69 9.70 12.07
C LEU A 947 54.11 8.40 12.77
N LYS A 948 55.03 8.47 13.74
CA LYS A 948 55.37 7.32 14.58
C LYS A 948 54.42 7.10 15.77
N CYS A 949 54.06 8.21 16.42
CA CYS A 949 53.08 8.25 17.51
C CYS A 949 51.64 8.34 17.01
N THR A 950 51.25 7.47 16.08
CA THR A 950 49.91 7.55 15.50
C THR A 950 48.98 6.33 15.58
N ASP A 951 49.49 5.12 15.70
CA ASP A 951 48.52 4.03 15.75
C ASP A 951 48.68 3.13 16.95
N ARG A 952 47.61 2.95 17.71
CA ARG A 952 47.68 2.11 18.88
C ARG A 952 46.47 1.21 19.00
N LEU A 953 46.70 -0.07 19.22
CA LEU A 953 45.72 -1.13 18.99
C LEU A 953 44.91 -1.64 20.19
N ASP A 954 44.98 -0.93 21.32
CA ASP A 954 44.41 -1.44 22.57
C ASP A 954 43.30 -0.56 23.20
N GLU A 955 42.56 -1.07 24.20
CA GLU A 955 42.70 -2.41 24.80
C GLU A 955 42.19 -3.57 23.93
N ASP A 956 41.05 -3.36 23.27
CA ASP A 956 40.41 -4.40 22.47
C ASP A 956 40.42 -3.86 21.06
N GLY A 957 41.00 -4.61 20.12
CA GLY A 957 41.85 -3.96 19.15
C GLY A 957 41.05 -2.97 18.35
N ASN A 958 41.62 -1.78 18.21
CA ASN A 958 41.00 -0.70 17.46
C ASN A 958 42.10 0.27 17.10
N THR A 959 41.86 1.06 16.06
CA THR A 959 42.75 2.17 15.73
C THR A 959 41.92 3.32 15.18
N ALA A 960 42.56 4.48 15.03
CA ALA A 960 41.90 5.72 14.70
C ALA A 960 40.93 5.53 13.55
N LEU A 961 41.34 4.73 12.58
CA LEU A 961 40.49 4.43 11.43
C LEU A 961 39.24 3.71 11.89
N HIS A 962 39.36 2.85 12.89
CA HIS A 962 38.23 2.02 13.30
C HIS A 962 37.15 2.88 13.96
N PHE A 963 37.55 3.82 14.81
CA PHE A 963 36.53 4.71 15.39
C PHE A 963 36.01 5.63 14.30
N ALA A 964 36.92 6.25 13.57
CA ALA A 964 36.59 7.24 12.53
C ALA A 964 35.57 6.71 11.52
N ALA A 965 35.49 5.39 11.37
CA ALA A 965 34.39 4.78 10.65
C ALA A 965 33.41 4.23 11.66
N ARG A 966 32.94 5.12 12.53
CA ARG A 966 31.69 4.92 13.24
C ARG A 966 30.89 6.20 13.12
N GLU A 967 30.91 6.99 14.19
CA GLU A 967 30.15 8.23 14.26
C GLU A 967 30.68 9.22 13.22
N GLY A 968 32.00 9.27 13.11
CA GLY A 968 32.70 10.29 12.35
C GLY A 968 32.34 10.38 10.88
N HIS A 969 32.49 11.59 10.34
CA HIS A 969 32.28 11.85 8.93
C HIS A 969 33.42 11.29 8.09
N ALA A 970 33.23 11.34 6.78
CA ALA A 970 34.11 10.73 5.79
C ALA A 970 35.47 11.40 5.61
N LYS A 971 35.53 12.73 5.74
CA LYS A 971 36.76 13.47 5.46
C LYS A 971 37.89 12.93 6.31
N ALA A 972 37.60 12.64 7.58
CA ALA A 972 38.60 12.18 8.52
C ALA A 972 39.33 11.02 7.86
N VAL A 973 38.55 10.03 7.43
CA VAL A 973 39.08 8.84 6.77
C VAL A 973 39.86 9.21 5.51
N ALA A 974 39.33 10.15 4.73
CA ALA A 974 40.00 10.57 3.49
C ALA A 974 41.42 11.09 3.76
N LEU A 975 41.57 11.89 4.81
CA LEU A 975 42.90 12.35 5.22
C LEU A 975 43.76 11.26 5.85
N LEU A 976 43.17 10.30 6.57
CA LEU A 976 43.97 9.18 7.06
C LEU A 976 44.57 8.30 5.96
N LEU A 977 43.81 8.08 4.89
CA LEU A 977 44.38 7.42 3.72
C LEU A 977 45.38 8.33 3.04
N SER A 978 45.10 9.63 3.08
CA SER A 978 46.04 10.59 2.53
C SER A 978 47.31 10.67 3.34
N HIS A 979 47.36 10.03 4.51
CA HIS A 979 48.63 9.95 5.24
C HIS A 979 49.11 8.52 5.54
N ASN A 980 48.71 7.56 4.70
CA ASN A 980 49.10 6.15 4.85
C ASN A 980 48.85 5.53 6.22
N ALA A 981 47.66 5.73 6.77
CA ALA A 981 47.28 5.05 8.00
C ALA A 981 47.23 3.54 7.75
N ASP A 982 47.39 2.77 8.81
CA ASP A 982 47.32 1.30 8.75
C ASP A 982 45.96 0.92 8.19
N ILE A 983 45.95 0.04 7.19
CA ILE A 983 44.69 -0.60 6.80
C ILE A 983 44.46 -1.96 7.40
N VAL A 984 45.50 -2.77 7.50
CA VAL A 984 45.25 -4.19 7.68
C VAL A 984 44.87 -4.59 9.09
N LEU A 985 45.36 -3.89 10.11
CA LEU A 985 45.32 -4.49 11.45
C LEU A 985 43.89 -4.88 11.79
N ASN A 986 43.72 -6.09 12.27
CA ASN A 986 42.41 -6.64 12.56
C ASN A 986 42.33 -7.02 14.04
N LYS A 987 41.35 -6.47 14.75
CA LYS A 987 40.75 -6.97 16.01
C LYS A 987 39.52 -6.14 16.36
N GLN A 988 38.60 -6.71 17.15
CA GLN A 988 38.45 -8.17 17.21
C GLN A 988 37.82 -8.73 15.94
N GLN A 989 38.44 -9.78 15.40
CA GLN A 989 38.00 -10.50 14.19
C GLN A 989 37.50 -9.62 13.03
N ALA A 990 36.70 -8.60 13.34
CA ALA A 990 35.99 -7.81 12.36
C ALA A 990 36.73 -6.51 12.06
N SER A 991 36.92 -6.26 10.76
CA SER A 991 37.70 -5.12 10.28
C SER A 991 36.93 -3.83 10.49
N PHE A 992 37.60 -2.70 10.35
CA PHE A 992 36.95 -1.40 10.53
C PHE A 992 35.77 -1.28 9.59
N LEU A 993 35.90 -1.87 8.40
CA LEU A 993 34.88 -1.83 7.36
C LEU A 993 33.65 -2.60 7.82
N HIS A 994 33.87 -3.79 8.36
CA HIS A 994 32.87 -4.55 9.10
C HIS A 994 32.06 -3.61 9.98
N LEU A 995 32.77 -3.05 10.97
CA LEU A 995 32.16 -2.31 12.07
C LEU A 995 31.43 -1.07 11.54
N ALA A 996 31.93 -0.54 10.44
CA ALA A 996 31.27 0.53 9.71
C ALA A 996 29.90 0.06 9.24
N LEU A 997 29.88 -1.00 8.45
CA LEU A 997 28.62 -1.41 7.81
C LEU A 997 27.59 -1.90 8.83
N HIS A 998 28.06 -2.54 9.90
CA HIS A 998 27.14 -2.98 10.95
C HIS A 998 26.53 -1.81 11.71
N ASN A 999 27.10 -0.63 11.52
CA ASN A 999 26.45 0.62 11.91
C ASN A 999 25.65 1.28 10.78
N LYS A 1000 25.66 0.66 9.60
CA LYS A 1000 24.89 1.13 8.44
C LYS A 1000 25.23 2.54 7.99
N ARG A 1001 26.51 2.86 7.84
CA ARG A 1001 26.84 4.20 7.35
C ARG A 1001 27.16 4.15 5.86
N LYS A 1002 26.33 4.85 5.08
CA LYS A 1002 26.54 5.02 3.65
C LYS A 1002 27.86 5.74 3.38
N GLU A 1003 28.08 6.85 4.06
CA GLU A 1003 28.82 7.97 3.45
C GLU A 1003 30.31 7.62 3.38
N VAL A 1004 30.84 7.11 4.47
CA VAL A 1004 32.23 6.69 4.54
C VAL A 1004 32.49 5.58 3.51
N VAL A 1005 31.65 4.54 3.51
CA VAL A 1005 31.97 3.34 2.74
C VAL A 1005 31.71 3.64 1.26
N LEU A 1006 31.12 4.80 1.01
CA LEU A 1006 31.14 5.41 -0.32
C LEU A 1006 32.39 6.25 -0.63
N THR A 1007 32.93 7.01 0.33
CA THR A 1007 34.16 7.77 0.05
C THR A 1007 35.43 6.91 -0.06
N ILE A 1008 35.46 5.80 0.68
CA ILE A 1008 36.60 4.91 0.71
C ILE A 1008 36.85 4.24 -0.64
N ILE A 1009 35.78 3.78 -1.26
CA ILE A 1009 35.88 2.96 -2.46
C ILE A 1009 36.45 3.67 -3.69
N ARG A 1010 36.24 4.97 -3.83
CA ARG A 1010 36.86 5.68 -4.95
C ARG A 1010 38.38 5.72 -4.80
N SER A 1011 38.84 6.06 -3.60
CA SER A 1011 40.26 6.23 -3.38
C SER A 1011 40.74 5.94 -1.97
N LYS A 1012 41.92 5.32 -1.89
CA LYS A 1012 42.53 4.67 -3.05
C LYS A 1012 42.93 3.24 -2.79
N ARG A 1013 43.55 3.08 -1.63
CA ARG A 1013 44.52 2.04 -1.36
C ARG A 1013 43.95 0.62 -1.25
N TRP A 1014 42.64 0.51 -1.08
CA TRP A 1014 41.96 -0.65 -1.63
C TRP A 1014 40.60 -0.33 -2.20
N ASP A 1015 40.19 -1.15 -3.16
CA ASP A 1015 38.82 -1.17 -3.60
C ASP A 1015 37.96 -1.79 -2.52
N GLU A 1016 38.15 -3.10 -2.35
CA GLU A 1016 37.56 -3.86 -1.26
C GLU A 1016 38.57 -4.87 -0.71
N CYS A 1017 39.14 -4.61 0.47
CA CYS A 1017 40.30 -5.37 0.93
C CYS A 1017 40.01 -6.82 1.31
N LEU A 1018 41.10 -7.50 1.68
CA LEU A 1018 41.22 -8.96 1.70
C LEU A 1018 40.42 -9.73 2.76
N LYS A 1019 40.23 -9.15 3.93
CA LYS A 1019 40.51 -9.84 5.19
C LYS A 1019 39.28 -10.21 6.02
N ILE A 1020 39.34 -11.44 6.54
CA ILE A 1020 38.25 -12.40 6.48
C ILE A 1020 38.36 -13.38 7.64
N PHE A 1021 37.37 -14.28 7.72
CA PHE A 1021 37.20 -15.25 8.80
C PHE A 1021 36.69 -14.66 10.11
N SER A 1022 36.50 -15.51 11.13
CA SER A 1022 35.52 -16.61 11.20
C SER A 1022 35.32 -17.03 12.65
N HIS A 1023 34.15 -17.59 12.99
CA HIS A 1023 32.95 -17.64 12.14
C HIS A 1023 32.29 -16.28 11.92
N ASN A 1024 32.19 -15.49 12.98
CA ASN A 1024 31.50 -14.22 12.90
C ASN A 1024 32.47 -13.05 13.09
N SER A 1025 32.44 -12.12 12.13
CA SER A 1025 31.41 -12.12 11.11
C SER A 1025 32.01 -12.28 9.71
N PRO A 1026 31.36 -13.09 8.85
CA PRO A 1026 31.91 -13.56 7.57
C PRO A 1026 32.25 -12.37 6.69
N GLY A 1027 33.31 -12.46 5.91
CA GLY A 1027 33.69 -11.32 5.10
C GLY A 1027 33.89 -11.70 3.65
N ASN A 1028 33.83 -10.69 2.79
CA ASN A 1028 33.58 -9.32 3.24
C ASN A 1028 32.49 -8.58 2.48
N LYS A 1029 32.39 -8.86 1.19
CA LYS A 1029 31.38 -8.26 0.34
C LYS A 1029 29.96 -8.76 0.68
N CYS A 1030 29.81 -10.06 0.96
CA CYS A 1030 28.45 -10.56 1.11
C CYS A 1030 27.71 -9.81 2.25
N PRO A 1031 28.41 -9.47 3.39
CA PRO A 1031 27.69 -8.60 4.34
C PRO A 1031 27.36 -7.21 3.81
N ILE A 1032 28.06 -6.75 2.77
CA ILE A 1032 27.73 -5.49 2.13
C ILE A 1032 26.34 -5.66 1.59
N THR A 1033 26.18 -6.77 0.89
CA THR A 1033 24.94 -7.05 0.18
C THR A 1033 23.75 -7.43 1.08
N GLU A 1034 24.01 -8.14 2.17
CA GLU A 1034 22.99 -8.33 3.21
C GLU A 1034 22.62 -7.07 4.01
N MET A 1035 23.58 -6.22 4.32
CA MET A 1035 23.34 -5.22 5.37
C MET A 1035 23.43 -3.74 5.02
N ILE A 1036 24.03 -3.38 3.88
CA ILE A 1036 23.63 -2.17 3.16
C ILE A 1036 23.58 -2.30 1.64
N GLU A 1037 22.38 -2.50 1.13
CA GLU A 1037 22.19 -2.78 -0.28
C GLU A 1037 22.54 -1.49 -1.03
N TYR A 1038 22.60 -1.58 -2.35
CA TYR A 1038 22.75 -0.45 -3.29
C TYR A 1038 24.13 0.21 -3.18
N LEU A 1039 24.87 -0.11 -2.12
CA LEU A 1039 26.26 0.31 -2.03
C LEU A 1039 27.02 -0.34 -3.20
N PRO A 1040 26.78 -1.67 -3.43
CA PRO A 1040 27.38 -2.21 -4.65
C PRO A 1040 26.98 -1.27 -5.76
N GLU A 1041 25.70 -1.04 -6.06
CA GLU A 1041 25.28 -0.30 -7.27
C GLU A 1041 26.34 0.71 -7.71
N CYS A 1042 26.76 1.55 -6.75
CA CYS A 1042 27.80 2.55 -6.99
C CYS A 1042 29.12 1.83 -7.26
N MET A 1043 29.47 0.84 -6.43
CA MET A 1043 30.73 0.11 -6.64
C MET A 1043 30.74 -0.53 -8.03
N LYS A 1044 29.53 -0.91 -8.46
CA LYS A 1044 29.25 -1.71 -9.64
C LYS A 1044 29.49 -0.89 -10.86
N VAL A 1045 28.76 0.22 -10.97
CA VAL A 1045 28.83 1.08 -12.15
C VAL A 1045 30.26 1.61 -12.31
N LEU A 1046 31.02 1.66 -11.22
CA LEU A 1046 32.43 2.02 -11.28
C LEU A 1046 33.19 0.92 -12.01
N LEU A 1047 32.55 -0.25 -12.14
CA LEU A 1047 33.09 -1.34 -12.94
C LEU A 1047 32.22 -1.74 -14.14
N ASP A 1048 32.93 -1.98 -15.23
CA ASP A 1048 32.49 -2.02 -16.63
C ASP A 1048 33.29 -0.96 -17.37
N PHE A 1049 32.92 -0.72 -18.62
CA PHE A 1049 33.61 0.29 -19.42
C PHE A 1049 32.65 1.25 -20.07
N CYS A 1050 31.78 0.70 -20.93
CA CYS A 1050 31.23 1.41 -22.08
C CYS A 1050 32.36 2.26 -22.66
N MET A 1051 33.47 1.59 -22.96
CA MET A 1051 34.75 2.21 -23.32
C MET A 1051 34.61 3.12 -24.53
N LEU A 1052 33.80 2.67 -25.48
CA LEU A 1052 33.47 3.42 -26.68
C LEU A 1052 32.03 3.89 -26.54
N HIS A 1053 31.73 5.08 -27.06
CA HIS A 1053 30.79 5.98 -26.42
C HIS A 1053 29.67 6.29 -27.42
N SER A 1054 28.43 6.08 -26.98
CA SER A 1054 27.33 5.66 -27.84
C SER A 1054 27.65 4.39 -28.63
N THR A 1055 27.49 4.46 -29.95
CA THR A 1055 27.15 3.30 -30.77
C THR A 1055 28.35 2.53 -31.33
N GLU A 1056 28.16 1.22 -31.50
CA GLU A 1056 29.21 0.28 -31.92
C GLU A 1056 30.30 0.13 -30.86
N ASP A 1057 29.90 -0.09 -29.61
CA ASP A 1057 30.89 -0.20 -28.51
C ASP A 1057 30.87 -1.57 -27.83
N LYS A 1058 32.04 -2.14 -27.65
CA LYS A 1058 32.23 -3.40 -26.97
C LYS A 1058 32.80 -3.16 -25.57
N SER A 1059 32.10 -3.48 -24.48
CA SER A 1059 32.56 -3.16 -23.14
C SER A 1059 32.83 -4.42 -22.32
N CYS A 1060 34.00 -4.50 -21.71
CA CYS A 1060 34.37 -5.63 -20.84
C CYS A 1060 33.66 -5.48 -19.50
N ARG A 1061 33.46 -6.60 -18.80
CA ARG A 1061 32.97 -6.58 -17.41
C ARG A 1061 33.79 -7.42 -16.45
N ASP A 1062 34.77 -6.76 -15.82
CA ASP A 1062 35.58 -7.33 -14.73
C ASP A 1062 34.72 -7.92 -13.62
N TYR A 1063 35.31 -8.79 -12.81
CA TYR A 1063 34.56 -9.34 -11.67
C TYR A 1063 35.26 -9.22 -10.32
N TYR A 1064 34.56 -8.57 -9.39
CA TYR A 1064 34.77 -8.72 -7.95
C TYR A 1064 34.23 -10.02 -7.38
N ILE A 1065 33.17 -10.53 -7.99
CA ILE A 1065 32.26 -11.48 -7.33
C ILE A 1065 32.92 -12.78 -6.87
N GLU A 1066 33.76 -13.37 -7.72
CA GLU A 1066 34.30 -14.69 -7.43
C GLU A 1066 35.20 -14.61 -6.20
N TYR A 1067 35.22 -15.67 -5.41
CA TYR A 1067 35.64 -15.55 -4.02
C TYR A 1067 37.16 -15.48 -3.72
N ASN A 1068 38.05 -16.10 -4.51
CA ASN A 1068 37.76 -17.18 -5.45
C ASN A 1068 38.50 -18.45 -5.03
N PHE A 1069 37.74 -19.55 -4.87
CA PHE A 1069 38.29 -20.86 -4.53
C PHE A 1069 37.72 -21.85 -5.57
N LYS A 1070 38.08 -23.15 -5.64
CA LYS A 1070 38.63 -24.11 -4.64
C LYS A 1070 37.69 -24.33 -3.45
N TYR A 1071 38.25 -24.62 -2.27
CA TYR A 1071 37.48 -24.82 -1.04
C TYR A 1071 36.35 -25.83 -1.21
N LEU A 1072 36.69 -27.03 -1.67
CA LEU A 1072 35.73 -28.11 -1.76
C LEU A 1072 36.24 -29.33 -0.99
N TYR A 1089 33.37 -22.62 -1.73
CA TYR A 1089 32.99 -22.35 -0.34
C TYR A 1089 31.62 -21.66 -0.29
N GLU A 1090 30.57 -22.48 -0.25
CA GLU A 1090 29.20 -22.05 -0.50
C GLU A 1090 29.18 -21.45 -1.90
N PRO A 1091 29.82 -22.15 -2.84
CA PRO A 1091 30.46 -21.67 -4.07
C PRO A 1091 29.47 -20.99 -5.01
N LEU A 1092 29.92 -20.04 -5.81
CA LEU A 1092 29.18 -18.84 -6.28
C LEU A 1092 28.85 -17.80 -5.20
N THR A 1093 28.48 -18.25 -4.01
CA THR A 1093 28.58 -17.47 -2.79
C THR A 1093 27.83 -16.12 -2.86
N ALA A 1094 28.51 -15.05 -3.25
CA ALA A 1094 28.00 -13.71 -3.06
C ALA A 1094 26.66 -13.47 -3.74
N LEU A 1095 26.54 -13.94 -4.99
CA LEU A 1095 25.28 -13.89 -5.72
C LEU A 1095 24.17 -14.58 -4.93
N ASN A 1096 24.48 -15.79 -4.50
CA ASN A 1096 23.61 -16.56 -3.63
C ASN A 1096 23.22 -15.75 -2.41
N ALA A 1097 24.19 -15.08 -1.79
CA ALA A 1097 23.89 -14.24 -0.63
C ALA A 1097 23.06 -13.01 -1.00
N MET A 1098 23.01 -12.69 -2.29
CA MET A 1098 22.03 -11.71 -2.76
C MET A 1098 20.64 -12.28 -2.74
N VAL A 1099 20.47 -13.47 -3.31
CA VAL A 1099 19.15 -14.10 -3.30
C VAL A 1099 18.73 -14.32 -1.84
N GLN A 1100 19.68 -14.68 -0.99
CA GLN A 1100 19.41 -14.98 0.42
C GLN A 1100 20.42 -14.20 1.27
N ASN A 1101 20.15 -12.91 1.51
CA ASN A 1101 18.89 -12.25 1.18
C ASN A 1101 19.18 -10.80 0.83
N ASN A 1102 18.16 -10.05 0.43
CA ASN A 1102 17.10 -10.45 -0.49
C ASN A 1102 17.05 -9.54 -1.71
N ARG A 1103 18.04 -8.66 -1.80
CA ARG A 1103 17.84 -7.23 -2.00
C ARG A 1103 17.34 -6.76 -3.37
N ILE A 1104 17.83 -7.37 -4.45
CA ILE A 1104 17.20 -7.34 -5.78
C ILE A 1104 16.54 -5.99 -6.16
N GLU A 1105 17.29 -4.91 -6.02
CA GLU A 1105 17.57 -4.08 -7.18
C GLU A 1105 19.03 -3.72 -7.17
N LEU A 1106 19.86 -4.63 -6.65
CA LEU A 1106 21.17 -4.92 -7.20
C LEU A 1106 21.17 -6.07 -8.21
N LEU A 1107 20.57 -7.18 -7.82
CA LEU A 1107 20.62 -8.41 -8.62
C LEU A 1107 20.20 -8.16 -10.06
N ASN A 1108 19.19 -7.31 -10.22
CA ASN A 1108 18.60 -7.06 -11.52
C ASN A 1108 19.57 -6.18 -12.30
N HIS A 1109 20.52 -5.55 -11.60
CA HIS A 1109 21.46 -4.61 -12.23
C HIS A 1109 22.08 -5.21 -13.48
N PRO A 1110 21.89 -4.52 -14.61
CA PRO A 1110 22.22 -5.00 -15.96
C PRO A 1110 23.70 -5.28 -16.16
N VAL A 1111 24.54 -4.30 -15.86
CA VAL A 1111 25.95 -4.26 -16.29
C VAL A 1111 26.70 -5.55 -16.05
N CYS A 1112 26.32 -6.27 -15.00
CA CYS A 1112 27.16 -7.32 -14.46
C CYS A 1112 26.45 -8.66 -14.38
N LYS A 1113 25.60 -8.79 -13.36
CA LYS A 1113 25.15 -10.08 -12.85
C LYS A 1113 24.49 -10.85 -13.97
N GLU A 1114 23.64 -10.15 -14.71
CA GLU A 1114 22.86 -10.74 -15.79
C GLU A 1114 23.81 -11.38 -16.79
N TYR A 1115 24.87 -10.65 -17.14
CA TYR A 1115 25.86 -11.20 -18.05
C TYR A 1115 26.58 -12.40 -17.47
N LEU A 1116 27.04 -12.28 -16.24
CA LEU A 1116 27.78 -13.36 -15.58
C LEU A 1116 26.98 -14.64 -15.71
N LEU A 1117 25.75 -14.58 -15.23
CA LEU A 1117 24.85 -15.74 -15.20
C LEU A 1117 24.51 -16.21 -16.60
N MET A 1118 24.47 -15.29 -17.56
CA MET A 1118 24.28 -15.66 -18.96
C MET A 1118 25.41 -16.56 -19.48
N LYS A 1119 26.64 -16.13 -19.31
CA LYS A 1119 27.73 -16.87 -19.91
C LYS A 1119 28.07 -18.16 -19.14
N TRP A 1120 28.24 -18.06 -17.83
CA TRP A 1120 28.06 -19.18 -16.90
C TRP A 1120 26.98 -20.22 -17.32
N LEU A 1121 25.79 -19.71 -17.66
CA LEU A 1121 24.80 -20.47 -18.41
C LEU A 1121 25.19 -20.93 -19.82
N ALA A 1122 26.27 -20.44 -20.43
CA ALA A 1122 26.73 -21.24 -21.58
C ALA A 1122 27.18 -22.69 -21.28
N TYR A 1123 28.15 -22.92 -20.38
CA TYR A 1123 28.49 -24.32 -20.10
C TYR A 1123 27.22 -24.91 -19.47
N GLY A 1124 26.51 -24.08 -18.67
CA GLY A 1124 25.43 -24.60 -17.83
C GLY A 1124 24.42 -25.19 -18.78
N PHE A 1125 24.37 -24.57 -19.96
CA PHE A 1125 23.44 -24.94 -21.01
C PHE A 1125 23.91 -26.32 -21.36
N ARG A 1126 25.20 -26.39 -21.73
CA ARG A 1126 25.78 -27.61 -22.28
C ARG A 1126 25.59 -28.85 -21.39
N ALA A 1127 25.65 -28.70 -20.07
CA ALA A 1127 25.32 -29.81 -19.17
C ALA A 1127 23.81 -30.05 -19.09
N HIS A 1128 23.06 -28.95 -19.05
CA HIS A 1128 21.62 -29.02 -18.73
C HIS A 1128 20.99 -29.83 -19.83
N MET A 1129 21.20 -29.37 -21.06
CA MET A 1129 20.59 -29.93 -22.25
C MET A 1129 20.96 -31.40 -22.25
N MET A 1130 22.18 -31.72 -21.81
CA MET A 1130 22.67 -33.09 -21.85
C MET A 1130 21.78 -33.96 -20.97
N ASN A 1131 21.46 -33.46 -19.78
CA ASN A 1131 20.48 -34.17 -18.95
C ASN A 1131 19.14 -34.27 -19.67
N LEU A 1132 18.70 -33.20 -20.33
CA LEU A 1132 17.40 -33.20 -21.01
C LEU A 1132 17.41 -34.34 -22.03
N GLY A 1133 18.55 -34.47 -22.70
CA GLY A 1133 18.77 -35.28 -23.89
C GLY A 1133 18.66 -36.73 -23.48
N SER A 1134 19.33 -37.07 -22.38
CA SER A 1134 19.18 -38.39 -21.78
C SER A 1134 17.70 -38.70 -21.52
N TYR A 1135 16.94 -37.66 -21.18
CA TYR A 1135 15.50 -37.80 -21.05
C TYR A 1135 14.77 -37.66 -22.40
N CYS A 1136 15.45 -37.11 -23.39
CA CYS A 1136 14.82 -36.65 -24.63
C CYS A 1136 14.70 -37.85 -25.57
N LEU A 1137 15.81 -38.59 -25.66
CA LEU A 1137 15.93 -39.81 -26.45
C LEU A 1137 15.06 -40.90 -25.87
N GLY A 1138 14.44 -40.58 -24.74
CA GLY A 1138 13.32 -41.33 -24.20
C GLY A 1138 12.00 -40.75 -24.72
N LEU A 1139 11.86 -39.43 -24.70
CA LEU A 1139 10.59 -38.78 -25.03
C LEU A 1139 10.13 -38.90 -26.47
N ILE A 1140 11.04 -38.74 -27.42
CA ILE A 1140 10.64 -38.78 -28.82
C ILE A 1140 10.24 -40.21 -29.28
N PRO A 1141 10.98 -41.25 -28.83
CA PRO A 1141 10.50 -42.64 -28.93
C PRO A 1141 9.00 -42.88 -28.67
N MET A 1142 8.45 -42.42 -27.56
CA MET A 1142 7.08 -42.78 -27.17
C MET A 1142 6.16 -42.30 -28.27
N THR A 1143 6.37 -41.05 -28.63
CA THR A 1143 5.61 -40.38 -29.66
C THR A 1143 5.70 -41.20 -30.94
N ILE A 1144 6.92 -41.57 -31.36
CA ILE A 1144 7.07 -42.29 -32.62
C ILE A 1144 6.35 -43.65 -32.60
N LEU A 1145 6.49 -44.40 -31.51
CA LEU A 1145 5.85 -45.72 -31.45
C LEU A 1145 4.34 -45.64 -31.48
N VAL A 1146 3.77 -44.73 -30.71
CA VAL A 1146 2.32 -44.73 -30.59
C VAL A 1146 1.64 -43.97 -31.74
N VAL A 1147 2.36 -43.02 -32.35
CA VAL A 1147 1.85 -42.39 -33.55
C VAL A 1147 1.98 -43.27 -34.79
N ASN A 1148 3.02 -44.10 -34.86
CA ASN A 1148 3.27 -44.82 -36.10
C ASN A 1148 2.60 -46.18 -36.31
N ILE A 1149 2.71 -47.08 -35.34
CA ILE A 1149 1.68 -48.09 -35.15
C ILE A 1149 1.72 -48.80 -33.79
N LYS A 1150 0.63 -49.47 -33.44
CA LYS A 1150 -0.74 -49.00 -33.69
C LYS A 1150 -1.60 -49.30 -32.47
N PRO A 1151 -2.78 -48.68 -32.35
CA PRO A 1151 -3.56 -49.10 -31.19
C PRO A 1151 -4.44 -50.29 -31.52
N GLY A 1152 -4.23 -51.40 -30.82
CA GLY A 1152 -5.08 -52.55 -31.01
C GLY A 1152 -4.24 -53.80 -31.16
N MET A 1153 -3.29 -53.71 -32.09
CA MET A 1153 -2.52 -54.87 -32.54
C MET A 1153 -1.67 -55.41 -31.40
N ALA A 1154 -1.67 -56.73 -31.26
CA ALA A 1154 -1.08 -57.39 -30.10
C ALA A 1154 0.42 -57.13 -30.07
N PHE A 1155 1.01 -57.04 -31.26
CA PHE A 1155 2.08 -56.09 -31.56
C PHE A 1155 2.59 -56.22 -33.01
N ASN A 1156 1.75 -55.86 -33.98
CA ASN A 1156 1.89 -56.19 -35.41
C ASN A 1156 3.05 -57.11 -35.77
N THR A 1173 3.73 -55.38 -43.47
CA THR A 1173 4.19 -54.84 -42.20
C THR A 1173 5.63 -54.38 -42.29
N THR A 1174 5.83 -53.40 -43.18
CA THR A 1174 7.19 -52.86 -43.31
C THR A 1174 7.37 -51.77 -42.21
N ASN A 1175 8.37 -50.88 -42.39
CA ASN A 1175 8.85 -49.81 -41.45
C ASN A 1175 9.38 -50.54 -40.27
N SER A 1176 9.66 -51.83 -40.37
CA SER A 1176 10.07 -52.67 -39.29
C SER A 1176 11.31 -52.16 -38.56
N TYR A 1177 12.24 -51.58 -39.31
CA TYR A 1177 13.41 -50.96 -38.67
C TYR A 1177 13.15 -49.71 -37.82
N LEU A 1178 12.32 -48.80 -38.30
CA LEU A 1178 11.96 -47.65 -37.45
C LEU A 1178 11.63 -48.13 -36.03
N ILE A 1179 10.76 -49.14 -36.01
CA ILE A 1179 10.29 -49.72 -34.77
C ILE A 1179 11.33 -50.52 -34.00
N LYS A 1180 12.17 -51.29 -34.68
CA LYS A 1180 13.14 -52.08 -33.94
C LYS A 1180 14.09 -51.13 -33.22
N THR A 1181 14.63 -50.20 -34.01
CA THR A 1181 15.60 -49.24 -33.49
C THR A 1181 15.06 -48.50 -32.30
N CYS A 1182 13.88 -47.91 -32.49
CA CYS A 1182 13.32 -47.11 -31.41
C CYS A 1182 13.05 -47.98 -30.20
N MET A 1183 12.57 -49.20 -30.42
CA MET A 1183 12.25 -50.09 -29.31
C MET A 1183 13.44 -50.43 -28.41
N ILE A 1184 14.53 -50.87 -29.04
CA ILE A 1184 15.68 -51.29 -28.26
C ILE A 1184 16.24 -50.04 -27.57
N LEU A 1185 16.23 -48.94 -28.31
CA LEU A 1185 16.69 -47.66 -27.76
C LEU A 1185 15.93 -47.31 -26.49
N VAL A 1186 14.62 -47.56 -26.49
CA VAL A 1186 13.79 -47.32 -25.31
C VAL A 1186 14.14 -48.25 -24.16
N PHE A 1187 14.33 -49.52 -24.47
CA PHE A 1187 14.59 -50.52 -23.43
C PHE A 1187 15.85 -50.11 -22.68
N LEU A 1188 16.85 -49.67 -23.45
CA LEU A 1188 18.11 -49.22 -22.86
C LEU A 1188 17.96 -47.86 -22.16
N SER A 1189 17.13 -46.99 -22.72
CA SER A 1189 16.82 -45.66 -22.18
C SER A 1189 16.11 -45.71 -20.82
N SER A 1190 15.44 -46.83 -20.57
CA SER A 1190 14.81 -47.13 -19.29
C SER A 1190 15.70 -47.31 -18.06
N ILE A 1191 16.69 -48.18 -18.13
CA ILE A 1191 17.41 -48.56 -16.92
C ILE A 1191 18.39 -47.50 -16.37
N PHE A 1192 18.74 -46.50 -17.18
CA PHE A 1192 19.89 -45.63 -16.90
C PHE A 1192 19.97 -45.03 -15.50
N GLY A 1193 18.85 -44.53 -14.98
CA GLY A 1193 18.87 -43.91 -13.67
C GLY A 1193 18.76 -44.98 -12.60
N TYR A 1194 17.85 -45.91 -12.90
CA TYR A 1194 17.56 -47.05 -12.07
C TYR A 1194 18.45 -48.23 -12.43
N ILE A 1212 5.79 -36.51 -5.23
CA ILE A 1212 6.81 -35.65 -5.82
C ILE A 1212 7.50 -36.34 -7.00
N SER A 1213 8.66 -35.82 -7.39
CA SER A 1213 9.36 -36.27 -8.60
C SER A 1213 9.94 -37.68 -8.59
N ASN A 1214 10.24 -38.23 -7.42
CA ASN A 1214 10.93 -39.52 -7.36
C ASN A 1214 10.04 -40.75 -7.49
N VAL A 1215 8.81 -40.67 -7.00
CA VAL A 1215 7.83 -41.73 -7.23
C VAL A 1215 7.41 -41.70 -8.70
N LEU A 1216 7.55 -40.52 -9.32
CA LEU A 1216 7.35 -40.38 -10.75
C LEU A 1216 8.49 -41.06 -11.50
N GLU A 1217 9.71 -40.87 -11.01
CA GLU A 1217 10.88 -41.56 -11.55
C GLU A 1217 10.80 -43.08 -11.36
N TRP A 1218 10.12 -43.52 -10.33
CA TRP A 1218 9.88 -44.94 -10.12
C TRP A 1218 8.87 -45.51 -11.11
N ILE A 1219 7.67 -44.92 -11.06
CA ILE A 1219 6.55 -45.42 -11.85
C ILE A 1219 6.89 -45.39 -13.32
N ILE A 1220 7.50 -44.29 -13.79
CA ILE A 1220 7.69 -44.19 -15.22
C ILE A 1220 8.56 -45.34 -15.72
N TYR A 1221 9.65 -45.65 -15.02
CA TYR A 1221 10.56 -46.65 -15.55
C TYR A 1221 9.90 -48.02 -15.54
N THR A 1222 9.26 -48.36 -14.41
CA THR A 1222 8.64 -49.69 -14.37
C THR A 1222 7.55 -49.90 -15.43
N THR A 1223 6.74 -48.87 -15.65
CA THR A 1223 5.73 -48.98 -16.68
C THR A 1223 6.36 -49.03 -18.08
N GLY A 1224 7.51 -48.36 -18.26
CA GLY A 1224 8.21 -48.43 -19.54
C GLY A 1224 8.64 -49.87 -19.81
N ILE A 1225 9.13 -50.50 -18.74
CA ILE A 1225 9.58 -51.89 -18.82
C ILE A 1225 8.45 -52.84 -19.18
N ILE A 1226 7.29 -52.68 -18.55
CA ILE A 1226 6.19 -53.59 -18.88
C ILE A 1226 5.89 -53.29 -20.35
N PHE A 1227 5.97 -52.02 -20.71
CA PHE A 1227 5.61 -51.57 -22.05
C PHE A 1227 6.34 -52.36 -23.10
N VAL A 1228 7.64 -52.57 -22.89
CA VAL A 1228 8.39 -53.32 -23.90
C VAL A 1228 8.92 -54.75 -23.56
N LEU A 1229 8.45 -55.39 -22.49
CA LEU A 1229 8.95 -56.75 -22.24
C LEU A 1229 8.68 -57.80 -23.35
N PRO A 1230 7.42 -57.91 -23.86
CA PRO A 1230 7.04 -59.00 -24.79
C PRO A 1230 7.97 -59.33 -25.96
N LEU A 1231 8.96 -58.50 -26.29
CA LEU A 1231 10.05 -58.98 -27.13
C LEU A 1231 10.90 -60.04 -26.42
N PHE A 1232 11.11 -59.90 -25.11
CA PHE A 1232 11.78 -60.94 -24.33
C PHE A 1232 10.94 -61.93 -23.51
N VAL A 1233 9.62 -61.97 -23.70
CA VAL A 1233 8.79 -63.07 -23.16
C VAL A 1233 7.52 -63.11 -24.03
N GLU A 1234 6.58 -64.00 -23.71
CA GLU A 1234 5.22 -63.95 -24.20
C GLU A 1234 4.30 -63.42 -23.09
N ILE A 1235 3.57 -62.35 -23.36
CA ILE A 1235 2.70 -61.75 -22.36
C ILE A 1235 1.56 -60.99 -23.02
N PRO A 1236 0.46 -60.74 -22.28
CA PRO A 1236 -0.91 -61.04 -22.70
C PRO A 1236 -1.25 -60.33 -24.00
N ALA A 1237 -0.52 -59.24 -24.25
CA ALA A 1237 -0.71 -58.27 -25.34
C ALA A 1237 -1.63 -57.10 -24.99
N HIS A 1238 -2.88 -57.36 -24.64
CA HIS A 1238 -3.67 -56.22 -24.23
C HIS A 1238 -3.11 -55.60 -22.94
N LEU A 1239 -2.80 -56.40 -21.94
CA LEU A 1239 -2.28 -55.83 -20.69
C LEU A 1239 -1.14 -54.85 -20.96
N GLN A 1240 -0.18 -55.32 -21.75
CA GLN A 1240 1.03 -54.58 -22.06
C GLN A 1240 0.65 -53.28 -22.73
N TRP A 1241 -0.24 -53.39 -23.70
CA TRP A 1241 -0.73 -52.21 -24.40
C TRP A 1241 -1.40 -51.30 -23.40
N GLN A 1242 -2.12 -51.87 -22.44
CA GLN A 1242 -2.88 -51.05 -21.51
C GLN A 1242 -1.98 -50.18 -20.68
N CYS A 1243 -0.99 -50.78 -20.02
CA CYS A 1243 -0.14 -50.01 -19.12
C CYS A 1243 0.84 -49.13 -19.90
N GLY A 1244 0.97 -49.40 -21.19
CA GLY A 1244 1.52 -48.39 -22.07
C GLY A 1244 0.91 -46.99 -22.03
N ALA A 1245 -0.40 -46.91 -21.84
CA ALA A 1245 -1.09 -45.61 -21.81
C ALA A 1245 -0.55 -44.78 -20.64
N ILE A 1246 -0.54 -45.44 -19.48
CA ILE A 1246 -0.09 -44.82 -18.23
C ILE A 1246 1.33 -44.38 -18.45
N ALA A 1247 2.12 -45.26 -19.05
CA ALA A 1247 3.52 -44.96 -19.30
C ALA A 1247 3.66 -43.64 -20.06
N VAL A 1248 2.94 -43.50 -21.16
CA VAL A 1248 3.01 -42.26 -21.96
C VAL A 1248 2.64 -41.02 -21.14
N TYR A 1249 1.47 -41.10 -20.52
CA TYR A 1249 0.91 -39.94 -19.83
C TYR A 1249 1.82 -39.44 -18.71
N PHE A 1250 2.19 -40.35 -17.81
CA PHE A 1250 3.05 -39.98 -16.70
C PHE A 1250 4.37 -39.51 -17.23
N TYR A 1251 4.80 -40.14 -18.32
CA TYR A 1251 6.05 -39.83 -18.96
C TYR A 1251 6.09 -38.30 -19.16
N TRP A 1252 5.23 -37.83 -20.07
CA TRP A 1252 5.22 -36.42 -20.42
C TRP A 1252 4.97 -35.47 -19.24
N MET A 1253 4.00 -35.79 -18.40
CA MET A 1253 3.69 -34.83 -17.35
C MET A 1253 4.90 -34.69 -16.44
N ASN A 1254 5.63 -35.80 -16.29
CA ASN A 1254 6.87 -35.79 -15.53
C ASN A 1254 7.78 -34.81 -16.23
N PHE A 1255 7.84 -34.93 -17.55
CA PHE A 1255 8.77 -34.12 -18.35
C PHE A 1255 8.56 -32.61 -18.17
N LEU A 1256 7.33 -32.22 -17.87
CA LEU A 1256 7.08 -30.82 -17.49
C LEU A 1256 8.00 -30.30 -16.38
N LEU A 1257 8.15 -31.06 -15.31
CA LEU A 1257 9.07 -30.68 -14.22
C LEU A 1257 10.52 -30.50 -14.66
N TYR A 1258 10.97 -31.20 -15.69
CA TYR A 1258 12.28 -30.87 -16.24
C TYR A 1258 12.20 -29.55 -16.96
N LEU A 1259 11.08 -29.30 -17.63
CA LEU A 1259 10.88 -27.99 -18.26
C LEU A 1259 10.64 -26.88 -17.23
N GLN A 1260 10.53 -27.24 -15.96
CA GLN A 1260 10.36 -26.26 -14.89
C GLN A 1260 11.55 -25.32 -14.88
N ARG A 1261 12.72 -25.89 -15.12
CA ARG A 1261 13.95 -25.15 -15.28
C ARG A 1261 13.99 -24.44 -16.62
N PHE A 1262 14.94 -23.50 -16.71
CA PHE A 1262 15.05 -22.42 -17.71
C PHE A 1262 14.34 -21.13 -17.31
N GLU A 1263 14.35 -20.15 -18.23
CA GLU A 1263 13.75 -18.83 -17.97
C GLU A 1263 12.31 -18.64 -18.45
N ASN A 1264 11.99 -19.07 -19.67
CA ASN A 1264 10.70 -18.72 -20.28
C ASN A 1264 9.58 -19.42 -19.55
N CYS A 1265 9.71 -20.73 -19.40
CA CYS A 1265 8.78 -21.54 -18.63
C CYS A 1265 8.97 -21.27 -17.14
N GLY A 1266 10.22 -21.05 -16.73
CA GLY A 1266 10.69 -21.32 -15.38
C GLY A 1266 9.82 -20.79 -14.24
N ILE A 1267 8.95 -19.85 -14.55
CA ILE A 1267 8.08 -19.23 -13.56
C ILE A 1267 6.71 -19.88 -13.64
N PHE A 1268 6.34 -20.28 -14.84
CA PHE A 1268 5.01 -20.76 -15.14
C PHE A 1268 4.67 -21.97 -14.24
N ILE A 1269 5.58 -22.95 -14.28
CA ILE A 1269 5.31 -24.24 -13.65
C ILE A 1269 5.30 -24.19 -12.14
N VAL A 1270 6.17 -23.40 -11.52
CA VAL A 1270 6.18 -23.35 -10.05
C VAL A 1270 4.80 -22.85 -9.65
N MET A 1271 4.32 -21.85 -10.37
CA MET A 1271 2.97 -21.35 -10.23
C MET A 1271 1.96 -22.48 -10.29
N LEU A 1272 2.06 -23.33 -11.32
CA LEU A 1272 1.10 -24.44 -11.44
C LEU A 1272 1.19 -25.49 -10.32
N GLU A 1273 2.39 -25.82 -9.86
CA GLU A 1273 2.53 -26.81 -8.78
C GLU A 1273 1.95 -26.24 -7.48
N VAL A 1274 2.26 -24.98 -7.18
CA VAL A 1274 1.77 -24.37 -5.94
C VAL A 1274 0.26 -24.25 -5.98
N ILE A 1275 -0.30 -23.84 -7.12
CA ILE A 1275 -1.74 -23.69 -7.20
C ILE A 1275 -2.39 -25.06 -7.03
N LEU A 1276 -1.77 -26.09 -7.62
CA LEU A 1276 -2.35 -27.44 -7.49
C LEU A 1276 -2.33 -27.96 -6.03
N LYS A 1277 -1.24 -27.70 -5.30
CA LYS A 1277 -1.26 -28.10 -3.89
C LYS A 1277 -2.36 -27.33 -3.17
N THR A 1278 -2.55 -26.07 -3.54
CA THR A 1278 -3.62 -25.27 -2.95
C THR A 1278 -4.96 -25.93 -3.26
N LEU A 1279 -5.03 -26.55 -4.44
CA LEU A 1279 -6.21 -27.27 -4.88
C LEU A 1279 -6.52 -28.48 -4.02
N LEU A 1280 -5.51 -29.22 -3.59
CA LEU A 1280 -5.80 -30.46 -2.86
C LEU A 1280 -6.47 -30.41 -1.45
N ARG A 1281 -6.27 -29.34 -0.68
CA ARG A 1281 -7.05 -29.22 0.55
C ARG A 1281 -8.53 -29.12 0.18
N SER A 1282 -8.79 -28.28 -0.80
CA SER A 1282 -10.12 -28.14 -1.33
C SER A 1282 -10.61 -29.51 -1.78
N THR A 1283 -9.74 -30.32 -2.42
CA THR A 1283 -10.24 -31.58 -2.95
C THR A 1283 -10.62 -32.54 -1.86
N VAL A 1284 -9.95 -32.54 -0.71
CA VAL A 1284 -10.53 -33.38 0.35
C VAL A 1284 -11.91 -32.84 0.77
N VAL A 1285 -12.03 -31.53 1.01
CA VAL A 1285 -13.36 -31.14 1.48
C VAL A 1285 -14.54 -31.19 0.48
N PHE A 1286 -14.37 -30.90 -0.81
CA PHE A 1286 -15.38 -31.35 -1.78
C PHE A 1286 -15.26 -32.81 -2.20
N ILE A 1287 -14.38 -33.61 -1.60
CA ILE A 1287 -14.52 -35.04 -1.86
C ILE A 1287 -15.39 -35.60 -0.79
N PHE A 1288 -15.68 -34.80 0.23
CA PHE A 1288 -16.94 -35.08 0.91
C PHE A 1288 -18.18 -34.36 0.37
N LEU A 1289 -18.04 -33.10 -0.06
CA LEU A 1289 -19.22 -32.40 -0.60
C LEU A 1289 -19.74 -32.96 -1.94
N LEU A 1290 -18.85 -33.14 -2.90
CA LEU A 1290 -19.28 -33.57 -4.22
C LEU A 1290 -19.78 -35.00 -4.12
N LEU A 1291 -19.23 -35.72 -3.15
CA LEU A 1291 -19.68 -37.07 -2.88
C LEU A 1291 -21.12 -37.04 -2.39
N ALA A 1292 -21.42 -36.16 -1.45
CA ALA A 1292 -22.80 -35.97 -1.00
C ALA A 1292 -23.76 -35.70 -2.16
N PHE A 1293 -23.38 -34.79 -3.04
CA PHE A 1293 -24.26 -34.50 -4.17
C PHE A 1293 -24.45 -35.74 -5.04
N GLY A 1294 -23.35 -36.45 -5.22
CA GLY A 1294 -23.27 -37.62 -6.06
C GLY A 1294 -24.33 -38.58 -5.60
N LEU A 1295 -24.36 -38.85 -4.30
CA LEU A 1295 -25.33 -39.78 -3.74
C LEU A 1295 -26.76 -39.26 -3.81
N SER A 1296 -26.98 -37.96 -3.59
CA SER A 1296 -28.34 -37.45 -3.72
C SER A 1296 -28.93 -37.65 -5.12
N PHE A 1297 -28.13 -37.37 -6.14
CA PHE A 1297 -28.57 -37.62 -7.51
C PHE A 1297 -28.66 -39.11 -7.79
N TYR A 1298 -27.87 -39.89 -7.07
CA TYR A 1298 -27.98 -41.33 -7.14
C TYR A 1298 -29.40 -41.74 -6.78
N ILE A 1299 -29.89 -41.24 -5.65
CA ILE A 1299 -31.23 -41.65 -5.21
C ILE A 1299 -32.37 -41.08 -6.04
N LEU A 1300 -32.30 -39.81 -6.44
CA LEU A 1300 -33.45 -39.27 -7.17
C LEU A 1300 -33.70 -39.81 -8.57
N LEU A 1301 -32.67 -40.02 -9.38
CA LEU A 1301 -32.92 -40.54 -10.72
C LEU A 1301 -32.05 -41.73 -11.10
N ASN A 1302 -32.17 -42.85 -10.40
CA ASN A 1302 -31.50 -44.05 -10.90
C ASN A 1302 -32.45 -45.12 -11.41
N LEU A 1303 -33.72 -44.76 -11.62
CA LEU A 1303 -34.49 -45.43 -12.66
C LEU A 1303 -33.72 -45.21 -13.94
N GLN A 1304 -33.27 -43.97 -14.12
CA GLN A 1304 -32.71 -43.53 -15.38
C GLN A 1304 -31.26 -44.04 -15.46
N ASP A 1305 -30.77 -44.22 -16.70
CA ASP A 1305 -29.38 -44.60 -16.95
C ASP A 1305 -28.71 -43.48 -17.75
N PRO A 1306 -27.52 -43.03 -17.31
CA PRO A 1306 -26.70 -43.49 -16.18
C PRO A 1306 -27.07 -42.87 -14.85
N PHE A 1307 -27.57 -43.64 -13.89
CA PHE A 1307 -27.30 -43.33 -12.48
C PHE A 1307 -27.21 -44.60 -11.66
N SER A 1308 -27.34 -45.76 -12.32
CA SER A 1308 -27.29 -47.03 -11.62
C SER A 1308 -25.95 -47.14 -10.93
N SER A 1309 -26.00 -47.56 -9.67
CA SER A 1309 -24.83 -47.86 -8.84
C SER A 1309 -24.22 -46.54 -8.34
N PRO A 1310 -23.56 -46.57 -7.17
CA PRO A 1310 -23.00 -45.40 -6.51
C PRO A 1310 -21.92 -44.75 -7.38
N LEU A 1311 -21.02 -45.57 -7.89
CA LEU A 1311 -19.76 -45.13 -8.48
C LEU A 1311 -20.01 -44.30 -9.74
N LEU A 1312 -20.85 -44.84 -10.63
CA LEU A 1312 -21.36 -44.08 -11.75
C LEU A 1312 -21.93 -42.72 -11.37
N SER A 1313 -22.75 -42.71 -10.32
CA SER A 1313 -23.41 -41.47 -9.88
C SER A 1313 -22.41 -40.41 -9.44
N ILE A 1314 -21.51 -40.80 -8.54
CA ILE A 1314 -20.54 -39.84 -8.01
C ILE A 1314 -19.61 -39.34 -9.11
N ILE A 1315 -19.12 -40.24 -9.96
CA ILE A 1315 -18.25 -39.80 -11.06
C ILE A 1315 -19.00 -38.87 -12.00
N GLN A 1316 -20.28 -39.17 -12.22
CA GLN A 1316 -21.12 -38.37 -13.11
C GLN A 1316 -21.25 -36.95 -12.60
N THR A 1317 -21.56 -36.82 -11.32
CA THR A 1317 -21.72 -35.51 -10.69
C THR A 1317 -20.40 -34.76 -10.70
N PHE A 1318 -19.33 -35.52 -10.54
CA PHE A 1318 -18.00 -34.94 -10.63
C PHE A 1318 -17.82 -34.26 -11.97
N SER A 1319 -18.18 -34.98 -13.04
CA SER A 1319 -18.10 -34.42 -14.38
C SER A 1319 -19.02 -33.22 -14.48
N MET A 1320 -20.14 -33.27 -13.76
CA MET A 1320 -21.14 -32.22 -13.78
C MET A 1320 -20.61 -30.92 -13.22
N MET A 1321 -19.65 -30.99 -12.29
CA MET A 1321 -19.08 -29.78 -11.69
C MET A 1321 -18.65 -28.77 -12.74
N LEU A 1322 -17.99 -29.27 -13.78
CA LEU A 1322 -17.17 -28.45 -14.68
C LEU A 1322 -17.87 -27.18 -15.17
N GLY A 1323 -19.16 -27.29 -15.46
CA GLY A 1323 -19.75 -26.45 -16.47
C GLY A 1323 -21.12 -27.00 -16.84
N ASP A 1324 -21.18 -27.80 -17.88
CA ASP A 1324 -22.45 -28.21 -18.45
C ASP A 1324 -23.27 -29.11 -17.51
N ILE A 1325 -24.58 -28.85 -17.49
CA ILE A 1325 -25.49 -29.37 -16.46
C ILE A 1325 -26.02 -30.83 -16.52
N ASN A 1326 -26.01 -31.55 -17.65
CA ASN A 1326 -25.51 -31.14 -18.98
C ASN A 1326 -26.30 -31.46 -20.27
N TYR A 1327 -27.02 -32.57 -20.41
CA TYR A 1327 -27.74 -33.40 -19.42
C TYR A 1327 -28.61 -32.48 -18.56
N ARG A 1328 -29.31 -31.59 -19.28
CA ARG A 1328 -30.63 -31.11 -18.94
C ARG A 1328 -31.59 -31.81 -19.90
N GLU A 1329 -31.02 -32.69 -20.71
CA GLU A 1329 -31.78 -33.65 -21.52
C GLU A 1329 -32.00 -34.93 -20.68
N SER A 1330 -31.61 -34.85 -19.41
CA SER A 1330 -31.87 -35.95 -18.47
C SER A 1330 -32.85 -35.70 -17.35
N PHE A 1331 -33.31 -34.46 -17.15
CA PHE A 1331 -34.51 -34.27 -16.34
C PHE A 1331 -35.74 -34.13 -17.19
N LEU A 1332 -35.64 -33.18 -18.12
CA LEU A 1332 -36.78 -32.73 -18.89
C LEU A 1332 -37.62 -33.82 -19.52
N GLU A 1333 -36.95 -34.66 -20.30
CA GLU A 1333 -37.61 -35.71 -21.05
C GLU A 1333 -38.25 -36.76 -20.15
N PRO A 1334 -37.51 -37.28 -19.13
CA PRO A 1334 -38.21 -38.03 -18.07
C PRO A 1334 -39.47 -37.30 -17.58
N TYR A 1335 -39.35 -36.03 -17.23
CA TYR A 1335 -40.45 -35.29 -16.62
C TYR A 1335 -41.70 -35.27 -17.51
N LEU A 1336 -41.52 -35.00 -18.81
CA LEU A 1336 -42.63 -35.03 -19.76
C LEU A 1336 -43.12 -36.45 -20.00
N ARG A 1337 -42.19 -37.39 -19.97
CA ARG A 1337 -42.51 -38.81 -20.00
C ARG A 1337 -43.38 -39.06 -18.78
N ASN A 1338 -42.94 -38.44 -17.70
CA ASN A 1338 -43.51 -38.54 -16.35
C ASN A 1338 -42.85 -39.77 -15.73
N GLU A 1339 -41.81 -40.24 -16.41
CA GLU A 1339 -40.95 -41.32 -15.94
C GLU A 1339 -40.33 -40.98 -14.60
N LEU A 1340 -39.79 -39.78 -14.45
CA LEU A 1340 -38.99 -39.51 -13.27
C LEU A 1340 -39.92 -39.34 -12.09
N ALA A 1341 -39.61 -40.06 -11.03
CA ALA A 1341 -40.37 -39.94 -9.81
C ALA A 1341 -39.91 -38.65 -9.14
N HIS A 1342 -40.71 -38.14 -8.22
CA HIS A 1342 -40.31 -37.02 -7.37
C HIS A 1342 -39.98 -35.75 -8.15
N PRO A 1343 -40.85 -35.34 -9.10
CA PRO A 1343 -40.56 -34.03 -9.71
C PRO A 1343 -40.40 -32.90 -8.69
N VAL A 1344 -41.34 -32.84 -7.73
CA VAL A 1344 -41.48 -31.69 -6.83
C VAL A 1344 -40.15 -31.40 -6.18
N LEU A 1345 -39.59 -32.44 -5.57
CA LEU A 1345 -38.32 -32.32 -4.86
C LEU A 1345 -37.18 -32.13 -5.84
N SER A 1346 -37.17 -32.93 -6.91
CA SER A 1346 -35.99 -33.06 -7.75
C SER A 1346 -35.59 -31.74 -8.40
N PHE A 1347 -36.57 -30.99 -8.91
CA PHE A 1347 -36.27 -29.68 -9.47
C PHE A 1347 -35.55 -28.79 -8.45
N ALA A 1348 -36.04 -28.86 -7.22
CA ALA A 1348 -35.46 -28.14 -6.10
C ALA A 1348 -34.02 -28.58 -5.95
N GLN A 1349 -33.80 -29.89 -6.06
CA GLN A 1349 -32.47 -30.44 -5.92
C GLN A 1349 -31.52 -29.83 -6.95
N LEU A 1350 -31.98 -29.66 -8.18
CA LEU A 1350 -31.08 -29.11 -9.19
C LEU A 1350 -30.85 -27.62 -8.98
N VAL A 1351 -31.87 -26.88 -8.54
CA VAL A 1351 -31.65 -25.46 -8.33
C VAL A 1351 -30.67 -25.24 -7.17
N SER A 1352 -30.80 -26.05 -6.11
CA SER A 1352 -29.83 -26.04 -5.01
C SER A 1352 -28.45 -26.38 -5.51
N PHE A 1353 -28.40 -27.38 -6.38
CA PHE A 1353 -27.15 -27.86 -6.92
C PHE A 1353 -26.42 -26.75 -7.63
N THR A 1354 -27.11 -26.04 -8.53
CA THR A 1354 -26.48 -24.94 -9.23
C THR A 1354 -26.12 -23.80 -8.27
N ILE A 1355 -26.89 -23.61 -7.19
CA ILE A 1355 -26.44 -22.62 -6.22
C ILE A 1355 -25.14 -23.05 -5.51
N PHE A 1356 -24.85 -24.36 -5.44
CA PHE A 1356 -23.66 -24.80 -4.69
C PHE A 1356 -22.46 -25.43 -5.40
N VAL A 1357 -22.45 -25.59 -6.71
CA VAL A 1357 -21.22 -26.09 -7.32
C VAL A 1357 -20.87 -25.39 -8.64
N PRO A 1358 -21.80 -25.37 -9.62
CA PRO A 1358 -21.45 -24.70 -10.87
C PRO A 1358 -21.02 -23.26 -10.68
N ILE A 1359 -21.71 -22.53 -9.81
CA ILE A 1359 -21.37 -21.14 -9.61
C ILE A 1359 -20.47 -20.80 -8.42
N VAL A 1360 -20.93 -21.05 -7.19
CA VAL A 1360 -20.17 -20.59 -6.02
C VAL A 1360 -18.85 -21.33 -5.76
N LEU A 1361 -18.86 -22.65 -5.83
CA LEU A 1361 -17.66 -23.43 -5.54
C LEU A 1361 -16.57 -23.12 -6.55
N MET A 1362 -16.97 -23.08 -7.82
CA MET A 1362 -16.03 -22.83 -8.90
C MET A 1362 -15.40 -21.49 -8.71
N ASN A 1363 -16.23 -20.50 -8.43
CA ASN A 1363 -15.76 -19.13 -8.25
C ASN A 1363 -14.81 -19.03 -7.08
N LEU A 1364 -15.07 -19.78 -6.01
CA LEU A 1364 -14.18 -19.74 -4.86
C LEU A 1364 -12.83 -20.38 -5.20
N LEU A 1365 -12.86 -21.47 -5.97
CA LEU A 1365 -11.62 -22.14 -6.33
C LEU A 1365 -10.81 -21.15 -7.18
N ILE A 1366 -11.52 -20.45 -8.07
CA ILE A 1366 -10.93 -19.41 -8.91
C ILE A 1366 -10.32 -18.36 -7.99
N GLY A 1367 -10.98 -18.13 -6.85
CA GLY A 1367 -10.58 -17.10 -5.92
C GLY A 1367 -9.23 -17.47 -5.37
N LEU A 1368 -9.07 -18.72 -4.91
CA LEU A 1368 -7.78 -19.19 -4.41
C LEU A 1368 -6.72 -19.06 -5.50
N ALA A 1369 -7.11 -19.46 -6.72
CA ALA A 1369 -6.21 -19.41 -7.87
C ALA A 1369 -5.63 -18.00 -7.99
N VAL A 1370 -6.52 -17.02 -8.02
CA VAL A 1370 -6.12 -15.63 -8.25
C VAL A 1370 -5.28 -15.13 -7.08
N GLY A 1371 -5.71 -15.42 -5.86
CA GLY A 1371 -5.02 -14.97 -4.67
C GLY A 1371 -3.58 -15.43 -4.65
N ASP A 1372 -3.36 -16.74 -4.76
CA ASP A 1372 -1.97 -17.24 -4.74
C ASP A 1372 -1.15 -16.88 -5.97
N ILE A 1373 -1.74 -16.86 -7.16
CA ILE A 1373 -0.94 -16.55 -8.35
C ILE A 1373 -0.49 -15.10 -8.28
N ALA A 1374 -1.41 -14.24 -7.87
CA ALA A 1374 -1.15 -12.82 -7.64
C ALA A 1374 0.01 -12.71 -6.67
N ASP A 1375 -0.08 -13.46 -5.57
CA ASP A 1375 0.97 -13.48 -4.57
C ASP A 1375 2.34 -13.92 -5.09
N VAL A 1376 2.38 -14.91 -5.97
CA VAL A 1376 3.66 -15.32 -6.55
C VAL A 1376 4.24 -14.26 -7.48
N GLN A 1377 3.39 -13.68 -8.33
CA GLN A 1377 3.84 -12.65 -9.26
C GLN A 1377 4.22 -11.33 -8.57
N LYS A 1378 3.71 -11.11 -7.36
CA LYS A 1378 4.04 -9.93 -6.57
C LYS A 1378 5.54 -9.79 -6.35
N HIS A 1379 6.19 -10.91 -6.03
CA HIS A 1379 7.65 -10.95 -6.07
C HIS A 1379 8.06 -12.22 -6.83
N ALA A 1380 7.86 -12.14 -8.15
CA ALA A 1380 8.14 -13.20 -9.09
C ALA A 1380 9.63 -13.34 -9.38
N SER A 1381 10.28 -12.20 -9.59
CA SER A 1381 11.64 -12.16 -10.15
C SER A 1381 12.59 -12.99 -9.30
N LEU A 1382 12.54 -12.80 -7.98
CA LEU A 1382 13.38 -13.55 -7.08
C LEU A 1382 13.19 -15.05 -7.22
N LYS A 1383 11.95 -15.50 -7.43
CA LYS A 1383 11.68 -16.93 -7.50
C LYS A 1383 12.46 -17.55 -8.66
N ARG A 1384 12.42 -16.85 -9.79
CA ARG A 1384 13.13 -17.26 -11.01
C ARG A 1384 14.64 -17.20 -10.86
N ILE A 1385 15.17 -16.07 -10.40
CA ILE A 1385 16.61 -15.92 -10.42
C ILE A 1385 17.17 -16.87 -9.37
N ALA A 1386 16.46 -17.02 -8.26
CA ALA A 1386 16.80 -18.03 -7.26
C ALA A 1386 16.76 -19.44 -7.83
N MET A 1387 15.89 -19.68 -8.82
CA MET A 1387 15.98 -20.93 -9.55
C MET A 1387 17.31 -21.08 -10.28
N GLN A 1388 17.68 -20.12 -11.12
CA GLN A 1388 18.96 -20.28 -11.81
C GLN A 1388 20.20 -20.33 -10.92
N VAL A 1389 20.27 -19.47 -9.90
CA VAL A 1389 21.43 -19.50 -9.01
C VAL A 1389 21.49 -20.82 -8.26
N GLU A 1390 20.32 -21.34 -7.84
CA GLU A 1390 20.30 -22.57 -7.07
C GLU A 1390 20.87 -23.65 -7.95
N LEU A 1391 20.41 -23.67 -9.20
CA LEU A 1391 20.81 -24.72 -10.12
C LEU A 1391 22.34 -24.66 -10.33
N HIS A 1392 22.86 -23.46 -10.57
CA HIS A 1392 24.31 -23.33 -10.77
C HIS A 1392 25.15 -23.65 -9.54
N THR A 1393 24.65 -23.37 -8.34
CA THR A 1393 25.38 -23.74 -7.13
C THR A 1393 25.37 -25.26 -6.94
N SER A 1394 24.27 -25.91 -7.29
CA SER A 1394 24.19 -27.36 -7.09
C SER A 1394 24.69 -28.11 -8.32
N LEU A 1395 25.25 -27.36 -9.26
CA LEU A 1395 25.94 -27.95 -10.39
C LEU A 1395 27.45 -27.77 -10.14
N GLU A 1396 27.78 -26.60 -9.63
CA GLU A 1396 29.15 -26.20 -9.31
C GLU A 1396 29.81 -27.21 -8.37
N LYS A 1397 29.10 -27.59 -7.31
CA LYS A 1397 29.64 -28.45 -6.27
C LYS A 1397 29.97 -29.86 -6.75
N LYS A 1398 29.13 -30.43 -7.60
CA LYS A 1398 29.40 -31.79 -8.08
C LYS A 1398 30.53 -31.92 -9.09
N LEU A 1399 30.63 -30.99 -10.04
CA LEU A 1399 31.62 -31.14 -11.11
C LEU A 1399 33.03 -30.87 -10.57
N PRO A 1400 33.99 -31.74 -10.93
CA PRO A 1400 35.43 -31.67 -10.63
C PRO A 1400 36.14 -30.34 -10.87
N LEU A 1401 36.92 -29.92 -9.86
CA LEU A 1401 37.59 -28.61 -9.82
C LEU A 1401 38.48 -28.28 -11.01
N TRP A 1402 39.18 -29.29 -11.54
CA TRP A 1402 40.09 -29.08 -12.67
C TRP A 1402 39.35 -28.61 -13.92
N PHE A 1403 38.05 -28.90 -13.98
CA PHE A 1403 37.22 -28.41 -15.07
C PHE A 1403 36.59 -27.08 -14.66
N LEU A 1404 37.44 -26.16 -14.20
CA LEU A 1404 37.04 -24.79 -13.86
C LEU A 1404 38.10 -23.80 -14.34
N ARG A 1405 37.70 -22.85 -15.16
CA ARG A 1405 38.59 -21.83 -15.70
C ARG A 1405 39.82 -22.47 -16.35
N LYS A 1406 39.64 -23.01 -17.56
CA LYS A 1406 38.34 -23.03 -18.25
C LYS A 1406 37.39 -24.05 -17.68
N VAL A 1407 36.10 -23.91 -17.99
CA VAL A 1407 35.57 -22.75 -18.72
C VAL A 1407 35.28 -21.56 -17.81
N ASP A 1408 35.89 -20.42 -18.12
CA ASP A 1408 35.61 -19.14 -17.49
C ASP A 1408 36.34 -18.02 -18.19
N GLN A 1409 35.57 -17.15 -18.85
CA GLN A 1409 36.13 -15.99 -19.53
C GLN A 1409 36.65 -14.96 -18.54
N LYS A 1410 35.93 -14.82 -17.42
CA LYS A 1410 36.03 -13.72 -16.44
C LYS A 1410 36.02 -12.36 -17.15
N SER A 1411 35.39 -12.30 -18.31
CA SER A 1411 35.07 -11.06 -19.00
C SER A 1411 34.14 -11.34 -20.18
N THR A 1412 33.44 -10.33 -20.66
CA THR A 1412 32.59 -10.51 -21.82
C THR A 1412 32.49 -9.27 -22.70
N ILE A 1413 32.73 -9.44 -24.00
CA ILE A 1413 32.51 -8.38 -24.96
C ILE A 1413 31.01 -8.13 -25.05
N VAL A 1414 30.61 -6.88 -25.21
CA VAL A 1414 29.20 -6.53 -25.29
C VAL A 1414 28.87 -5.90 -26.65
N TYR A 1415 27.83 -6.38 -27.32
CA TYR A 1415 27.46 -5.83 -28.62
C TYR A 1415 25.95 -5.68 -28.76
N GLN A 1440 11.28 -5.92 -21.95
CA GLN A 1440 10.73 -7.20 -21.52
C GLN A 1440 11.49 -7.76 -20.33
N GLU A 1441 12.30 -6.92 -19.69
CA GLU A 1441 13.06 -7.33 -18.52
C GLU A 1441 12.90 -6.35 -17.34
N ILE A 1442 13.33 -6.81 -16.17
CA ILE A 1442 12.42 -7.08 -15.06
C ILE A 1442 11.67 -5.84 -14.62
N PRO A 1443 10.41 -6.02 -14.18
CA PRO A 1443 9.40 -4.97 -13.99
C PRO A 1443 9.81 -3.90 -12.98
N ASN A 1444 9.59 -2.64 -13.36
CA ASN A 1444 9.85 -1.51 -12.47
C ASN A 1444 8.89 -1.43 -11.29
N ALA A 1445 7.64 -1.86 -11.50
CA ALA A 1445 6.53 -1.54 -10.61
C ALA A 1445 6.67 -2.07 -9.19
N ASP A 1446 7.19 -3.30 -9.04
CA ASP A 1446 7.42 -3.86 -7.71
C ASP A 1446 8.46 -3.00 -6.98
N LYS A 1447 8.20 -2.66 -5.73
CA LYS A 1447 9.15 -1.88 -4.96
C LYS A 1447 8.95 -1.95 -3.44
N SER A 1448 10.00 -1.59 -2.73
CA SER A 1448 9.98 -1.41 -1.27
C SER A 1448 10.32 0.06 -1.01
N LEU A 1449 9.44 0.77 -0.31
CA LEU A 1449 9.68 2.18 -0.04
C LEU A 1449 9.57 2.52 1.44
N GLU A 1450 9.38 1.50 2.25
CA GLU A 1450 9.53 1.58 3.69
C GLU A 1450 10.98 1.97 4.05
N MET A 1451 11.92 1.54 3.24
CA MET A 1451 13.31 1.76 3.61
C MET A 1451 13.50 3.26 3.69
N GLU A 1452 12.88 3.97 2.75
CA GLU A 1452 13.06 5.42 2.67
C GLU A 1452 13.02 6.00 4.10
N ILE A 1453 11.96 5.60 4.80
CA ILE A 1453 11.73 5.92 6.20
C ILE A 1453 12.83 5.36 7.10
N LEU A 1454 13.25 4.12 6.85
CA LEU A 1454 14.32 3.61 7.70
C LEU A 1454 15.61 4.43 7.51
N LYS A 1455 15.82 5.00 6.32
CA LYS A 1455 16.87 6.00 6.05
C LYS A 1455 16.69 7.28 6.88
N GLN A 1456 15.47 7.83 6.92
CA GLN A 1456 15.25 9.04 7.77
C GLN A 1456 15.58 8.81 9.28
N LYS A 1457 15.16 7.68 9.80
CA LYS A 1457 15.21 7.47 11.24
C LYS A 1457 16.64 7.59 11.80
N TYR A 1458 17.63 6.99 11.14
CA TYR A 1458 18.98 6.96 11.69
C TYR A 1458 19.48 8.38 11.82
N ARG A 1459 19.11 9.18 10.83
CA ARG A 1459 19.49 10.58 10.75
C ARG A 1459 18.93 11.28 11.96
N LEU A 1460 17.65 11.03 12.26
CA LEU A 1460 17.08 11.72 13.41
C LEU A 1460 17.73 11.29 14.74
N LYS A 1461 18.13 10.02 14.88
CA LYS A 1461 18.92 9.69 16.10
C LYS A 1461 20.25 10.41 16.13
N ASP A 1462 20.82 10.65 14.95
CA ASP A 1462 22.07 11.40 14.90
C ASP A 1462 21.80 12.81 15.40
N LEU A 1463 20.65 13.34 15.01
CA LEU A 1463 20.24 14.65 15.50
C LEU A 1463 20.07 14.71 17.01
N THR A 1464 19.46 13.69 17.65
CA THR A 1464 19.45 13.78 19.12
C THR A 1464 20.80 13.54 19.80
N PHE A 1465 21.72 12.79 19.20
CA PHE A 1465 23.09 12.71 19.70
C PHE A 1465 23.71 14.09 19.58
N LEU A 1466 23.21 14.92 18.67
CA LEU A 1466 23.82 16.18 18.33
C LEU A 1466 23.01 17.29 19.02
N LEU A 1467 22.03 16.90 19.81
CA LEU A 1467 21.26 17.88 20.54
C LEU A 1467 21.46 17.72 22.04
N GLU A 1468 21.48 16.47 22.50
CA GLU A 1468 21.66 16.22 23.93
C GLU A 1468 22.98 16.76 24.43
N LYS A 1469 24.04 16.51 23.68
CA LYS A 1469 25.35 17.03 24.04
C LYS A 1469 25.32 18.55 24.14
N GLN A 1470 24.58 19.19 23.24
CA GLN A 1470 24.33 20.62 23.36
C GLN A 1470 23.65 21.00 24.66
N HIS A 1471 22.70 20.18 25.11
CA HIS A 1471 21.97 20.51 26.33
C HIS A 1471 22.90 20.45 27.54
N GLU A 1472 23.65 19.35 27.59
CA GLU A 1472 24.71 19.16 28.58
C GLU A 1472 25.59 20.38 28.61
N LEU A 1473 26.03 20.75 27.41
CA LEU A 1473 27.02 21.79 27.23
C LEU A 1473 26.48 23.13 27.71
N ILE A 1474 25.17 23.35 27.55
CA ILE A 1474 24.59 24.62 27.98
C ILE A 1474 24.44 24.70 29.50
N LYS A 1475 23.99 23.63 30.14
CA LYS A 1475 24.04 23.67 31.60
C LYS A 1475 25.48 23.96 32.03
N LEU A 1476 26.43 23.40 31.28
CA LEU A 1476 27.83 23.68 31.57
C LEU A 1476 28.18 25.14 31.27
N ILE A 1477 27.39 25.81 30.42
CA ILE A 1477 27.50 27.26 30.32
C ILE A 1477 27.19 27.93 31.63
N ILE A 1478 26.04 27.60 32.21
CA ILE A 1478 25.68 28.29 33.46
C ILE A 1478 26.57 27.96 34.64
N GLN A 1479 27.05 26.73 34.71
CA GLN A 1479 27.90 26.37 35.85
C GLN A 1479 29.24 27.13 35.90
N LYS A 1480 29.59 27.81 34.81
CA LYS A 1480 30.78 28.68 34.84
C LYS A 1480 30.44 30.12 34.48
N MET A 1481 29.22 30.55 34.71
CA MET A 1481 28.82 31.86 34.25
C MET A 1481 29.04 32.87 35.36
N GLU A 1482 29.15 34.14 35.02
CA GLU A 1482 29.53 35.18 35.98
C GLU A 1482 28.36 36.10 36.34
N ILE A 1483 27.28 35.54 36.86
CA ILE A 1483 26.06 36.31 37.06
C ILE A 1483 26.12 37.17 38.32
N ILE A 1484 26.80 38.31 38.21
CA ILE A 1484 26.84 39.34 39.26
C ILE A 1484 27.59 40.56 38.73
N SER A 1485 26.92 41.70 38.56
CA SER A 1485 25.49 41.86 38.78
C SER A 1485 24.72 41.27 37.56
N GLU A 1486 23.41 40.99 37.69
CA GLU A 1486 22.61 41.22 38.88
C GLU A 1486 21.66 40.06 39.20
N THR A 1487 21.63 39.66 40.46
CA THR A 1487 20.78 38.57 40.92
C THR A 1487 19.68 39.10 41.84
N LYS B 855 17.44 38.96 51.20
CA LYS B 855 18.40 38.01 51.74
C LYS B 855 17.76 37.10 52.80
N LYS B 856 18.01 35.80 52.70
CA LYS B 856 18.84 35.25 51.63
C LYS B 856 18.03 34.46 50.62
N SER B 857 17.97 34.97 49.40
CA SER B 857 17.30 34.33 48.27
C SER B 857 18.26 33.64 47.28
N PRO B 858 19.39 34.30 46.90
CA PRO B 858 20.20 33.80 45.78
C PRO B 858 20.58 32.33 45.89
N LEU B 859 20.85 31.86 47.10
CA LEU B 859 21.31 30.49 47.32
C LEU B 859 20.37 29.51 46.61
N HIS B 860 19.07 29.77 46.70
CA HIS B 860 18.06 28.92 46.07
C HIS B 860 18.34 28.75 44.59
N PHE B 861 18.56 29.90 43.95
CA PHE B 861 18.91 29.97 42.53
C PHE B 861 20.19 29.18 42.29
N ALA B 862 21.25 29.63 42.96
CA ALA B 862 22.62 29.27 42.65
C ALA B 862 22.76 27.75 42.76
N ALA B 863 22.24 27.18 43.83
CA ALA B 863 22.34 25.74 44.02
C ALA B 863 21.16 24.99 43.37
N SER B 864 20.22 25.72 42.77
CA SER B 864 19.34 25.09 41.80
C SER B 864 20.13 24.73 40.55
N TYR B 865 20.73 25.74 39.93
CA TYR B 865 21.57 25.52 38.75
C TYR B 865 23.00 25.06 39.04
N GLY B 866 23.39 25.09 40.30
CA GLY B 866 24.60 24.41 40.73
C GLY B 866 25.83 25.28 40.57
N ARG B 867 25.71 26.52 41.03
CA ARG B 867 26.82 27.46 41.05
C ARG B 867 27.68 27.16 42.26
N ILE B 868 28.60 26.21 42.10
CA ILE B 868 29.26 25.59 43.24
C ILE B 868 30.03 26.56 44.15
N ASN B 869 30.81 27.48 43.60
CA ASN B 869 31.62 28.33 44.46
C ASN B 869 30.79 29.34 45.24
N THR B 870 29.78 29.92 44.59
CA THR B 870 28.87 30.84 45.25
C THR B 870 28.08 30.11 46.31
N CYS B 871 27.64 28.89 45.99
CA CYS B 871 27.00 28.03 46.98
C CYS B 871 27.86 27.84 48.22
N GLN B 872 29.09 27.37 48.02
CA GLN B 872 29.99 27.07 49.13
C GLN B 872 30.36 28.29 49.99
N ARG B 873 30.72 29.39 49.34
CA ARG B 873 31.12 30.60 50.07
C ARG B 873 29.95 31.35 50.70
N LEU B 874 28.76 31.28 50.12
CA LEU B 874 27.57 31.84 50.75
C LEU B 874 27.05 31.02 51.92
N LEU B 875 27.00 29.70 51.73
CA LEU B 875 26.46 28.78 52.73
C LEU B 875 27.31 28.55 53.97
N GLN B 876 28.63 28.59 53.82
CA GLN B 876 29.51 28.47 54.98
C GLN B 876 29.65 29.84 55.63
N ASP B 877 29.06 29.99 56.81
CA ASP B 877 29.10 31.27 57.52
C ASP B 877 29.61 31.22 58.98
N ILE B 878 29.08 30.34 59.87
CA ILE B 878 28.08 29.32 59.58
C ILE B 878 26.76 29.66 60.28
N SER B 879 25.69 29.64 59.50
CA SER B 879 24.35 29.96 59.99
C SER B 879 23.90 28.96 61.04
N ASP B 880 24.37 27.71 60.88
CA ASP B 880 23.86 26.49 61.53
C ASP B 880 22.67 25.97 60.73
N THR B 881 22.51 26.51 59.52
CA THR B 881 21.56 26.02 58.53
C THR B 881 20.11 26.03 59.02
N ARG B 882 19.72 27.09 59.73
CA ARG B 882 18.32 27.33 60.08
C ARG B 882 17.41 27.36 58.86
N LEU B 883 17.91 27.97 57.79
CA LEU B 883 17.18 28.16 56.54
C LEU B 883 17.57 27.18 55.41
N LEU B 884 18.19 26.05 55.76
CA LEU B 884 18.87 25.24 54.75
C LEU B 884 18.04 24.39 53.74
N ASN B 885 16.88 23.76 54.03
CA ASN B 885 15.91 23.86 55.15
C ASN B 885 15.10 25.17 55.16
N GLU B 886 14.95 25.78 53.99
CA GLU B 886 13.92 26.79 53.74
C GLU B 886 13.19 26.50 52.43
N GLY B 887 11.98 27.04 52.29
CA GLY B 887 11.26 26.89 51.04
C GLY B 887 10.29 28.01 50.77
N ASP B 888 10.01 28.19 49.49
CA ASP B 888 9.04 29.16 49.00
C ASP B 888 8.21 28.56 47.89
N LEU B 889 6.99 29.01 47.73
CA LEU B 889 6.01 28.35 46.88
C LEU B 889 6.49 28.33 45.37
N HIS B 890 6.31 27.23 44.67
CA HIS B 890 5.76 26.00 45.34
C HIS B 890 6.90 25.59 46.24
N GLY B 891 6.64 25.16 47.46
CA GLY B 891 7.71 24.88 48.38
C GLY B 891 8.73 23.89 47.80
N MET B 892 10.01 24.26 47.94
CA MET B 892 11.11 23.43 47.48
C MET B 892 12.39 23.80 48.23
N THR B 893 13.34 22.89 48.23
CA THR B 893 14.60 23.08 48.93
C THR B 893 15.74 22.96 47.94
N PRO B 894 16.88 23.63 48.22
CA PRO B 894 18.08 23.46 47.40
C PRO B 894 18.39 21.98 47.18
N LEU B 895 18.15 21.15 48.18
CA LEU B 895 18.52 19.73 48.10
C LEU B 895 17.80 19.14 46.89
N HIS B 896 16.54 19.53 46.72
CA HIS B 896 15.73 19.14 45.57
C HIS B 896 16.20 19.76 44.27
N LEU B 897 16.27 21.08 44.21
CA LEU B 897 16.63 21.78 42.97
C LEU B 897 17.99 21.35 42.43
N ALA B 898 18.84 20.83 43.31
CA ALA B 898 20.09 20.21 42.87
C ALA B 898 19.75 18.93 42.09
N ALA B 899 18.83 18.14 42.62
CA ALA B 899 18.41 16.87 42.00
C ALA B 899 17.59 17.03 40.73
N LYS B 900 16.69 18.01 40.70
CA LYS B 900 15.87 18.29 39.53
C LYS B 900 16.75 18.45 38.30
N ASN B 901 17.62 19.46 38.29
CA ASN B 901 18.46 19.72 37.12
C ASN B 901 19.84 19.07 37.12
N GLY B 902 20.05 18.04 37.93
CA GLY B 902 21.27 17.26 37.80
C GLY B 902 22.56 17.93 38.24
N HIS B 903 22.87 17.88 39.53
CA HIS B 903 24.14 18.39 40.03
C HIS B 903 24.66 17.45 41.11
N ASP B 904 25.47 16.50 40.68
CA ASP B 904 26.10 15.54 41.58
C ASP B 904 27.03 16.26 42.56
N LYS B 905 27.80 17.21 42.03
CA LYS B 905 28.81 17.92 42.82
C LYS B 905 28.21 18.62 44.03
N VAL B 906 27.20 19.44 43.76
CA VAL B 906 26.60 20.28 44.78
C VAL B 906 25.77 19.47 45.75
N VAL B 907 25.03 18.49 45.25
CA VAL B 907 24.21 17.67 46.14
C VAL B 907 25.09 16.82 47.04
N GLN B 908 26.25 16.40 46.52
CA GLN B 908 27.28 15.78 47.36
C GLN B 908 27.78 16.71 48.45
N LEU B 909 28.24 17.91 48.08
CA LEU B 909 28.78 18.86 49.06
C LEU B 909 27.74 19.17 50.14
N LEU B 910 26.51 19.33 49.69
CA LEU B 910 25.39 19.67 50.56
C LEU B 910 25.02 18.52 51.47
N LEU B 911 25.28 17.29 51.02
CA LEU B 911 25.24 16.16 51.95
C LEU B 911 26.50 15.94 52.78
N LYS B 912 27.59 16.64 52.46
CA LYS B 912 28.74 16.59 53.36
C LYS B 912 28.44 17.47 54.56
N LYS B 913 27.93 18.66 54.29
CA LYS B 913 27.33 19.42 55.38
C LYS B 913 26.06 18.69 55.84
N GLY B 914 25.37 18.06 54.91
CA GLY B 914 24.19 17.27 55.23
C GLY B 914 22.99 18.14 55.52
N ALA B 915 21.85 17.48 55.75
CA ALA B 915 20.66 18.08 56.36
C ALA B 915 19.90 18.92 55.33
N LEU B 916 18.58 19.02 55.44
CA LEU B 916 17.73 18.18 56.32
C LEU B 916 17.81 16.69 55.97
N PHE B 917 18.04 16.42 54.68
CA PHE B 917 18.07 15.09 54.04
C PHE B 917 16.69 14.61 53.58
N LEU B 918 15.66 15.38 53.90
CA LEU B 918 14.36 15.27 53.24
C LEU B 918 13.40 16.38 53.65
N SER B 919 12.59 16.78 52.69
CA SER B 919 11.45 17.67 52.89
C SER B 919 10.69 17.67 51.57
N ASP B 920 9.40 18.02 51.61
CA ASP B 920 8.54 17.80 50.46
C ASP B 920 7.20 18.55 50.56
N HIS B 921 7.03 19.51 49.66
CA HIS B 921 5.79 20.27 49.50
C HIS B 921 4.62 19.65 48.74
N ASN B 922 4.87 18.98 47.62
CA ASN B 922 3.85 18.07 47.12
C ASN B 922 4.30 16.63 47.38
N GLY B 923 5.28 16.47 48.26
CA GLY B 923 5.47 15.17 48.88
C GLY B 923 6.45 14.34 48.08
N TRP B 924 6.97 14.92 46.99
CA TRP B 924 7.73 14.14 46.01
C TRP B 924 9.02 13.65 46.62
N THR B 925 9.60 14.47 47.50
CA THR B 925 10.97 14.34 47.99
C THR B 925 11.91 14.73 46.82
N ALA B 926 13.22 14.57 47.01
CA ALA B 926 14.21 14.91 46.01
C ALA B 926 14.47 13.79 45.02
N LEU B 927 14.57 12.56 45.52
CA LEU B 927 14.98 11.42 44.70
C LEU B 927 13.96 11.09 43.60
N HIS B 928 12.73 11.51 43.78
CA HIS B 928 11.74 11.46 42.71
C HIS B 928 12.07 12.44 41.58
N HIS B 929 12.47 13.64 41.97
CA HIS B 929 12.98 14.67 41.05
C HIS B 929 14.28 14.26 40.37
N ALA B 930 15.06 13.41 41.04
CA ALA B 930 16.19 12.72 40.43
C ALA B 930 15.72 11.67 39.42
N SER B 931 14.75 10.84 39.80
CA SER B 931 14.24 9.77 38.96
C SER B 931 13.26 10.31 37.92
N MET B 932 13.15 11.63 37.87
CA MET B 932 12.26 12.32 36.95
C MET B 932 12.93 12.26 35.59
N GLY B 933 14.12 12.86 35.50
CA GLY B 933 14.95 12.69 34.33
C GLY B 933 15.84 11.48 34.53
N GLY B 934 16.66 11.17 33.53
CA GLY B 934 17.55 10.03 33.55
C GLY B 934 18.95 10.32 34.06
N TYR B 935 19.05 10.92 35.24
CA TYR B 935 20.36 11.24 35.83
C TYR B 935 20.90 9.99 36.51
N THR B 936 22.19 9.96 36.77
CA THR B 936 22.75 8.80 37.46
C THR B 936 23.64 9.00 38.68
N GLN B 937 24.63 9.87 38.57
CA GLN B 937 25.60 10.06 39.64
C GLN B 937 24.94 10.61 40.90
N THR B 938 24.03 11.56 40.69
CA THR B 938 23.20 12.09 41.75
C THR B 938 22.52 10.93 42.43
N MET B 939 21.74 10.21 41.63
CA MET B 939 20.92 9.10 42.10
C MET B 939 21.76 8.00 42.73
N LYS B 940 23.03 7.90 42.32
CA LYS B 940 23.99 7.09 43.07
C LYS B 940 24.20 7.59 44.49
N VAL B 941 24.88 8.74 44.61
CA VAL B 941 25.39 9.14 45.92
C VAL B 941 24.29 9.55 46.91
N ILE B 942 23.25 10.21 46.40
CA ILE B 942 22.09 10.59 47.20
C ILE B 942 21.50 9.40 47.90
N LEU B 943 21.32 8.32 47.15
CA LEU B 943 20.72 7.13 47.69
C LEU B 943 21.72 6.51 48.66
N ASP B 944 23.00 6.51 48.29
CA ASP B 944 24.01 5.81 49.09
C ASP B 944 24.22 6.44 50.47
N THR B 945 23.86 7.71 50.63
CA THR B 945 23.92 8.30 51.97
C THR B 945 23.03 7.64 53.05
N ASN B 946 21.78 7.37 52.72
CA ASN B 946 20.91 6.53 53.55
C ASN B 946 20.02 5.64 52.70
N LEU B 947 19.84 4.38 53.09
CA LEU B 947 18.76 3.58 52.52
C LEU B 947 17.45 3.56 53.33
N LYS B 948 17.41 4.25 54.46
CA LYS B 948 16.17 4.42 55.23
C LYS B 948 15.28 5.58 54.73
N CYS B 949 15.93 6.69 54.41
CA CYS B 949 15.30 7.87 53.82
C CYS B 949 15.17 7.77 52.29
N THR B 950 14.63 6.66 51.80
CA THR B 950 14.56 6.47 50.34
C THR B 950 13.19 6.22 49.69
N ASP B 951 12.20 5.69 50.39
CA ASP B 951 10.96 5.47 49.69
C ASP B 951 9.76 6.11 50.34
N ARG B 952 9.03 6.93 49.59
CA ARG B 952 7.87 7.58 50.14
C ARG B 952 6.70 7.55 49.18
N LEU B 953 5.54 7.15 49.67
CA LEU B 953 4.41 6.70 48.85
C LEU B 953 3.31 7.71 48.54
N ASP B 954 3.53 8.99 48.83
CA ASP B 954 2.46 9.99 48.76
C ASP B 954 2.72 11.16 47.76
N GLU B 955 1.70 11.97 47.43
CA GLU B 955 0.32 11.89 47.97
C GLU B 955 -0.53 10.73 47.41
N ASP B 956 -0.40 10.49 46.11
CA ASP B 956 -1.21 9.48 45.44
C ASP B 956 -0.22 8.45 44.93
N GLY B 957 -0.38 7.20 45.33
CA GLY B 957 0.79 6.43 45.73
C GLY B 957 1.74 6.33 44.57
N ASN B 958 3.01 6.59 44.86
CA ASN B 958 4.08 6.53 43.89
C ASN B 958 5.38 6.39 44.65
N THR B 959 6.40 5.86 44.00
CA THR B 959 7.75 5.87 44.55
C THR B 959 8.74 6.04 43.43
N ALA B 960 10.00 6.27 43.80
CA ALA B 960 11.06 6.65 42.86
C ALA B 960 11.03 5.76 41.64
N LEU B 961 10.80 4.47 41.86
CA LEU B 961 10.72 3.51 40.77
C LEU B 961 9.58 3.87 39.84
N HIS B 962 8.47 4.35 40.41
CA HIS B 962 7.28 4.60 39.61
C HIS B 962 7.51 5.77 38.65
N PHE B 963 8.15 6.84 39.11
CA PHE B 963 8.44 7.93 38.19
C PHE B 963 9.53 7.49 37.22
N ALA B 964 10.60 6.91 37.77
CA ALA B 964 11.76 6.49 36.98
C ALA B 964 11.39 5.59 35.80
N ALA B 965 10.25 4.91 35.90
CA ALA B 965 9.67 4.24 34.75
C ALA B 965 8.54 5.11 34.21
N ARG B 966 8.89 6.35 33.90
CA ARG B 966 8.12 7.15 32.97
C ARG B 966 9.08 7.75 31.97
N GLU B 967 9.40 9.03 32.17
CA GLU B 967 10.27 9.78 31.29
C GLU B 967 11.67 9.17 31.31
N GLY B 968 12.12 8.82 32.51
CA GLY B 968 13.49 8.44 32.77
C GLY B 968 14.01 7.26 31.98
N HIS B 969 15.33 7.28 31.76
CA HIS B 969 16.02 6.19 31.10
C HIS B 969 16.14 4.97 32.00
N ALA B 970 16.61 3.87 31.42
CA ALA B 970 16.68 2.56 32.05
C ALA B 970 17.71 2.40 33.17
N LYS B 971 18.85 3.09 33.05
CA LYS B 971 19.95 2.90 33.99
C LYS B 971 19.47 3.18 35.40
N ALA B 972 18.67 4.23 35.56
CA ALA B 972 18.18 4.66 36.87
C ALA B 972 17.58 3.42 37.55
N VAL B 973 16.65 2.79 36.84
CA VAL B 973 15.98 1.59 37.32
C VAL B 973 16.99 0.47 37.62
N ALA B 974 17.96 0.29 36.73
CA ALA B 974 18.97 -0.75 36.92
C ALA B 974 19.72 -0.59 38.25
N LEU B 975 20.09 0.65 38.58
CA LEU B 975 20.71 0.93 39.89
C LEU B 975 19.74 0.83 41.06
N LEU B 976 18.46 1.19 40.87
CA LEU B 976 17.50 0.98 41.96
C LEU B 976 17.28 -0.49 42.33
N LEU B 977 17.28 -1.38 41.33
CA LEU B 977 17.27 -2.80 41.62
C LEU B 977 18.60 -3.23 42.20
N SER B 978 19.66 -2.57 41.75
CA SER B 978 20.98 -2.83 42.30
C SER B 978 21.11 -2.35 43.74
N HIS B 979 20.12 -1.61 44.24
CA HIS B 979 20.12 -1.27 45.66
C HIS B 979 18.86 -1.72 46.44
N ASN B 980 18.21 -2.78 45.96
CA ASN B 980 17.01 -3.34 46.60
C ASN B 980 15.88 -2.34 46.88
N ALA B 981 15.53 -1.53 45.90
CA ALA B 981 14.38 -0.66 46.02
C ALA B 981 13.11 -1.51 46.14
N ASP B 982 12.07 -0.93 46.75
CA ASP B 982 10.78 -1.60 46.89
C ASP B 982 10.27 -1.97 45.50
N ILE B 983 9.86 -3.23 45.33
CA ILE B 983 9.09 -3.58 44.14
C ILE B 983 7.60 -3.59 44.32
N VAL B 984 7.12 -4.08 45.46
CA VAL B 984 5.72 -4.46 45.52
C VAL B 984 4.75 -3.31 45.64
N LEU B 985 5.12 -2.22 46.30
CA LEU B 985 4.09 -1.28 46.75
C LEU B 985 3.23 -0.85 45.57
N ASN B 986 1.93 -0.93 45.76
CA ASN B 986 0.98 -0.63 44.70
C ASN B 986 0.08 0.53 45.14
N LYS B 987 0.05 1.60 44.33
CA LYS B 987 -1.04 2.62 44.23
C LYS B 987 -0.74 3.54 43.05
N GLN B 988 -1.80 4.18 42.51
CA GLN B 988 -3.16 3.65 42.63
C GLN B 988 -3.37 2.42 41.75
N GLN B 989 -3.94 1.36 42.33
CA GLN B 989 -4.25 0.08 41.68
C GLN B 989 -3.16 -0.46 40.71
N ALA B 990 -2.60 0.42 39.89
CA ALA B 990 -1.72 0.03 38.79
C ALA B 990 -0.25 0.16 39.19
N SER B 991 0.49 -0.90 38.95
CA SER B 991 1.89 -1.00 39.35
C SER B 991 2.75 -0.11 38.46
N PHE B 992 4.00 0.12 38.87
CA PHE B 992 4.91 0.96 38.11
C PHE B 992 5.04 0.43 36.69
N LEU B 993 4.99 -0.89 36.57
CA LEU B 993 5.13 -1.57 35.29
C LEU B 993 3.95 -1.24 34.38
N HIS B 994 2.75 -1.33 34.95
CA HIS B 994 1.52 -0.78 34.35
C HIS B 994 1.82 0.56 33.72
N LEU B 995 2.15 1.51 34.58
CA LEU B 995 2.24 2.93 34.22
C LEU B 995 3.34 3.14 33.18
N ALA B 996 4.35 2.29 33.23
CA ALA B 996 5.39 2.25 32.20
C ALA B 996 4.78 1.92 30.86
N LEU B 997 4.12 0.77 30.77
CA LEU B 997 3.65 0.30 29.47
C LEU B 997 2.56 1.21 28.89
N HIS B 998 1.72 1.77 29.75
CA HIS B 998 0.69 2.69 29.28
C HIS B 998 1.29 3.99 28.74
N ASN B 999 2.58 4.21 29.03
CA ASN B 999 3.36 5.22 28.32
C ASN B 999 4.15 4.67 27.13
N LYS B 1000 4.03 3.38 26.89
CA LYS B 1000 4.67 2.72 25.74
C LYS B 1000 6.18 2.85 25.69
N ARG B 1001 6.87 2.59 26.80
CA ARG B 1001 8.32 2.65 26.76
C ARG B 1001 8.92 1.26 26.61
N LYS B 1002 9.60 1.05 25.48
CA LYS B 1002 10.34 -0.19 25.22
C LYS B 1002 11.43 -0.38 26.26
N GLU B 1003 12.23 0.65 26.50
CA GLU B 1003 13.65 0.43 26.84
C GLU B 1003 13.77 -0.10 28.25
N VAL B 1004 13.06 0.54 29.17
CA VAL B 1004 13.03 0.12 30.56
C VAL B 1004 12.48 -1.29 30.68
N VAL B 1005 11.34 -1.57 30.06
CA VAL B 1005 10.64 -2.83 30.32
C VAL B 1005 11.39 -3.95 29.59
N LEU B 1006 12.35 -3.56 28.77
CA LEU B 1006 13.39 -4.46 28.28
C LEU B 1006 14.59 -4.64 29.24
N THR B 1007 15.05 -3.59 29.91
CA THR B 1007 16.17 -3.77 30.85
C THR B 1007 15.78 -4.48 32.15
N ILE B 1008 14.54 -4.31 32.58
CA ILE B 1008 14.04 -4.92 33.81
C ILE B 1008 14.01 -6.44 33.75
N ILE B 1009 13.54 -6.96 32.63
CA ILE B 1009 13.28 -8.37 32.49
C ILE B 1009 14.51 -9.28 32.55
N ARG B 1010 15.67 -8.81 32.10
CA ARG B 1010 16.88 -9.62 32.23
C ARG B 1010 17.27 -9.78 33.69
N SER B 1011 17.27 -8.67 34.42
CA SER B 1011 17.72 -8.71 35.80
C SER B 1011 17.06 -7.68 36.73
N LYS B 1012 16.80 -8.12 37.96
CA LYS B 1012 16.83 -9.55 38.29
C LYS B 1012 15.56 -10.02 38.97
N ARG B 1013 15.16 -9.19 39.93
CA ARG B 1013 14.39 -9.60 41.09
C ARG B 1013 12.94 -9.99 40.82
N TRP B 1014 12.42 -9.61 39.66
CA TRP B 1014 11.41 -10.46 39.05
C TRP B 1014 11.53 -10.54 37.55
N ASP B 1015 11.04 -11.65 37.01
CA ASP B 1015 10.82 -11.76 35.58
C ASP B 1015 9.63 -10.89 35.20
N GLU B 1016 8.46 -11.34 35.64
CA GLU B 1016 7.22 -10.59 35.54
C GLU B 1016 6.40 -10.75 36.82
N CYS B 1017 6.34 -9.71 37.66
CA CYS B 1017 5.82 -9.86 39.01
C CYS B 1017 4.31 -10.10 39.10
N LEU B 1018 3.86 -10.28 40.33
CA LEU B 1018 2.59 -10.92 40.70
C LEU B 1018 1.29 -10.15 40.39
N LYS B 1019 1.34 -8.83 40.47
CA LYS B 1019 0.33 -8.08 41.22
C LYS B 1019 -0.64 -7.25 40.38
N ILE B 1020 -1.90 -7.32 40.78
CA ILE B 1020 -3.03 -7.56 39.90
C ILE B 1020 -4.31 -6.99 40.51
N PHE B 1021 -5.39 -7.10 39.75
CA PHE B 1021 -6.70 -6.53 40.06
C PHE B 1021 -6.81 -5.01 39.88
N SER B 1022 -7.99 -4.44 40.15
CA SER B 1022 -9.26 -4.65 39.42
C SER B 1022 -10.22 -3.50 39.75
N HIS B 1023 -11.16 -3.20 38.85
CA HIS B 1023 -11.21 -3.71 37.47
C HIS B 1023 -10.11 -3.20 36.55
N ASN B 1024 -9.81 -1.90 36.66
CA ASN B 1024 -8.84 -1.28 35.78
C ASN B 1024 -7.61 -0.83 36.56
N SER B 1025 -6.44 -1.26 36.10
CA SER B 1025 -6.33 -1.95 34.82
C SER B 1025 -5.81 -3.38 35.00
N PRO B 1026 -6.38 -4.34 34.25
CA PRO B 1026 -6.19 -5.79 34.46
C PRO B 1026 -4.71 -6.11 34.32
N GLY B 1027 -4.21 -7.07 35.09
CA GLY B 1027 -2.80 -7.38 35.02
C GLY B 1027 -2.56 -8.85 34.83
N ASN B 1028 -1.35 -9.16 34.36
CA ASN B 1028 -0.37 -8.13 34.04
C ASN B 1028 0.27 -8.25 32.66
N LYS B 1029 0.47 -9.49 32.23
CA LYS B 1029 1.04 -9.77 30.92
C LYS B 1029 0.10 -9.40 29.77
N CYS B 1030 -1.20 -9.67 29.92
CA CYS B 1030 -2.07 -9.47 28.77
C CYS B 1030 -2.03 -7.99 28.31
N PRO B 1031 -1.95 -6.99 29.23
CA PRO B 1031 -1.73 -5.63 28.71
C PRO B 1031 -0.38 -5.43 28.01
N ILE B 1032 0.60 -6.30 28.30
CA ILE B 1032 1.87 -6.25 27.58
C ILE B 1032 1.54 -6.52 26.14
N THR B 1033 0.76 -7.57 25.96
CA THR B 1033 0.44 -8.06 24.62
C THR B 1033 -0.54 -7.18 23.84
N GLU B 1034 -1.51 -6.57 24.53
CA GLU B 1034 -2.33 -5.53 23.92
C GLU B 1034 -1.62 -4.22 23.59
N MET B 1035 -0.71 -3.78 24.46
CA MET B 1035 -0.28 -2.39 24.38
C MET B 1035 1.20 -2.07 24.13
N ILE B 1036 2.09 -3.04 24.29
CA ILE B 1036 3.33 -3.08 23.51
C ILE B 1036 3.75 -4.46 23.02
N GLU B 1037 3.43 -4.75 21.76
CA GLU B 1037 3.66 -6.07 21.21
C GLU B 1037 5.18 -6.25 21.10
N TYR B 1038 5.60 -7.46 20.79
CA TYR B 1038 6.99 -7.84 20.46
C TYR B 1038 7.91 -7.75 21.68
N LEU B 1039 7.45 -7.11 22.75
CA LEU B 1039 8.15 -7.13 24.01
C LEU B 1039 8.21 -8.59 24.48
N PRO B 1040 7.06 -9.32 24.40
CA PRO B 1040 7.18 -10.74 24.68
C PRO B 1040 8.33 -11.24 23.83
N GLU B 1041 8.29 -11.14 22.50
CA GLU B 1041 9.28 -11.80 21.62
C GLU B 1041 10.62 -11.97 22.32
N CYS B 1042 11.13 -10.86 22.87
CA CYS B 1042 12.39 -10.86 23.60
C CYS B 1042 12.21 -11.69 24.88
N MET B 1043 11.11 -11.46 25.61
CA MET B 1043 10.89 -12.21 26.87
C MET B 1043 10.83 -13.70 26.54
N LYS B 1044 10.33 -13.99 25.35
CA LYS B 1044 9.96 -15.32 24.87
C LYS B 1044 11.22 -16.09 24.58
N VAL B 1045 12.04 -15.55 23.68
CA VAL B 1045 13.26 -16.24 23.26
C VAL B 1045 14.18 -16.46 24.47
N LEU B 1046 14.03 -15.63 25.50
CA LEU B 1046 14.76 -15.82 26.75
C LEU B 1046 14.25 -17.10 27.42
N LEU B 1047 13.09 -17.57 26.97
CA LEU B 1047 12.54 -18.86 27.42
C LEU B 1047 12.40 -19.90 26.30
N ASP B 1048 12.78 -21.11 26.68
CA ASP B 1048 13.15 -22.27 25.85
C ASP B 1048 14.57 -22.63 26.20
N PHE B 1049 15.14 -23.56 25.45
CA PHE B 1049 16.52 -23.97 25.70
C PHE B 1049 17.36 -23.94 24.43
N CYS B 1050 16.95 -24.75 23.46
CA CYS B 1050 17.86 -25.34 22.48
C CYS B 1050 19.13 -25.71 23.23
N MET B 1051 18.94 -26.51 24.29
CA MET B 1051 19.97 -26.82 25.28
C MET B 1051 21.19 -27.47 24.64
N LEU B 1052 20.93 -28.32 23.66
CA LEU B 1052 21.94 -28.99 22.87
C LEU B 1052 21.92 -28.37 21.48
N HIS B 1053 23.08 -28.25 20.86
CA HIS B 1053 23.40 -27.12 20.01
C HIS B 1053 23.73 -27.62 18.62
N SER B 1054 23.05 -27.07 17.62
CA SER B 1054 22.69 -27.78 16.39
C SER B 1054 21.94 -29.09 16.66
N THR B 1055 22.44 -30.18 16.10
CA THR B 1055 21.63 -31.33 15.73
C THR B 1055 21.47 -32.40 16.82
N GLU B 1056 20.32 -33.08 16.78
CA GLU B 1056 19.93 -34.06 17.80
C GLU B 1056 19.70 -33.42 19.17
N ASP B 1057 18.93 -32.32 19.21
CA ASP B 1057 18.70 -31.61 20.49
C ASP B 1057 17.22 -31.60 20.88
N LYS B 1058 16.97 -31.92 22.15
CA LYS B 1058 15.65 -31.89 22.72
C LYS B 1058 15.49 -30.69 23.65
N SER B 1059 14.62 -29.72 23.35
CA SER B 1059 14.54 -28.49 24.15
C SER B 1059 13.19 -28.38 24.85
N CYS B 1060 13.21 -28.10 26.15
CA CYS B 1060 11.99 -27.91 26.94
C CYS B 1060 11.43 -26.51 26.66
N ARG B 1061 10.12 -26.34 26.85
CA ARG B 1061 9.50 -25.00 26.80
C ARG B 1061 8.63 -24.69 28.01
N ASP B 1062 9.24 -24.06 29.01
CA ASP B 1062 8.57 -23.52 30.18
C ASP B 1062 7.39 -22.61 29.81
N TYR B 1063 6.47 -22.38 30.74
CA TYR B 1063 5.36 -21.47 30.48
C TYR B 1063 5.16 -20.36 31.52
N TYR B 1064 5.21 -19.12 31.03
CA TYR B 1064 4.60 -17.97 31.70
C TYR B 1064 3.09 -17.91 31.57
N ILE B 1065 2.57 -18.44 30.46
CA ILE B 1065 1.24 -18.08 29.97
C ILE B 1065 0.09 -18.37 30.93
N GLU B 1066 0.11 -19.54 31.56
CA GLU B 1066 -1.03 -19.96 32.38
C GLU B 1066 -1.17 -19.04 33.57
N TYR B 1067 -2.40 -18.80 34.00
CA TYR B 1067 -2.67 -17.61 34.80
C TYR B 1067 -2.31 -17.63 36.30
N ASN B 1068 -2.34 -18.78 37.01
CA ASN B 1068 -3.03 -20.00 36.62
C ASN B 1068 -4.12 -20.33 37.65
N PHE B 1069 -5.35 -20.51 37.16
CA PHE B 1069 -6.50 -20.88 38.00
C PHE B 1069 -7.15 -22.10 37.31
N LYS B 1070 -8.18 -22.78 37.83
CA LYS B 1070 -9.25 -22.43 38.80
C LYS B 1070 -10.15 -21.28 38.32
N TYR B 1071 -10.68 -20.49 39.25
CA TYR B 1071 -11.53 -19.33 38.93
C TYR B 1071 -12.67 -19.68 37.98
N LEU B 1072 -13.46 -20.68 38.34
CA LEU B 1072 -14.67 -21.01 37.59
C LEU B 1072 -15.90 -20.95 38.50
N TYR B 1089 -10.44 -18.14 34.49
CA TYR B 1089 -10.79 -16.72 34.51
C TYR B 1089 -10.58 -16.09 33.13
N GLU B 1090 -11.61 -16.18 32.29
CA GLU B 1090 -11.50 -15.95 30.85
C GLU B 1090 -10.47 -16.92 30.32
N PRO B 1091 -10.56 -18.18 30.74
CA PRO B 1091 -9.52 -19.20 30.90
C PRO B 1091 -8.83 -19.52 29.57
N LEU B 1092 -7.55 -19.92 29.61
CA LEU B 1092 -6.52 -19.66 28.58
C LEU B 1092 -6.08 -18.20 28.42
N THR B 1093 -7.02 -17.27 28.50
CA THR B 1093 -6.75 -15.88 28.84
C THR B 1093 -5.74 -15.21 27.89
N ALA B 1094 -4.46 -15.23 28.25
CA ALA B 1094 -3.46 -14.39 27.61
C ALA B 1094 -3.37 -14.62 26.10
N LEU B 1095 -3.35 -15.88 25.69
CA LEU B 1095 -3.38 -16.24 24.28
C LEU B 1095 -4.59 -15.61 23.58
N ASN B 1096 -5.75 -15.82 24.20
CA ASN B 1096 -6.98 -15.20 23.77
C ASN B 1096 -6.82 -13.69 23.64
N ALA B 1097 -6.18 -13.06 24.62
CA ALA B 1097 -5.95 -11.62 24.56
C ALA B 1097 -4.94 -11.25 23.47
N MET B 1098 -4.19 -12.24 22.98
CA MET B 1098 -3.41 -12.03 21.77
C MET B 1098 -4.31 -11.97 20.54
N VAL B 1099 -5.20 -12.95 20.41
CA VAL B 1099 -6.12 -12.93 19.28
C VAL B 1099 -6.96 -11.65 19.36
N GLN B 1100 -7.35 -11.25 20.57
CA GLN B 1100 -8.19 -10.08 20.78
C GLN B 1100 -7.54 -9.22 21.86
N ASN B 1101 -6.57 -8.40 21.47
CA ASN B 1101 -6.20 -8.14 20.09
C ASN B 1101 -4.70 -7.88 20.02
N ASN B 1102 -4.15 -7.71 18.82
CA ASN B 1102 -4.47 -8.47 17.60
C ASN B 1102 -3.22 -9.13 17.04
N ARG B 1103 -2.13 -9.07 17.81
CA ARG B 1103 -0.84 -8.58 17.32
C ARG B 1103 -0.06 -9.48 16.36
N ILE B 1104 -0.07 -10.78 16.60
CA ILE B 1104 0.27 -11.81 15.59
C ILE B 1104 1.44 -11.44 14.65
N GLU B 1105 2.55 -11.01 15.22
CA GLU B 1105 3.79 -11.73 14.99
C GLU B 1105 4.50 -11.87 16.33
N LEU B 1106 3.72 -11.98 17.39
CA LEU B 1106 4.03 -12.86 18.51
C LEU B 1106 3.38 -14.23 18.40
N LEU B 1107 2.08 -14.24 18.13
CA LEU B 1107 1.30 -15.48 18.15
C LEU B 1107 1.93 -16.55 17.27
N ASN B 1108 2.47 -16.13 16.14
CA ASN B 1108 3.01 -17.03 15.15
C ASN B 1108 4.35 -17.55 15.69
N HIS B 1109 4.91 -16.86 16.69
CA HIS B 1109 6.24 -17.22 17.22
C HIS B 1109 6.33 -18.70 17.54
N PRO B 1110 7.31 -19.36 16.90
CA PRO B 1110 7.47 -20.82 16.88
C PRO B 1110 7.69 -21.43 18.26
N VAL B 1111 8.68 -20.91 19.00
CA VAL B 1111 9.25 -21.57 20.17
C VAL B 1111 8.22 -22.07 21.16
N CYS B 1112 7.09 -21.37 21.23
CA CYS B 1112 6.18 -21.51 22.36
C CYS B 1112 4.77 -21.87 21.93
N LYS B 1113 4.06 -20.85 21.45
CA LYS B 1113 2.60 -20.86 21.39
C LYS B 1113 2.14 -22.04 20.57
N GLU B 1114 2.81 -22.21 19.43
CA GLU B 1114 2.48 -23.24 18.48
C GLU B 1114 2.53 -24.60 19.16
N TYR B 1115 3.59 -24.82 19.94
CA TYR B 1115 3.71 -26.06 20.68
C TYR B 1115 2.61 -26.22 21.73
N LEU B 1116 2.40 -25.18 22.51
CA LEU B 1116 1.40 -25.21 23.58
C LEU B 1116 0.08 -25.71 23.00
N LEU B 1117 -0.38 -25.00 21.97
CA LEU B 1117 -1.65 -25.28 21.33
C LEU B 1117 -1.66 -26.64 20.65
N MET B 1118 -0.50 -27.09 20.19
CA MET B 1118 -0.36 -28.44 19.65
C MET B 1118 -0.66 -29.52 20.69
N LYS B 1119 -0.01 -29.44 21.83
CA LYS B 1119 -0.16 -30.51 22.80
C LYS B 1119 -1.48 -30.45 23.55
N TRP B 1120 -1.83 -29.30 24.09
CA TRP B 1120 -3.22 -28.93 24.39
C TRP B 1120 -4.29 -29.50 23.41
N LEU B 1121 -4.03 -29.34 22.11
CA LEU B 1121 -4.70 -30.13 21.07
C LEU B 1121 -4.49 -31.64 21.10
N ALA B 1122 -3.54 -32.19 21.85
CA ALA B 1122 -3.69 -33.64 22.06
C ALA B 1122 -4.98 -34.08 22.81
N TYR B 1123 -5.24 -33.60 24.03
CA TYR B 1123 -6.50 -34.02 24.65
C TYR B 1123 -7.60 -33.45 23.75
N GLY B 1124 -7.36 -32.24 23.19
CA GLY B 1124 -8.42 -31.51 22.52
C GLY B 1124 -8.86 -32.39 21.38
N PHE B 1125 -7.89 -33.14 20.87
CA PHE B 1125 -8.08 -34.04 19.74
C PHE B 1125 -9.07 -35.03 20.31
N ARG B 1126 -8.64 -35.64 21.41
CA ARG B 1126 -9.36 -36.78 21.99
C ARG B 1126 -10.85 -36.48 22.27
N ALA B 1127 -11.18 -35.26 22.71
CA ALA B 1127 -12.59 -34.88 22.85
C ALA B 1127 -13.24 -34.61 21.49
N HIS B 1128 -12.48 -33.94 20.62
CA HIS B 1128 -13.04 -33.39 19.38
C HIS B 1128 -13.54 -34.57 18.58
N MET B 1129 -12.61 -35.51 18.34
CA MET B 1129 -12.84 -36.66 17.50
C MET B 1129 -14.05 -37.36 18.08
N MET B 1130 -14.17 -37.37 19.41
CA MET B 1130 -15.23 -38.09 20.08
C MET B 1130 -16.58 -37.51 19.65
N ASN B 1131 -16.66 -36.17 19.63
CA ASN B 1131 -17.86 -35.55 19.07
C ASN B 1131 -18.04 -35.95 17.61
N LEU B 1132 -16.97 -35.97 16.82
CA LEU B 1132 -17.07 -36.31 15.40
C LEU B 1132 -17.71 -37.70 15.29
N GLY B 1133 -17.28 -38.58 16.19
CA GLY B 1133 -17.50 -40.01 16.15
C GLY B 1133 -18.96 -40.25 16.41
N SER B 1134 -19.49 -39.57 17.43
CA SER B 1134 -20.93 -39.56 17.68
C SER B 1134 -21.69 -39.16 16.41
N TYR B 1135 -21.10 -38.26 15.64
CA TYR B 1135 -21.66 -37.90 14.34
C TYR B 1135 -21.24 -38.88 13.23
N CYS B 1136 -20.20 -39.67 13.49
CA CYS B 1136 -19.50 -40.44 12.44
C CYS B 1136 -20.27 -41.74 12.24
N LEU B 1137 -20.58 -42.36 13.38
CA LEU B 1137 -21.34 -43.61 13.46
C LEU B 1137 -22.77 -43.38 12.98
N GLY B 1138 -23.07 -42.12 12.69
CA GLY B 1138 -24.23 -41.73 11.92
C GLY B 1138 -23.89 -41.66 10.43
N LEU B 1139 -22.76 -41.05 10.09
CA LEU B 1139 -22.40 -40.81 8.68
C LEU B 1139 -22.10 -42.03 7.84
N ILE B 1140 -21.36 -42.98 8.39
CA ILE B 1140 -21.00 -44.15 7.59
C ILE B 1140 -22.20 -45.09 7.32
N PRO B 1141 -23.10 -45.29 8.32
CA PRO B 1141 -24.42 -45.86 8.05
C PRO B 1141 -25.14 -45.44 6.77
N MET B 1142 -25.28 -44.14 6.50
CA MET B 1142 -26.13 -43.68 5.40
C MET B 1142 -25.55 -44.25 4.13
N THR B 1143 -24.24 -44.06 4.01
CA THR B 1143 -23.47 -44.53 2.88
C THR B 1143 -23.70 -46.02 2.71
N ILE B 1144 -23.54 -46.80 3.78
CA ILE B 1144 -23.69 -48.25 3.67
C ILE B 1144 -25.10 -48.67 3.22
N LEU B 1145 -26.13 -48.05 3.79
CA LEU B 1145 -27.49 -48.43 3.43
C LEU B 1145 -27.82 -48.12 1.99
N VAL B 1146 -27.45 -46.92 1.53
CA VAL B 1146 -27.88 -46.53 0.21
C VAL B 1146 -26.98 -47.07 -0.89
N VAL B 1147 -25.72 -47.35 -0.55
CA VAL B 1147 -24.84 -48.03 -1.50
C VAL B 1147 -25.14 -49.52 -1.61
N ASN B 1148 -25.58 -50.15 -0.52
CA ASN B 1148 -25.68 -51.61 -0.54
C ASN B 1148 -26.99 -52.23 -1.02
N ILE B 1149 -28.12 -51.79 -0.47
CA ILE B 1149 -29.37 -51.83 -1.23
C ILE B 1149 -30.49 -50.95 -0.67
N LYS B 1150 -31.52 -50.70 -1.48
CA LYS B 1150 -31.38 -50.43 -2.91
C LYS B 1150 -32.32 -49.31 -3.29
N PRO B 1151 -32.14 -48.70 -4.48
CA PRO B 1151 -33.14 -47.69 -4.79
C PRO B 1151 -34.33 -48.31 -5.53
N GLY B 1152 -35.51 -48.20 -4.94
CA GLY B 1152 -36.70 -48.70 -5.61
C GLY B 1152 -37.52 -49.53 -4.66
N MET B 1153 -36.85 -50.52 -4.06
CA MET B 1153 -37.51 -51.56 -3.28
C MET B 1153 -38.17 -50.96 -2.05
N ALA B 1154 -39.39 -51.40 -1.80
CA ALA B 1154 -40.25 -50.79 -0.79
C ALA B 1154 -39.63 -50.97 0.58
N PHE B 1155 -38.95 -52.10 0.76
CA PHE B 1155 -37.71 -52.19 1.52
C PHE B 1155 -37.15 -53.61 1.60
N ASN B 1156 -36.70 -54.14 0.45
CA ASN B 1156 -36.43 -55.57 0.22
C ASN B 1156 -36.80 -56.53 1.34
N THR B 1173 -32.25 -62.70 -0.61
CA THR B 1173 -32.11 -61.44 0.11
C THR B 1173 -31.27 -61.63 1.36
N THR B 1174 -30.02 -62.03 1.12
CA THR B 1174 -29.13 -62.20 2.28
C THR B 1174 -28.50 -60.80 2.61
N ASN B 1175 -27.38 -60.79 3.35
CA ASN B 1175 -26.65 -59.61 3.91
C ASN B 1175 -27.59 -58.99 4.88
N SER B 1176 -28.62 -59.69 5.31
CA SER B 1176 -29.66 -59.18 6.16
C SER B 1176 -29.13 -58.58 7.46
N TYR B 1177 -28.09 -59.18 8.01
CA TYR B 1177 -27.46 -58.61 9.21
C TYR B 1177 -26.72 -57.27 9.03
N LEU B 1178 -25.96 -57.12 7.95
CA LEU B 1178 -25.35 -55.81 7.68
C LEU B 1178 -26.39 -54.71 7.87
N ILE B 1179 -27.53 -54.93 7.23
CA ILE B 1179 -28.64 -53.99 7.25
C ILE B 1179 -29.34 -53.86 8.59
N LYS B 1180 -29.55 -54.97 9.30
CA LYS B 1180 -30.28 -54.85 10.56
C LYS B 1180 -29.43 -54.03 11.52
N THR B 1181 -28.16 -54.42 11.63
CA THR B 1181 -27.23 -53.76 12.55
C THR B 1181 -27.16 -52.29 12.27
N CYS B 1182 -26.89 -51.95 11.02
CA CYS B 1182 -26.72 -50.55 10.69
C CYS B 1182 -28.02 -49.79 10.94
N MET B 1183 -29.15 -50.41 10.62
CA MET B 1183 -30.44 -49.76 10.80
C MET B 1183 -30.75 -49.35 12.24
N ILE B 1184 -30.62 -50.32 13.14
CA ILE B 1184 -30.96 -50.05 14.53
C ILE B 1184 -29.96 -49.03 15.06
N LEU B 1185 -28.70 -49.20 14.65
CA LEU B 1185 -27.64 -48.28 15.05
C LEU B 1185 -28.01 -46.85 14.65
N VAL B 1186 -28.58 -46.68 13.46
CA VAL B 1186 -29.03 -45.36 13.00
C VAL B 1186 -30.19 -44.83 13.82
N PHE B 1187 -31.16 -45.68 14.12
CA PHE B 1187 -32.35 -45.25 14.84
C PHE B 1187 -31.92 -44.68 16.18
N LEU B 1188 -30.97 -45.36 16.81
CA LEU B 1188 -30.44 -44.92 18.10
C LEU B 1188 -29.55 -43.70 17.95
N SER B 1189 -28.78 -43.65 16.86
CA SER B 1189 -27.88 -42.54 16.52
C SER B 1189 -28.62 -41.21 16.27
N SER B 1190 -29.89 -41.33 15.89
CA SER B 1190 -30.79 -40.19 15.73
C SER B 1190 -31.17 -39.38 16.97
N ILE B 1191 -31.65 -40.02 18.02
CA ILE B 1191 -32.23 -39.27 19.13
C ILE B 1191 -31.23 -38.54 20.04
N PHE B 1192 -29.95 -38.89 19.95
CA PHE B 1192 -28.97 -38.51 20.99
C PHE B 1192 -28.93 -37.04 21.39
N GLY B 1193 -28.97 -36.14 20.41
CA GLY B 1193 -28.90 -34.72 20.71
C GLY B 1193 -30.27 -34.21 21.11
N TYR B 1194 -31.24 -34.68 20.32
CA TYR B 1194 -32.64 -34.39 20.48
C TYR B 1194 -33.32 -35.40 21.39
N ILE B 1212 -28.97 -21.41 9.77
CA ILE B 1212 -27.71 -21.79 10.41
C ILE B 1212 -27.70 -23.26 10.81
N SER B 1213 -26.79 -23.62 11.70
CA SER B 1213 -26.54 -25.02 12.08
C SER B 1213 -27.66 -25.74 12.84
N ASN B 1214 -28.49 -25.00 13.57
CA ASN B 1214 -29.46 -25.65 14.44
C ASN B 1214 -30.76 -26.10 13.78
N VAL B 1215 -31.19 -25.38 12.74
CA VAL B 1215 -32.31 -25.84 11.93
C VAL B 1215 -31.86 -27.02 11.09
N LEU B 1216 -30.55 -27.10 10.85
CA LEU B 1216 -29.95 -28.25 10.20
C LEU B 1216 -29.98 -29.44 11.15
N GLU B 1217 -29.67 -29.18 12.42
CA GLU B 1217 -29.75 -30.19 13.47
C GLU B 1217 -31.19 -30.66 13.70
N TRP B 1218 -32.15 -29.79 13.44
CA TRP B 1218 -33.56 -30.17 13.52
C TRP B 1218 -33.98 -31.07 12.35
N ILE B 1219 -33.79 -30.54 11.14
CA ILE B 1219 -34.26 -31.21 9.94
C ILE B 1219 -33.59 -32.56 9.80
N ILE B 1220 -32.28 -32.63 10.05
CA ILE B 1220 -31.60 -33.89 9.80
C ILE B 1220 -32.21 -35.00 10.65
N TYR B 1221 -32.45 -34.74 11.93
CA TYR B 1221 -32.90 -35.83 12.79
C TYR B 1221 -34.29 -36.26 12.40
N THR B 1222 -35.19 -35.28 12.18
CA THR B 1222 -36.56 -35.68 11.82
C THR B 1222 -36.64 -36.47 10.52
N THR B 1223 -35.86 -36.05 9.52
CA THR B 1223 -35.86 -36.81 8.28
C THR B 1223 -35.21 -38.19 8.47
N GLY B 1224 -34.24 -38.30 9.37
CA GLY B 1224 -33.65 -39.60 9.67
C GLY B 1224 -34.72 -40.54 10.22
N ILE B 1225 -35.54 -39.98 11.11
CA ILE B 1225 -36.62 -40.74 11.73
C ILE B 1225 -37.65 -41.22 10.72
N ILE B 1226 -38.06 -40.35 9.78
CA ILE B 1226 -39.02 -40.81 8.80
C ILE B 1226 -38.30 -41.91 8.03
N PHE B 1227 -37.01 -41.70 7.78
CA PHE B 1227 -36.22 -42.61 6.97
C PHE B 1227 -36.34 -44.03 7.47
N VAL B 1228 -36.25 -44.21 8.80
CA VAL B 1228 -36.35 -45.57 9.33
C VAL B 1228 -37.60 -45.99 10.15
N LEU B 1229 -38.68 -45.22 10.13
CA LEU B 1229 -39.86 -45.69 10.89
C LEU B 1229 -40.45 -47.06 10.46
N PRO B 1230 -40.71 -47.29 9.16
CA PRO B 1230 -41.44 -48.49 8.69
C PRO B 1230 -41.04 -49.87 9.27
N LEU B 1231 -39.92 -49.99 9.97
CA LEU B 1231 -39.74 -51.17 10.82
C LEU B 1231 -40.72 -51.18 12.00
N PHE B 1232 -41.01 -50.00 12.57
CA PHE B 1232 -42.05 -49.91 13.61
C PHE B 1232 -43.45 -49.44 13.22
N VAL B 1233 -43.78 -49.34 11.93
CA VAL B 1233 -45.18 -49.16 11.50
C VAL B 1233 -45.25 -49.68 10.05
N GLU B 1234 -46.41 -49.58 9.40
CA GLU B 1234 -46.54 -49.71 7.96
C GLU B 1234 -46.74 -48.32 7.36
N ILE B 1235 -45.88 -47.94 6.41
CA ILE B 1235 -45.96 -46.62 5.79
C ILE B 1235 -45.34 -46.65 4.40
N PRO B 1236 -45.69 -45.66 3.56
CA PRO B 1236 -46.18 -45.88 2.19
C PRO B 1236 -45.16 -46.65 1.36
N ALA B 1237 -43.90 -46.55 1.78
CA ALA B 1237 -42.68 -47.06 1.13
C ALA B 1237 -42.02 -46.06 0.18
N HIS B 1238 -42.72 -45.60 -0.84
CA HIS B 1238 -42.07 -44.59 -1.66
C HIS B 1238 -41.84 -43.30 -0.83
N LEU B 1239 -42.84 -42.84 -0.11
CA LEU B 1239 -42.65 -41.60 0.66
C LEU B 1239 -41.37 -41.65 1.49
N GLN B 1240 -41.24 -42.74 2.23
CA GLN B 1240 -40.13 -42.95 3.16
C GLN B 1240 -38.84 -42.91 2.39
N TRP B 1241 -38.82 -43.62 1.28
CA TRP B 1241 -37.64 -43.64 0.43
C TRP B 1241 -37.38 -42.22 -0.06
N GLN B 1242 -38.44 -41.48 -0.35
CA GLN B 1242 -38.26 -40.15 -0.92
C GLN B 1242 -37.54 -39.23 0.03
N CYS B 1243 -38.06 -39.12 1.25
CA CYS B 1243 -37.48 -38.18 2.20
C CYS B 1243 -36.14 -38.68 2.75
N GLY B 1244 -35.87 -39.96 2.52
CA GLY B 1244 -34.49 -40.42 2.62
C GLY B 1244 -33.43 -39.66 1.83
N ALA B 1245 -33.78 -39.19 0.63
CA ALA B 1245 -32.83 -38.46 -0.21
C ALA B 1245 -32.37 -37.19 0.51
N ILE B 1246 -33.38 -36.45 0.98
CA ILE B 1246 -33.17 -35.19 1.67
C ILE B 1246 -32.30 -35.48 2.87
N ALA B 1247 -32.66 -36.55 3.58
CA ALA B 1247 -31.92 -36.93 4.77
C ALA B 1247 -30.43 -37.07 4.46
N VAL B 1248 -30.09 -37.83 3.43
CA VAL B 1248 -28.68 -38.01 3.06
C VAL B 1248 -27.98 -36.69 2.75
N TYR B 1249 -28.59 -35.92 1.85
CA TYR B 1249 -27.97 -34.71 1.34
C TYR B 1249 -27.68 -33.70 2.46
N PHE B 1250 -28.73 -33.37 3.22
CA PHE B 1250 -28.57 -32.41 4.30
C PHE B 1250 -27.60 -32.97 5.31
N TYR B 1251 -27.65 -34.28 5.48
CA TYR B 1251 -26.79 -34.97 6.42
C TYR B 1251 -25.37 -34.50 6.15
N TRP B 1252 -24.84 -34.91 4.99
CA TRP B 1252 -23.45 -34.62 4.65
C TRP B 1252 -23.11 -33.14 4.62
N MET B 1253 -23.97 -32.32 4.01
CA MET B 1253 -23.58 -30.92 3.87
C MET B 1253 -23.47 -30.33 5.26
N ASN B 1254 -24.31 -30.81 6.18
CA ASN B 1254 -24.24 -30.39 7.56
C ASN B 1254 -22.87 -30.78 8.06
N PHE B 1255 -22.46 -32.02 7.74
CA PHE B 1255 -21.20 -32.56 8.23
C PHE B 1255 -19.99 -31.71 7.85
N LEU B 1256 -20.07 -31.03 6.72
CA LEU B 1256 -19.04 -30.05 6.37
C LEU B 1256 -18.75 -29.04 7.48
N LEU B 1257 -19.77 -28.45 8.08
CA LEU B 1257 -19.58 -27.52 9.20
C LEU B 1257 -18.87 -28.13 10.41
N TYR B 1258 -18.99 -29.43 10.64
CA TYR B 1258 -18.15 -30.05 11.64
C TYR B 1258 -16.72 -30.10 11.13
N LEU B 1259 -16.56 -30.35 9.83
CA LEU B 1259 -15.22 -30.30 9.27
C LEU B 1259 -14.67 -28.87 9.15
N GLN B 1260 -15.49 -27.89 9.50
CA GLN B 1260 -15.05 -26.48 9.49
C GLN B 1260 -13.90 -26.32 10.46
N ARG B 1261 -14.01 -27.02 11.58
CA ARG B 1261 -12.95 -27.10 12.57
C ARG B 1261 -11.82 -27.99 12.10
N PHE B 1262 -10.68 -27.87 12.81
CA PHE B 1262 -9.33 -28.31 12.44
C PHE B 1262 -8.51 -27.26 11.68
N GLU B 1263 -7.31 -27.64 11.25
CA GLU B 1263 -6.40 -26.74 10.55
C GLU B 1263 -6.45 -26.77 9.03
N ASN B 1264 -6.46 -27.96 8.43
CA ASN B 1264 -6.27 -28.09 6.99
C ASN B 1264 -7.47 -27.50 6.25
N CYS B 1265 -8.65 -27.97 6.64
CA CYS B 1265 -9.91 -27.44 6.13
C CYS B 1265 -10.16 -26.05 6.71
N GLY B 1266 -9.79 -25.86 7.98
CA GLY B 1266 -10.39 -24.88 8.86
C GLY B 1266 -10.58 -23.47 8.30
N ILE B 1267 -9.86 -23.16 7.23
CA ILE B 1267 -9.90 -21.84 6.62
C ILE B 1267 -10.83 -21.90 5.42
N PHE B 1268 -10.84 -23.05 4.77
CA PHE B 1268 -11.53 -23.26 3.51
C PHE B 1268 -13.01 -22.90 3.66
N ILE B 1269 -13.63 -23.53 4.65
CA ILE B 1269 -15.07 -23.49 4.80
C ILE B 1269 -15.60 -22.14 5.24
N VAL B 1270 -14.88 -21.42 6.11
CA VAL B 1270 -15.38 -20.12 6.56
C VAL B 1270 -15.45 -19.26 5.30
N MET B 1271 -14.42 -19.38 4.47
CA MET B 1271 -14.40 -18.75 3.15
C MET B 1271 -15.67 -19.09 2.38
N LEU B 1272 -16.01 -20.37 2.30
CA LEU B 1272 -17.21 -20.75 1.55
C LEU B 1272 -18.54 -20.24 2.14
N GLU B 1273 -18.67 -20.22 3.46
CA GLU B 1273 -19.91 -19.72 4.06
C GLU B 1273 -20.04 -18.22 3.81
N VAL B 1274 -18.95 -17.48 3.99
CA VAL B 1274 -19.00 -16.03 3.81
C VAL B 1274 -19.28 -15.69 2.36
N ILE B 1275 -18.65 -16.40 1.43
CA ILE B 1275 -18.87 -16.11 0.03
C ILE B 1275 -20.32 -16.41 -0.30
N LEU B 1276 -20.88 -17.49 0.25
CA LEU B 1276 -22.26 -17.84 -0.03
C LEU B 1276 -23.26 -16.79 0.51
N LYS B 1277 -23.02 -16.25 1.72
CA LYS B 1277 -23.88 -15.18 2.18
C LYS B 1277 -23.77 -13.99 1.24
N THR B 1278 -22.55 -13.74 0.74
CA THR B 1278 -22.34 -12.65 -0.21
C THR B 1278 -23.18 -12.94 -1.46
N LEU B 1279 -23.32 -14.21 -1.77
CA LEU B 1279 -24.12 -14.68 -2.91
C LEU B 1279 -25.60 -14.37 -2.74
N LEU B 1280 -26.14 -14.52 -1.54
CA LEU B 1280 -27.59 -14.33 -1.40
C LEU B 1280 -28.25 -12.93 -1.61
N ARG B 1281 -27.52 -11.84 -1.35
CA ARG B 1281 -28.08 -10.54 -1.75
C ARG B 1281 -28.26 -10.53 -3.26
N SER B 1282 -27.22 -10.96 -3.93
CA SER B 1282 -27.27 -11.10 -5.37
C SER B 1282 -28.45 -11.98 -5.74
N THR B 1283 -28.69 -13.07 -5.00
CA THR B 1283 -29.75 -13.98 -5.42
C THR B 1283 -31.12 -13.34 -5.29
N VAL B 1284 -31.36 -12.47 -4.31
CA VAL B 1284 -32.65 -11.78 -4.40
C VAL B 1284 -32.70 -10.89 -5.65
N VAL B 1285 -31.66 -10.09 -5.91
CA VAL B 1285 -31.84 -9.23 -7.09
C VAL B 1285 -31.84 -9.89 -8.49
N PHE B 1286 -31.05 -10.94 -8.76
CA PHE B 1286 -31.38 -11.77 -9.93
C PHE B 1286 -32.49 -12.80 -9.70
N ILE B 1287 -33.18 -12.79 -8.57
CA ILE B 1287 -34.40 -13.60 -8.54
C ILE B 1287 -35.53 -12.71 -8.96
N PHE B 1288 -35.26 -11.41 -9.06
CA PHE B 1288 -36.11 -10.67 -9.98
C PHE B 1288 -35.60 -10.58 -11.43
N LEU B 1289 -34.29 -10.46 -11.63
CA LEU B 1289 -33.79 -10.39 -13.00
C LEU B 1289 -33.93 -11.69 -13.82
N LEU B 1290 -33.49 -12.80 -13.24
CA LEU B 1290 -33.51 -14.06 -13.97
C LEU B 1290 -34.95 -14.48 -14.18
N LEU B 1291 -35.80 -14.05 -13.26
CA LEU B 1291 -37.24 -14.28 -13.37
C LEU B 1291 -37.77 -13.55 -14.59
N ALA B 1292 -37.41 -12.28 -14.73
CA ALA B 1292 -37.78 -11.52 -15.92
C ALA B 1292 -37.38 -12.22 -17.22
N PHE B 1293 -36.14 -12.69 -17.27
CA PHE B 1293 -35.70 -13.38 -18.49
C PHE B 1293 -36.54 -14.63 -18.73
N GLY B 1294 -36.80 -15.32 -17.62
CA GLY B 1294 -37.52 -16.58 -17.62
C GLY B 1294 -38.83 -16.36 -18.33
N LEU B 1295 -39.55 -15.32 -17.90
CA LEU B 1295 -40.84 -15.02 -18.50
C LEU B 1295 -40.75 -14.56 -19.96
N SER B 1296 -39.73 -13.78 -20.31
CA SER B 1296 -39.60 -13.38 -21.71
C SER B 1296 -39.43 -14.58 -22.65
N PHE B 1297 -38.58 -15.53 -22.25
CA PHE B 1297 -38.42 -16.76 -23.03
C PHE B 1297 -39.66 -17.61 -22.97
N TYR B 1298 -40.41 -17.48 -21.87
CA TYR B 1298 -41.70 -18.13 -21.77
C TYR B 1298 -42.58 -17.70 -22.92
N ILE B 1299 -42.68 -16.38 -23.14
CA ILE B 1299 -43.57 -15.89 -24.19
C ILE B 1299 -43.06 -16.15 -25.60
N LEU B 1300 -41.77 -15.97 -25.86
CA LEU B 1300 -41.33 -16.14 -27.25
C LEU B 1300 -41.36 -17.56 -27.82
N LEU B 1301 -40.97 -18.57 -27.06
CA LEU B 1301 -41.02 -19.92 -27.61
C LEU B 1301 -41.69 -20.94 -26.72
N ASN B 1302 -42.97 -20.78 -26.44
CA ASN B 1302 -43.68 -21.87 -25.77
C ASN B 1302 -44.71 -22.58 -26.64
N LEU B 1303 -44.66 -22.35 -27.95
CA LEU B 1303 -45.07 -23.38 -28.88
C LEU B 1303 -44.20 -24.58 -28.58
N GLN B 1304 -42.91 -24.30 -28.41
CA GLN B 1304 -41.90 -25.34 -28.34
C GLN B 1304 -41.93 -25.93 -26.93
N ASP B 1305 -41.51 -27.19 -26.80
CA ASP B 1305 -41.37 -27.87 -25.51
C ASP B 1305 -39.91 -28.24 -25.29
N PRO B 1306 -39.34 -27.90 -24.12
CA PRO B 1306 -39.95 -27.28 -22.94
C PRO B 1306 -39.98 -25.76 -22.98
N PHE B 1307 -41.15 -25.14 -23.03
CA PHE B 1307 -41.33 -23.83 -22.41
C PHE B 1307 -42.73 -23.67 -21.87
N SER B 1308 -43.55 -24.71 -22.01
CA SER B 1308 -44.93 -24.66 -21.55
C SER B 1308 -44.92 -24.38 -20.06
N SER B 1309 -45.77 -23.44 -19.65
CA SER B 1309 -46.02 -23.08 -18.26
C SER B 1309 -44.87 -22.20 -17.75
N PRO B 1310 -45.15 -21.32 -16.77
CA PRO B 1310 -44.19 -20.35 -16.23
C PRO B 1310 -43.01 -21.07 -15.59
N LEU B 1311 -43.31 -22.06 -14.76
CA LEU B 1311 -42.36 -22.64 -13.84
C LEU B 1311 -41.23 -23.35 -14.58
N LEU B 1312 -41.60 -24.19 -15.54
CA LEU B 1312 -40.65 -24.75 -16.49
C LEU B 1312 -39.75 -23.70 -17.12
N SER B 1313 -40.34 -22.61 -17.59
CA SER B 1313 -39.58 -21.56 -18.27
C SER B 1313 -38.52 -20.93 -17.37
N ILE B 1314 -38.95 -20.48 -16.19
CA ILE B 1314 -38.04 -19.81 -15.28
C ILE B 1314 -36.93 -20.75 -14.80
N ILE B 1315 -37.29 -21.99 -14.46
CA ILE B 1315 -36.25 -22.95 -14.05
C ILE B 1315 -35.28 -23.22 -15.20
N GLN B 1316 -35.82 -23.29 -16.41
CA GLN B 1316 -35.00 -23.55 -17.58
C GLN B 1316 -33.96 -22.47 -17.80
N THR B 1317 -34.40 -21.22 -17.73
CA THR B 1317 -33.51 -20.07 -17.89
C THR B 1317 -32.48 -20.04 -16.78
N PHE B 1318 -32.93 -20.45 -15.59
CA PHE B 1318 -32.03 -20.55 -14.46
C PHE B 1318 -30.88 -21.48 -14.82
N SER B 1319 -31.23 -22.65 -15.36
CA SER B 1319 -30.20 -23.61 -15.78
C SER B 1319 -29.35 -22.99 -16.88
N MET B 1320 -29.98 -22.15 -17.69
CA MET B 1320 -29.29 -21.50 -18.81
C MET B 1320 -28.20 -20.56 -18.35
N MET B 1321 -28.35 -19.98 -17.17
CA MET B 1321 -27.33 -19.05 -16.64
C MET B 1321 -25.93 -19.63 -16.72
N LEU B 1322 -25.81 -20.89 -16.33
CA LEU B 1322 -24.54 -21.51 -15.97
C LEU B 1322 -23.42 -21.26 -16.97
N GLY B 1323 -23.76 -21.29 -18.25
CA GLY B 1323 -22.81 -21.70 -19.25
C GLY B 1323 -23.52 -21.97 -20.55
N ASP B 1324 -23.86 -23.22 -20.79
CA ASP B 1324 -24.37 -23.63 -22.09
C ASP B 1324 -25.73 -23.01 -22.44
N ILE B 1325 -25.86 -22.61 -23.70
CA ILE B 1325 -26.95 -21.75 -24.16
C ILE B 1325 -28.38 -22.31 -24.44
N ASN B 1326 -28.60 -23.62 -24.66
CA ASN B 1326 -27.61 -24.71 -24.66
C ASN B 1326 -27.62 -25.82 -25.73
N TYR B 1327 -28.76 -26.27 -26.28
CA TYR B 1327 -30.06 -25.60 -26.51
C TYR B 1327 -29.79 -24.27 -27.23
N ARG B 1328 -28.93 -24.38 -28.24
CA ARG B 1328 -28.98 -23.60 -29.46
C ARG B 1328 -29.50 -24.55 -30.55
N GLU B 1329 -29.84 -25.76 -30.11
CA GLU B 1329 -30.60 -26.71 -30.90
C GLU B 1329 -32.10 -26.47 -30.66
N SER B 1330 -32.40 -25.41 -29.92
CA SER B 1330 -33.79 -25.01 -29.70
C SER B 1330 -34.24 -23.69 -30.33
N PHE B 1331 -33.35 -22.90 -30.90
CA PHE B 1331 -33.80 -21.85 -31.80
C PHE B 1331 -33.69 -22.29 -33.25
N LEU B 1332 -32.48 -22.72 -33.60
CA LEU B 1332 -32.09 -22.97 -34.96
C LEU B 1332 -33.07 -23.81 -35.76
N GLU B 1333 -33.36 -24.99 -35.23
CA GLU B 1333 -34.20 -25.97 -35.91
C GLU B 1333 -35.63 -25.49 -36.06
N PRO B 1334 -36.27 -24.97 -34.98
CA PRO B 1334 -37.50 -24.22 -35.20
C PRO B 1334 -37.39 -23.21 -36.35
N TYR B 1335 -36.34 -22.38 -36.34
CA TYR B 1335 -36.22 -21.30 -37.31
C TYR B 1335 -36.21 -21.81 -38.76
N LEU B 1336 -35.44 -22.88 -39.02
CA LEU B 1336 -35.42 -23.50 -40.36
C LEU B 1336 -36.72 -24.22 -40.66
N ARG B 1337 -37.32 -24.79 -39.62
CA ARG B 1337 -38.66 -25.35 -39.70
C ARG B 1337 -39.57 -24.21 -40.10
N ASN B 1338 -39.30 -23.07 -39.48
CA ASN B 1338 -40.03 -21.82 -39.58
C ASN B 1338 -41.17 -21.93 -38.59
N GLU B 1339 -41.06 -22.95 -37.73
CA GLU B 1339 -41.97 -23.17 -36.61
C GLU B 1339 -42.00 -21.98 -35.67
N LEU B 1340 -40.82 -21.45 -35.32
CA LEU B 1340 -40.80 -20.46 -34.25
C LEU B 1340 -41.33 -19.15 -34.80
N ALA B 1341 -42.28 -18.59 -34.08
CA ALA B 1341 -42.83 -17.31 -34.44
C ALA B 1341 -41.81 -16.27 -34.01
N HIS B 1342 -41.90 -15.07 -34.58
CA HIS B 1342 -41.11 -13.93 -34.13
C HIS B 1342 -39.61 -14.14 -34.26
N PRO B 1343 -39.13 -14.62 -35.42
CA PRO B 1343 -37.67 -14.65 -35.55
C PRO B 1343 -36.99 -13.31 -35.27
N VAL B 1344 -37.54 -12.25 -35.87
CA VAL B 1344 -36.89 -10.94 -35.92
C VAL B 1344 -36.52 -10.51 -34.52
N LEU B 1345 -37.51 -10.54 -33.65
CA LEU B 1345 -37.32 -10.13 -32.27
C LEU B 1345 -36.48 -11.15 -31.52
N SER B 1346 -36.79 -12.43 -31.70
CA SER B 1346 -36.28 -13.47 -30.82
C SER B 1346 -34.76 -13.57 -30.85
N PHE B 1347 -34.19 -13.48 -32.05
CA PHE B 1347 -32.71 -13.49 -32.14
C PHE B 1347 -32.11 -12.36 -31.31
N ALA B 1348 -32.75 -11.20 -31.39
CA ALA B 1348 -32.37 -10.02 -30.62
C ALA B 1348 -32.42 -10.39 -29.15
N GLN B 1349 -33.49 -11.09 -28.76
CA GLN B 1349 -33.67 -11.48 -27.38
C GLN B 1349 -32.49 -12.31 -26.90
N LEU B 1350 -32.02 -13.23 -27.74
CA LEU B 1350 -30.92 -14.07 -27.27
C LEU B 1350 -29.60 -13.30 -27.24
N VAL B 1351 -29.38 -12.39 -28.18
CA VAL B 1351 -28.12 -11.64 -28.13
C VAL B 1351 -28.10 -10.72 -26.91
N SER B 1352 -29.24 -10.12 -26.58
CA SER B 1352 -29.37 -9.34 -25.34
C SER B 1352 -29.12 -10.21 -24.13
N PHE B 1353 -29.68 -11.41 -24.19
CA PHE B 1353 -29.58 -12.36 -23.10
C PHE B 1353 -28.11 -12.67 -22.81
N THR B 1354 -27.35 -13.00 -23.84
CA THR B 1354 -25.94 -13.29 -23.63
C THR B 1354 -25.18 -12.03 -23.20
N ILE B 1355 -25.62 -10.84 -23.63
CA ILE B 1355 -24.98 -9.65 -23.07
C ILE B 1355 -25.27 -9.48 -21.57
N PHE B 1356 -26.38 -10.04 -21.06
CA PHE B 1356 -26.72 -9.82 -19.64
C PHE B 1356 -26.69 -10.95 -18.62
N VAL B 1357 -26.35 -12.18 -18.99
CA VAL B 1357 -26.23 -13.19 -17.92
C VAL B 1357 -25.04 -14.13 -18.12
N PRO B 1358 -24.91 -14.78 -19.30
CA PRO B 1358 -23.76 -15.68 -19.45
C PRO B 1358 -22.44 -14.97 -19.22
N ILE B 1359 -22.29 -13.76 -19.73
CA ILE B 1359 -21.03 -13.04 -19.57
C ILE B 1359 -20.93 -12.05 -18.41
N VAL B 1360 -21.72 -10.98 -18.43
CA VAL B 1360 -21.55 -9.92 -17.45
C VAL B 1360 -21.93 -10.28 -16.01
N LEU B 1361 -23.09 -10.90 -15.83
CA LEU B 1361 -23.57 -11.22 -14.48
C LEU B 1361 -22.62 -12.21 -13.82
N MET B 1362 -22.22 -13.22 -14.58
CA MET B 1362 -21.36 -14.27 -14.06
C MET B 1362 -20.05 -13.65 -13.63
N ASN B 1363 -19.50 -12.81 -14.49
CA ASN B 1363 -18.24 -12.16 -14.21
C ASN B 1363 -18.32 -11.29 -12.97
N LEU B 1364 -19.45 -10.62 -12.78
CA LEU B 1364 -19.60 -9.79 -11.60
C LEU B 1364 -19.67 -10.63 -10.34
N LEU B 1365 -20.37 -11.76 -10.42
CA LEU B 1365 -20.48 -12.64 -9.26
C LEU B 1365 -19.09 -13.13 -8.91
N ILE B 1366 -18.33 -13.46 -9.96
CA ILE B 1366 -16.93 -13.88 -9.83
C ILE B 1366 -16.17 -12.75 -9.13
N GLY B 1367 -16.56 -11.52 -9.46
CA GLY B 1367 -15.89 -10.33 -8.97
C GLY B 1367 -16.05 -10.29 -7.47
N LEU B 1368 -17.28 -10.45 -6.99
CA LEU B 1368 -17.53 -10.48 -5.54
C LEU B 1368 -16.73 -11.60 -4.90
N ALA B 1369 -16.74 -12.76 -5.55
CA ALA B 1369 -16.03 -13.93 -5.07
C ALA B 1369 -14.59 -13.56 -4.79
N VAL B 1370 -13.93 -12.99 -5.80
CA VAL B 1370 -12.51 -12.68 -5.72
C VAL B 1370 -12.25 -11.62 -4.66
N GLY B 1371 -13.09 -10.57 -4.65
CA GLY B 1371 -12.94 -9.48 -3.71
C GLY B 1371 -12.95 -9.96 -2.27
N ASP B 1372 -14.02 -10.66 -1.88
CA ASP B 1372 -14.11 -11.15 -0.51
C ASP B 1372 -13.11 -12.24 -0.15
N ILE B 1373 -12.82 -13.17 -1.07
CA ILE B 1373 -11.89 -14.23 -0.72
C ILE B 1373 -10.49 -13.66 -0.51
N ALA B 1374 -10.13 -12.74 -1.40
CA ALA B 1374 -8.89 -11.98 -1.32
C ALA B 1374 -8.82 -11.31 0.05
N ASP B 1375 -9.92 -10.65 0.41
CA ASP B 1375 -10.03 -9.99 1.72
C ASP B 1375 -9.85 -10.94 2.91
N VAL B 1376 -10.39 -12.15 2.85
CA VAL B 1376 -10.21 -13.09 3.94
C VAL B 1376 -8.76 -13.58 4.03
N GLN B 1377 -8.16 -13.91 2.88
CA GLN B 1377 -6.77 -14.36 2.85
C GLN B 1377 -5.76 -13.28 3.22
N LYS B 1378 -6.15 -12.01 3.07
CA LYS B 1378 -5.29 -10.87 3.41
C LYS B 1378 -4.85 -10.94 4.88
N HIS B 1379 -5.79 -11.27 5.77
CA HIS B 1379 -5.41 -11.64 7.12
C HIS B 1379 -6.16 -12.92 7.49
N ALA B 1380 -5.65 -14.00 6.89
CA ALA B 1380 -6.18 -15.36 7.04
C ALA B 1380 -5.79 -15.97 8.37
N SER B 1381 -4.52 -15.82 8.74
CA SER B 1381 -3.91 -16.57 9.85
C SER B 1381 -4.71 -16.37 11.13
N LEU B 1382 -5.03 -15.12 11.44
CA LEU B 1382 -5.82 -14.82 12.64
C LEU B 1382 -7.13 -15.54 12.64
N LYS B 1383 -7.79 -15.66 11.50
CA LYS B 1383 -9.11 -16.27 11.45
C LYS B 1383 -9.03 -17.72 11.94
N ARG B 1384 -8.01 -18.41 11.45
CA ARG B 1384 -7.72 -19.80 11.81
C ARG B 1384 -7.32 -19.96 13.27
N ILE B 1385 -6.34 -19.18 13.72
CA ILE B 1385 -5.80 -19.44 15.04
C ILE B 1385 -6.88 -19.04 16.04
N ALA B 1386 -7.62 -17.97 15.73
CA ALA B 1386 -8.80 -17.60 16.50
C ALA B 1386 -9.84 -18.70 16.53
N MET B 1387 -9.93 -19.48 15.46
CA MET B 1387 -10.76 -20.68 15.52
C MET B 1387 -10.27 -21.68 16.58
N GLN B 1388 -8.99 -22.07 16.53
CA GLN B 1388 -8.53 -23.02 17.54
C GLN B 1388 -8.58 -22.51 18.99
N VAL B 1389 -8.17 -21.26 19.22
CA VAL B 1389 -8.20 -20.72 20.58
C VAL B 1389 -9.65 -20.65 21.07
N GLU B 1390 -10.57 -20.25 20.19
CA GLU B 1390 -11.96 -20.09 20.59
C GLU B 1390 -12.44 -21.46 21.04
N LEU B 1391 -12.12 -22.47 20.23
CA LEU B 1391 -12.61 -23.81 20.51
C LEU B 1391 -12.07 -24.29 21.86
N HIS B 1392 -10.77 -24.10 22.10
CA HIS B 1392 -10.18 -24.52 23.38
C HIS B 1392 -10.69 -23.74 24.59
N THR B 1393 -11.02 -22.47 24.43
CA THR B 1393 -11.60 -21.71 25.54
C THR B 1393 -13.02 -22.18 25.83
N SER B 1394 -13.77 -22.55 24.80
CA SER B 1394 -15.15 -22.96 25.02
C SER B 1394 -15.24 -24.47 25.24
N LEU B 1395 -14.07 -25.10 25.37
CA LEU B 1395 -13.99 -26.50 25.77
C LEU B 1395 -13.52 -26.52 27.23
N GLU B 1396 -12.58 -25.63 27.52
CA GLU B 1396 -11.97 -25.46 28.82
C GLU B 1396 -13.03 -25.20 29.89
N LYS B 1397 -13.95 -24.28 29.60
CA LYS B 1397 -14.96 -23.85 30.56
C LYS B 1397 -15.95 -24.94 30.97
N LYS B 1398 -16.37 -25.77 30.01
CA LYS B 1398 -17.33 -26.82 30.33
C LYS B 1398 -16.76 -28.00 31.12
N LEU B 1399 -15.55 -28.45 30.77
CA LEU B 1399 -15.03 -29.66 31.40
C LEU B 1399 -14.61 -29.37 32.86
N PRO B 1400 -14.99 -30.26 33.79
CA PRO B 1400 -14.65 -30.26 35.22
C PRO B 1400 -13.18 -30.05 35.60
N LEU B 1401 -12.97 -29.15 36.56
CA LEU B 1401 -11.64 -28.70 36.99
C LEU B 1401 -10.66 -29.79 37.42
N TRP B 1402 -11.18 -30.83 38.09
CA TRP B 1402 -10.33 -31.92 38.56
C TRP B 1402 -9.65 -32.67 37.42
N PHE B 1403 -10.23 -32.58 36.23
CA PHE B 1403 -9.62 -33.15 35.04
C PHE B 1403 -8.76 -32.09 34.36
N LEU B 1404 -7.89 -31.47 35.14
CA LEU B 1404 -6.90 -30.51 34.64
C LEU B 1404 -5.57 -30.72 35.35
N ARG B 1405 -4.52 -30.95 34.56
CA ARG B 1405 -3.16 -31.17 35.08
C ARG B 1405 -3.16 -32.28 36.14
N LYS B 1406 -3.26 -33.54 35.69
CA LYS B 1406 -3.37 -33.90 34.27
C LYS B 1406 -4.74 -33.63 33.71
N VAL B 1407 -4.86 -33.57 32.38
CA VAL B 1407 -3.70 -33.61 31.48
C VAL B 1407 -3.06 -32.23 31.28
N ASP B 1408 -1.76 -32.15 31.58
CA ASP B 1408 -0.93 -30.98 31.29
C ASP B 1408 0.53 -31.28 31.59
N GLN B 1409 1.33 -31.33 30.54
CA GLN B 1409 2.76 -31.55 30.67
C GLN B 1409 3.46 -30.34 31.29
N LYS B 1410 2.98 -29.15 30.91
CA LYS B 1410 3.63 -27.84 31.14
C LYS B 1410 5.09 -27.87 30.69
N SER B 1411 5.39 -28.75 29.73
CA SER B 1411 6.68 -28.76 29.03
C SER B 1411 6.60 -29.72 27.85
N THR B 1412 7.49 -29.55 26.88
CA THR B 1412 7.52 -30.49 25.76
C THR B 1412 8.92 -30.71 25.21
N ILE B 1413 9.31 -31.97 25.07
CA ILE B 1413 10.56 -32.32 24.40
C ILE B 1413 10.39 -31.98 22.92
N VAL B 1414 11.47 -31.51 22.30
CA VAL B 1414 11.43 -31.14 20.88
C VAL B 1414 12.40 -31.99 20.08
N TYR B 1415 11.93 -32.56 18.98
CA TYR B 1415 12.80 -33.39 18.14
C TYR B 1415 12.57 -33.14 16.65
N GLN B 1440 5.88 -24.20 4.95
CA GLN B 1440 4.44 -24.27 4.77
C GLN B 1440 3.71 -23.61 5.94
N GLU B 1441 4.45 -22.85 6.74
CA GLU B 1441 3.86 -22.16 7.87
C GLU B 1441 4.25 -20.67 7.92
N ILE B 1442 3.53 -19.93 8.76
CA ILE B 1442 2.62 -18.88 8.28
C ILE B 1442 3.37 -17.80 7.50
N PRO B 1443 2.71 -17.23 6.49
CA PRO B 1443 3.29 -16.40 5.42
C PRO B 1443 3.99 -15.15 5.94
N ASN B 1444 5.19 -14.89 5.41
CA ASN B 1444 5.94 -13.68 5.74
C ASN B 1444 5.31 -12.41 5.18
N ALA B 1445 4.66 -12.52 4.01
CA ALA B 1445 4.34 -11.37 3.19
C ALA B 1445 3.36 -10.37 3.84
N ASP B 1446 2.36 -10.88 4.57
CA ASP B 1446 1.45 -9.99 5.27
C ASP B 1446 2.21 -9.20 6.34
N LYS B 1447 1.98 -7.89 6.40
CA LYS B 1447 2.66 -7.08 7.40
C LYS B 1447 1.98 -5.74 7.68
N SER B 1448 2.32 -5.17 8.83
CA SER B 1448 1.93 -3.82 9.21
C SER B 1448 3.23 -3.04 9.38
N LEU B 1449 3.38 -1.93 8.65
CA LEU B 1449 4.60 -1.14 8.72
C LEU B 1449 4.32 0.34 9.01
N GLU B 1450 3.06 0.64 9.24
CA GLU B 1450 2.65 1.93 9.81
C GLU B 1450 3.26 2.10 11.20
N MET B 1451 3.43 1.00 11.92
CA MET B 1451 3.87 1.14 13.29
C MET B 1451 5.21 1.82 13.25
N GLU B 1452 6.04 1.42 12.29
CA GLU B 1452 7.40 1.94 12.19
C GLU B 1452 7.38 3.45 12.50
N ILE B 1453 6.48 4.11 11.77
CA ILE B 1453 6.18 5.53 11.92
C ILE B 1453 5.66 5.85 13.33
N LEU B 1454 4.76 5.01 13.84
CA LEU B 1454 4.28 5.32 15.18
C LEU B 1454 5.43 5.24 16.20
N LYS B 1455 6.43 4.38 15.95
CA LYS B 1455 7.70 4.36 16.70
C LYS B 1455 8.49 5.66 16.57
N GLN B 1456 8.63 6.20 15.34
CA GLN B 1456 9.33 7.52 15.20
C GLN B 1456 8.67 8.67 16.01
N LYS B 1457 7.36 8.74 15.94
CA LYS B 1457 6.65 9.91 16.46
C LYS B 1457 6.94 10.15 17.95
N TYR B 1458 6.92 9.10 18.77
CA TYR B 1458 7.05 9.30 20.23
C TYR B 1458 8.41 9.92 20.50
N ARG B 1459 9.38 9.44 19.73
CA ARG B 1459 10.75 9.91 19.83
C ARG B 1459 10.78 11.39 19.56
N LEU B 1460 10.11 11.81 18.49
CA LEU B 1460 10.15 13.24 18.18
C LEU B 1460 9.44 14.09 19.25
N LYS B 1461 8.38 13.59 19.89
CA LYS B 1461 7.84 14.35 21.05
C LYS B 1461 8.84 14.41 22.19
N ASP B 1462 9.64 13.36 22.34
CA ASP B 1462 10.66 13.38 23.37
C ASP B 1462 11.67 14.47 23.04
N LEU B 1463 11.97 14.60 21.75
CA LEU B 1463 12.84 15.66 21.30
C LEU B 1463 12.29 17.06 21.59
N THR B 1464 10.99 17.32 21.38
CA THR B 1464 10.52 18.64 21.79
C THR B 1464 10.41 18.87 23.31
N PHE B 1465 10.22 17.82 24.11
CA PHE B 1465 10.34 17.94 25.56
C PHE B 1465 11.78 18.30 25.89
N LEU B 1466 12.71 17.95 25.00
CA LEU B 1466 14.12 18.07 25.27
C LEU B 1466 14.64 19.32 24.54
N LEU B 1467 13.73 20.06 23.93
CA LEU B 1467 14.14 21.28 23.26
C LEU B 1467 13.49 22.48 23.92
N GLU B 1468 12.22 22.35 24.29
CA GLU B 1468 11.51 23.45 24.92
C GLU B 1468 12.17 23.87 26.22
N LYS B 1469 12.52 22.88 27.03
CA LYS B 1469 13.20 23.15 28.29
C LYS B 1469 14.50 23.88 28.05
N GLN B 1470 15.21 23.52 26.98
CA GLN B 1470 16.36 24.29 26.55
C GLN B 1470 16.04 25.73 26.23
N HIS B 1471 14.89 25.98 25.62
CA HIS B 1471 14.53 27.34 25.24
C HIS B 1471 14.29 28.18 26.49
N GLU B 1472 13.50 27.61 27.39
CA GLU B 1472 13.24 28.18 28.71
C GLU B 1472 14.56 28.54 29.35
N LEU B 1473 15.45 27.55 29.35
CA LEU B 1473 16.71 27.63 30.04
C LEU B 1473 17.58 28.73 29.47
N ILE B 1474 17.48 28.97 28.15
CA ILE B 1474 18.29 30.00 27.53
C ILE B 1474 17.77 31.41 27.83
N LYS B 1475 16.45 31.61 27.77
CA LYS B 1475 15.97 32.90 28.25
C LYS B 1475 16.45 33.10 29.70
N LEU B 1476 16.49 32.00 30.46
CA LEU B 1476 17.01 32.09 31.81
C LEU B 1476 18.52 32.37 31.81
N ILE B 1477 19.21 32.08 30.70
CA ILE B 1477 20.57 32.59 30.53
C ILE B 1477 20.60 34.09 30.54
N ILE B 1478 19.78 34.70 29.69
CA ILE B 1478 19.84 36.18 29.61
C ILE B 1478 19.36 36.89 30.86
N GLN B 1479 18.36 36.33 31.53
CA GLN B 1479 17.85 36.98 32.73
C GLN B 1479 18.87 37.08 33.87
N LYS B 1480 19.98 36.34 33.78
CA LYS B 1480 21.06 36.50 34.75
C LYS B 1480 22.39 36.86 34.10
N MET B 1481 22.35 37.50 32.94
CA MET B 1481 23.57 37.73 32.22
C MET B 1481 24.13 39.11 32.60
N GLU B 1482 25.42 39.32 32.39
CA GLU B 1482 26.08 40.53 32.88
C GLU B 1482 26.46 41.49 31.74
N ILE B 1483 25.47 41.93 30.97
CA ILE B 1483 25.74 42.67 29.75
C ILE B 1483 26.07 44.15 30.03
N ILE B 1484 27.31 44.40 30.47
CA ILE B 1484 27.84 45.74 30.66
C ILE B 1484 29.34 45.65 31.01
N SER B 1485 30.23 46.12 30.14
CA SER B 1485 29.91 46.68 28.84
C SER B 1485 29.62 45.53 27.85
N GLU B 1486 28.97 45.78 26.70
CA GLU B 1486 28.52 47.10 26.26
C GLU B 1486 27.11 47.08 25.64
N THR B 1487 26.28 48.03 26.07
CA THR B 1487 24.91 48.14 25.59
C THR B 1487 24.74 49.40 24.74
N LYS C 855 20.58 58.05 25.50
CA LYS C 855 19.78 57.92 26.72
C LYS C 855 18.42 58.60 26.59
N LYS C 856 17.36 57.90 27.00
CA LYS C 856 17.50 56.55 27.55
C LYS C 856 16.94 55.49 26.62
N SER C 857 17.84 54.65 26.10
CA SER C 857 17.49 53.52 25.25
C SER C 857 17.50 52.16 25.96
N PRO C 858 18.53 51.87 26.81
CA PRO C 858 18.73 50.50 27.30
C PRO C 858 17.48 49.90 27.93
N LEU C 859 16.69 50.71 28.63
CA LEU C 859 15.51 50.22 29.34
C LEU C 859 14.65 49.37 28.41
N HIS C 860 14.50 49.82 27.17
CA HIS C 860 13.69 49.12 26.17
C HIS C 860 14.17 47.69 26.02
N PHE C 861 15.48 47.56 25.84
CA PHE C 861 16.16 46.28 25.73
C PHE C 861 15.90 45.46 26.99
N ALA C 862 16.34 46.02 28.11
CA ALA C 862 16.49 45.32 29.37
C ALA C 862 15.15 44.72 29.79
N ALA C 863 14.10 45.53 29.71
CA ALA C 863 12.78 45.07 30.09
C ALA C 863 12.04 44.42 28.91
N SER C 864 12.65 44.40 27.73
CA SER C 864 12.20 43.46 26.71
C SER C 864 12.55 42.04 27.12
N TYR C 865 13.84 41.80 27.34
CA TYR C 865 14.31 40.49 27.81
C TYR C 865 14.18 40.26 29.32
N GLY C 866 13.85 41.30 30.05
CA GLY C 866 13.41 41.13 31.43
C GLY C 866 14.58 41.10 32.40
N ARG C 867 15.48 42.06 32.23
CA ARG C 867 16.62 42.25 33.12
C ARG C 867 16.14 43.01 34.35
N ILE C 868 15.60 42.27 35.32
CA ILE C 868 14.82 42.87 36.38
C ILE C 868 15.55 43.93 37.23
N ASN C 869 16.77 43.67 37.64
CA ASN C 869 17.45 44.62 38.52
C ASN C 869 17.83 45.91 37.81
N THR C 870 18.31 45.79 36.57
CA THR C 870 18.65 46.96 35.77
C THR C 870 17.38 47.75 35.45
N CYS C 871 16.30 47.04 35.15
CA CYS C 871 14.99 47.68 35.00
C CYS C 871 14.60 48.51 36.20
N GLN C 872 14.59 47.88 37.38
CA GLN C 872 14.15 48.54 38.61
C GLN C 872 15.03 49.73 39.00
N ARG C 873 16.35 49.56 38.97
CA ARG C 873 17.27 50.64 39.37
C ARG C 873 17.38 51.76 38.34
N LEU C 874 17.21 51.45 37.05
CA LEU C 874 17.16 52.50 36.05
C LEU C 874 15.84 53.28 36.04
N LEU C 875 14.73 52.57 36.16
CA LEU C 875 13.41 53.17 36.09
C LEU C 875 12.97 53.99 37.31
N GLN C 876 13.42 53.60 38.49
CA GLN C 876 13.11 54.37 39.68
C GLN C 876 14.14 55.51 39.79
N ASP C 877 13.68 56.74 39.57
CA ASP C 877 14.58 57.90 39.61
C ASP C 877 14.12 59.06 40.54
N ILE C 878 12.88 59.57 40.45
CA ILE C 878 11.80 59.09 39.59
C ILE C 878 11.49 60.12 38.51
N SER C 879 11.48 59.65 37.26
CA SER C 879 11.21 60.50 36.11
C SER C 879 9.80 61.10 36.16
N ASP C 880 8.89 60.32 36.76
CA ASP C 880 7.42 60.47 36.67
C ASP C 880 6.93 59.80 35.39
N THR C 881 7.81 59.01 34.80
CA THR C 881 7.48 58.13 33.69
C THR C 881 6.92 58.85 32.46
N ARG C 882 7.49 60.01 32.14
CA ARG C 882 7.20 60.72 30.89
C ARG C 882 7.42 59.83 29.67
N LEU C 883 8.51 59.06 29.71
CA LEU C 883 8.93 58.19 28.61
C LEU C 883 8.59 56.70 28.81
N LEU C 884 7.62 56.39 29.66
CA LEU C 884 7.44 55.02 30.14
C LEU C 884 6.84 53.93 29.19
N ASN C 885 5.87 54.16 28.30
CA ASN C 885 5.27 55.40 27.70
C ASN C 885 6.21 56.13 26.74
N GLU C 886 7.15 55.40 26.15
CA GLU C 886 7.86 55.82 24.94
C GLU C 886 7.88 54.70 23.90
N GLY C 887 8.08 55.06 22.64
CA GLY C 887 8.21 54.04 21.61
C GLY C 887 9.04 54.49 20.43
N ASP C 888 9.61 53.49 19.75
CA ASP C 888 10.38 53.69 18.53
C ASP C 888 10.03 52.62 17.52
N LEU C 889 10.16 52.93 16.25
CA LEU C 889 9.62 52.10 15.18
C LEU C 889 10.29 50.68 15.17
N HIS C 890 9.51 49.63 14.97
CA HIS C 890 8.03 49.80 14.86
C HIS C 890 7.63 50.18 16.28
N GLY C 891 6.74 51.13 16.46
CA GLY C 891 6.44 51.58 17.80
C GLY C 891 6.06 50.45 18.74
N MET C 892 6.68 50.46 19.92
CA MET C 892 6.41 49.47 20.95
C MET C 892 6.81 50.02 22.32
N THR C 893 6.26 49.43 23.37
CA THR C 893 6.51 49.87 24.73
C THR C 893 7.08 48.71 25.52
N PRO C 894 7.88 49.00 26.56
CA PRO C 894 8.35 47.96 27.48
C PRO C 894 7.20 47.06 27.95
N LEU C 895 6.03 47.64 28.16
CA LEU C 895 4.90 46.89 28.70
C LEU C 895 4.62 45.72 27.75
N HIS C 896 4.69 46.00 26.45
CA HIS C 896 4.55 44.98 25.42
C HIS C 896 5.70 44.01 25.37
N LEU C 897 6.92 44.50 25.20
CA LEU C 897 8.09 43.65 25.05
C LEU C 897 8.27 42.70 26.23
N ALA C 898 7.72 43.07 27.38
CA ALA C 898 7.66 42.16 28.52
C ALA C 898 6.72 41.00 28.19
N ALA C 899 5.57 41.32 27.60
CA ALA C 899 4.56 40.33 27.24
C ALA C 899 4.95 39.43 26.04
N LYS C 900 5.59 40.03 25.03
CA LYS C 900 6.05 39.28 23.86
C LYS C 900 6.88 38.08 24.29
N ASN C 901 8.01 38.33 24.95
CA ASN C 901 8.89 37.23 25.33
C ASN C 901 8.70 36.67 26.74
N GLY C 902 7.55 36.90 27.36
CA GLY C 902 7.23 36.21 28.59
C GLY C 902 8.02 36.61 29.81
N HIS C 903 7.58 37.65 30.51
CA HIS C 903 8.20 38.05 31.76
C HIS C 903 7.10 38.48 32.72
N ASP C 904 6.63 37.54 33.53
CA ASP C 904 5.62 37.78 34.54
C ASP C 904 6.15 38.74 35.59
N LYS C 905 7.40 38.53 36.00
CA LYS C 905 8.02 39.31 37.07
C LYS C 905 8.04 40.80 36.76
N VAL C 906 8.59 41.13 35.60
CA VAL C 906 8.80 42.52 35.21
C VAL C 906 7.50 43.20 34.85
N VAL C 907 6.61 42.50 34.17
CA VAL C 907 5.33 43.10 33.78
C VAL C 907 4.48 43.34 35.03
N GLN C 908 4.60 42.47 36.03
CA GLN C 908 4.03 42.73 37.34
C GLN C 908 4.59 43.97 38.00
N LEU C 909 5.92 44.07 38.13
CA LEU C 909 6.56 45.22 38.77
C LEU C 909 6.15 46.52 38.08
N LEU C 910 6.13 46.45 36.76
CA LEU C 910 5.80 47.59 35.91
C LEU C 910 4.35 47.98 36.03
N LEU C 911 3.49 47.01 36.33
CA LEU C 911 2.13 47.35 36.75
C LEU C 911 1.97 47.73 38.22
N LYS C 912 3.00 47.51 39.05
CA LYS C 912 2.94 48.05 40.40
C LYS C 912 3.20 49.53 40.34
N LYS C 913 4.23 49.91 39.58
CA LYS C 913 4.34 51.32 39.22
C LYS C 913 3.18 51.68 38.29
N GLY C 914 2.76 50.73 37.46
CA GLY C 914 1.63 50.93 36.58
C GLY C 914 1.97 51.80 35.40
N ALA C 915 1.00 51.95 34.50
CA ALA C 915 0.98 53.00 33.47
C ALA C 915 1.89 52.61 32.31
N LEU C 916 1.58 53.04 31.08
CA LEU C 916 0.28 53.62 30.69
C LEU C 916 -0.88 52.65 30.90
N PHE C 917 -0.59 51.36 30.77
CA PHE C 917 -1.54 50.22 30.82
C PHE C 917 -2.17 49.90 29.47
N LEU C 918 -1.89 50.74 28.46
CA LEU C 918 -2.09 50.37 27.07
C LEU C 918 -1.51 51.41 26.12
N SER C 919 -1.02 50.90 24.98
CA SER C 919 -0.61 51.69 23.84
C SER C 919 -0.34 50.70 22.72
N ASP C 920 -0.39 51.16 21.47
CA ASP C 920 -0.39 50.23 20.35
C ASP C 920 -0.13 50.92 19.00
N HIS C 921 1.01 50.56 18.42
CA HIS C 921 1.41 51.00 17.08
C HIS C 921 0.83 50.32 15.85
N ASN C 922 0.70 49.00 15.85
CA ASN C 922 -0.20 48.38 14.89
C ASN C 922 -1.45 47.90 15.63
N GLY C 923 -1.65 48.40 16.84
CA GLY C 923 -2.98 48.34 17.41
C GLY C 923 -3.16 47.09 18.24
N TRP C 924 -2.12 46.27 18.30
CA TRP C 924 -2.23 44.92 18.83
C TRP C 924 -2.55 44.97 20.32
N THR C 925 -1.98 45.96 20.99
CA THR C 925 -1.90 46.05 22.45
C THR C 925 -0.88 45.00 22.92
N ALA C 926 -0.74 44.84 24.23
CA ALA C 926 0.21 43.89 24.81
C ALA C 926 -0.35 42.48 24.94
N LEU C 927 -1.60 42.37 25.38
CA LEU C 927 -2.21 41.09 25.70
C LEU C 927 -2.38 40.19 24.47
N HIS C 928 -2.40 40.78 23.30
CA HIS C 928 -2.32 40.02 22.04
C HIS C 928 -0.94 39.39 21.86
N HIS C 929 0.09 40.16 22.15
CA HIS C 929 1.48 39.68 22.20
C HIS C 929 1.72 38.63 23.28
N ALA C 930 0.93 38.70 24.35
CA ALA C 930 0.85 37.63 25.34
C ALA C 930 0.15 36.39 24.76
N SER C 931 -0.98 36.57 24.10
CA SER C 931 -1.77 35.48 23.54
C SER C 931 -1.17 35.00 22.21
N MET C 932 0.00 35.54 21.89
CA MET C 932 0.70 35.22 20.66
C MET C 932 1.34 33.85 20.90
N GLY C 933 2.21 33.79 21.89
CA GLY C 933 2.72 32.51 22.34
C GLY C 933 1.81 31.98 23.44
N GLY C 934 2.14 30.80 23.95
CA GLY C 934 1.35 30.16 24.98
C GLY C 934 1.81 30.43 26.40
N TYR C 935 1.92 31.70 26.76
CA TYR C 935 2.34 32.08 28.10
C TYR C 935 1.14 32.04 29.02
N THR C 936 1.36 31.98 30.33
CA THR C 936 0.23 31.98 31.25
C THR C 936 0.20 32.96 32.41
N GLN C 937 1.29 33.02 33.17
CA GLN C 937 1.32 33.85 34.37
C GLN C 937 1.16 35.32 34.04
N THR C 938 1.85 35.73 32.97
CA THR C 938 1.71 37.06 32.43
C THR C 938 0.24 37.31 32.18
N MET C 939 -0.32 36.46 31.32
CA MET C 939 -1.70 36.57 30.88
C MET C 939 -2.68 36.47 32.04
N LYS C 940 -2.28 35.81 33.12
CA LYS C 940 -3.02 35.92 34.37
C LYS C 940 -3.03 37.34 34.92
N VAL C 941 -1.88 37.79 35.42
CA VAL C 941 -1.85 39.02 36.22
C VAL C 941 -2.16 40.29 35.42
N ILE C 942 -1.67 40.34 34.19
CA ILE C 942 -1.93 41.44 33.27
C ILE C 942 -3.41 41.68 33.11
N LEU C 943 -4.14 40.59 32.90
CA LEU C 943 -5.56 40.68 32.69
C LEU C 943 -6.20 41.06 34.02
N ASP C 944 -5.71 40.47 35.11
CA ASP C 944 -6.35 40.67 36.42
C ASP C 944 -6.25 42.10 36.93
N THR C 945 -5.29 42.87 36.43
CA THR C 945 -5.22 44.29 36.80
C THR C 945 -6.45 45.13 36.40
N ASN C 946 -6.92 44.99 35.16
CA ASN C 946 -8.19 45.55 34.73
C ASN C 946 -8.92 44.59 33.78
N LEU C 947 -10.24 44.44 33.94
CA LEU C 947 -11.03 43.83 32.87
C LEU C 947 -11.70 44.80 31.90
N LYS C 948 -11.51 46.11 32.08
CA LYS C 948 -11.98 47.11 31.12
C LYS C 948 -11.01 47.36 29.96
N CYS C 949 -9.72 47.42 30.28
CA CYS C 949 -8.63 47.52 29.32
C CYS C 949 -8.18 46.17 28.76
N THR C 950 -9.14 45.37 28.28
CA THR C 950 -8.80 44.02 27.81
C THR C 950 -9.15 43.63 26.37
N ASP C 951 -10.14 44.23 25.73
CA ASP C 951 -10.42 43.76 24.39
C ASP C 951 -10.42 44.87 23.34
N ARG C 952 -9.62 44.71 22.31
CA ARG C 952 -9.56 45.72 21.28
C ARG C 952 -9.53 45.10 19.90
N LEU C 953 -10.40 45.60 19.02
CA LEU C 953 -10.80 44.93 17.79
C LEU C 953 -10.08 45.31 16.48
N ASP C 954 -8.99 46.07 16.58
CA ASP C 954 -8.36 46.65 15.39
C ASP C 954 -6.90 46.22 15.15
N GLU C 955 -6.33 46.50 13.96
CA GLU C 955 -6.96 47.22 12.84
C GLU C 955 -8.02 46.42 12.06
N ASP C 956 -7.73 45.14 11.82
CA ASP C 956 -8.60 44.28 11.02
C ASP C 956 -9.05 43.20 11.97
N GLY C 957 -10.36 43.03 12.14
CA GLY C 957 -10.86 42.83 13.48
C GLY C 957 -10.27 41.56 14.05
N ASN C 958 -9.81 41.66 15.28
CA ASN C 958 -9.22 40.55 16.01
C ASN C 958 -9.27 40.90 17.48
N THR C 959 -9.22 39.88 18.33
CA THR C 959 -9.06 40.09 19.77
C THR C 959 -8.21 38.96 20.33
N ALA C 960 -7.81 39.13 21.58
CA ALA C 960 -6.84 38.25 22.23
C ALA C 960 -7.19 36.80 22.00
N LEU C 961 -8.48 36.49 22.04
CA LEU C 961 -8.96 35.14 21.79
C LEU C 961 -8.60 34.71 20.38
N HIS C 962 -8.69 35.65 19.44
CA HIS C 962 -8.49 35.30 18.03
C HIS C 962 -7.03 34.90 17.77
N PHE C 963 -6.08 35.64 18.33
CA PHE C 963 -4.68 35.24 18.16
C PHE C 963 -4.44 33.97 18.96
N ALA C 964 -4.86 33.98 20.22
CA ALA C 964 -4.63 32.86 21.15
C ALA C 964 -5.09 31.51 20.59
N ALA C 965 -6.05 31.55 19.66
CA ALA C 965 -6.38 30.37 18.88
C ALA C 965 -5.71 30.50 17.51
N ARG C 966 -4.40 30.69 17.54
CA ARG C 966 -3.56 30.37 16.41
C ARG C 966 -2.39 29.55 16.91
N GLU C 967 -1.25 30.21 17.07
CA GLU C 967 -0.02 29.57 17.50
C GLU C 967 -0.18 29.03 18.91
N GLY C 968 -0.81 29.85 19.75
CA GLY C 968 -0.88 29.62 21.19
C GLY C 968 -1.50 28.32 21.63
N HIS C 969 -1.05 27.86 22.79
CA HIS C 969 -1.58 26.67 23.42
C HIS C 969 -2.96 26.92 24.01
N ALA C 970 -3.60 25.84 24.45
CA ALA C 970 -4.98 25.82 24.93
C ALA C 970 -5.24 26.53 26.25
N LYS C 971 -4.29 26.46 27.18
CA LYS C 971 -4.51 26.99 28.53
C LYS C 971 -4.90 28.46 28.45
N ALA C 972 -4.25 29.20 27.57
CA ALA C 972 -4.48 30.63 27.44
C ALA C 972 -5.98 30.83 27.29
N VAL C 973 -6.54 30.13 26.30
CA VAL C 973 -7.97 30.19 26.02
C VAL C 973 -8.80 29.76 27.22
N ALA C 974 -8.37 28.70 27.90
CA ALA C 974 -9.10 28.21 29.08
C ALA C 974 -9.23 29.30 30.16
N LEU C 975 -8.16 30.04 30.41
CA LEU C 975 -8.22 31.18 31.33
C LEU C 975 -8.99 32.37 30.79
N LEU C 976 -8.96 32.63 29.48
CA LEU C 976 -9.81 33.69 28.93
C LEU C 976 -11.30 33.42 29.08
N LEU C 977 -11.72 32.17 28.92
CA LEU C 977 -13.11 31.82 29.23
C LEU C 977 -13.34 31.88 30.72
N SER C 978 -12.29 31.54 31.48
CA SER C 978 -12.38 31.64 32.93
C SER C 978 -12.45 33.08 33.40
N HIS C 979 -12.23 34.04 32.49
CA HIS C 979 -12.46 35.44 32.87
C HIS C 979 -13.48 36.18 32.00
N ASN C 980 -14.43 35.46 31.42
CA ASN C 980 -15.47 36.04 30.57
C ASN C 980 -15.01 36.94 29.44
N ALA C 981 -14.02 36.49 28.68
CA ALA C 981 -13.60 37.21 27.49
C ALA C 981 -14.74 37.22 26.47
N ASP C 982 -14.73 38.21 25.59
CA ASP C 982 -15.73 38.32 24.52
C ASP C 982 -15.70 37.05 23.69
N ILE C 983 -16.86 36.45 23.45
CA ILE C 983 -16.94 35.42 22.43
C ILE C 983 -17.43 35.88 21.08
N VAL C 984 -18.40 36.78 21.06
CA VAL C 984 -19.14 36.95 19.83
C VAL C 984 -18.44 37.75 18.75
N LEU C 985 -17.60 38.72 19.13
CA LEU C 985 -17.21 39.74 18.15
C LEU C 985 -16.63 39.07 16.92
N ASN C 986 -17.11 39.47 15.76
CA ASN C 986 -16.72 38.87 14.50
C ASN C 986 -16.10 39.92 13.59
N LYS C 987 -14.86 39.68 13.15
CA LYS C 987 -14.21 40.25 11.94
C LYS C 987 -12.87 39.54 11.70
N GLN C 988 -12.40 39.57 10.45
CA GLN C 988 -13.28 39.73 9.28
C GLN C 988 -14.11 38.48 9.03
N GLN C 989 -15.42 38.66 8.85
CA GLN C 989 -16.40 37.59 8.56
C GLN C 989 -16.23 36.28 9.37
N ALA C 990 -15.00 35.82 9.51
CA ALA C 990 -14.69 34.51 10.07
C ALA C 990 -14.32 34.61 11.55
N SER C 991 -14.98 33.78 12.35
CA SER C 991 -14.83 33.80 13.80
C SER C 991 -13.49 33.23 14.20
N PHE C 992 -13.10 33.42 15.45
CA PHE C 992 -11.83 32.92 15.95
C PHE C 992 -11.73 31.42 15.73
N LEU C 993 -12.88 30.75 15.86
CA LEU C 993 -12.98 29.31 15.72
C LEU C 993 -12.67 28.90 14.28
N HIS C 994 -13.28 29.62 13.34
CA HIS C 994 -12.91 29.58 11.91
C HIS C 994 -11.41 29.53 11.78
N LEU C 995 -10.78 30.63 12.20
CA LEU C 995 -9.37 30.89 11.96
C LEU C 995 -8.50 29.85 12.63
N ALA C 996 -8.99 29.31 13.74
CA ALA C 996 -8.37 28.18 14.41
C ALA C 996 -8.34 26.98 13.48
N LEU C 997 -9.51 26.55 13.02
CA LEU C 997 -9.57 25.30 12.27
C LEU C 997 -8.85 25.40 10.92
N HIS C 998 -8.89 26.58 10.30
CA HIS C 998 -8.18 26.77 9.04
C HIS C 998 -6.66 26.73 9.23
N ASN C 999 -6.23 26.81 10.49
CA ASN C 999 -4.86 26.45 10.85
C ASN C 999 -4.68 25.00 11.32
N LYS C 1000 -5.79 24.27 11.35
CA LYS C 1000 -5.78 22.84 11.71
C LYS C 1000 -5.23 22.54 13.09
N ARG C 1001 -5.69 23.26 14.11
CA ARG C 1001 -5.21 22.94 15.45
C ARG C 1001 -6.24 22.09 16.19
N LYS C 1002 -5.83 20.87 16.53
CA LYS C 1002 -6.63 19.96 17.35
C LYS C 1002 -6.90 20.56 18.73
N GLU C 1003 -5.85 21.04 19.38
CA GLU C 1003 -5.79 20.95 20.84
C GLU C 1003 -6.73 21.95 21.47
N VAL C 1004 -6.69 23.18 20.97
CA VAL C 1004 -7.60 24.23 21.43
C VAL C 1004 -9.04 23.84 21.20
N VAL C 1005 -9.37 23.41 19.97
CA VAL C 1005 -10.77 23.25 19.60
C VAL C 1005 -11.30 21.97 20.26
N LEU C 1006 -10.39 21.22 20.85
CA LEU C 1006 -10.73 20.19 21.83
C LEU C 1006 -10.92 20.71 23.28
N THR C 1007 -10.11 21.64 23.74
CA THR C 1007 -10.30 22.17 25.11
C THR C 1007 -11.52 23.09 25.24
N ILE C 1008 -11.87 23.80 24.18
CA ILE C 1008 -13.00 24.73 24.18
C ILE C 1008 -14.33 24.03 24.38
N ILE C 1009 -14.51 22.92 23.69
CA ILE C 1009 -15.79 22.25 23.63
C ILE C 1009 -16.28 21.66 24.96
N ARG C 1010 -15.38 21.22 25.83
CA ARG C 1010 -15.82 20.74 27.13
C ARG C 1010 -16.40 21.87 27.97
N SER C 1011 -15.69 22.98 28.01
CA SER C 1011 -16.10 24.10 28.86
C SER C 1011 -15.70 25.48 28.35
N LYS C 1012 -16.62 26.42 28.55
CA LYS C 1012 -18.01 26.10 28.90
C LYS C 1012 -19.01 26.77 27.99
N ARG C 1013 -18.74 28.05 27.77
CA ARG C 1013 -19.74 29.05 27.47
C ARG C 1013 -20.38 28.96 26.09
N TRP C 1014 -19.76 28.21 25.19
CA TRP C 1014 -20.57 27.51 24.18
C TRP C 1014 -20.05 26.13 23.86
N ASP C 1015 -20.97 25.28 23.42
CA ASP C 1015 -20.61 24.03 22.80
C ASP C 1015 -20.02 24.31 21.43
N GLU C 1016 -20.90 24.75 20.53
CA GLU C 1016 -20.53 25.25 19.21
C GLU C 1016 -21.37 26.48 18.85
N CYS C 1017 -20.77 27.67 18.89
CA CYS C 1017 -21.53 28.91 18.83
C CYS C 1017 -22.19 29.19 17.47
N LEU C 1018 -22.92 30.30 17.45
CA LEU C 1018 -23.97 30.61 16.48
C LEU C 1018 -23.53 30.93 15.04
N LYS C 1019 -22.37 31.57 14.89
CA LYS C 1019 -22.26 32.75 14.05
C LYS C 1019 -21.47 32.57 12.75
N ILE C 1020 -22.02 33.16 11.70
CA ILE C 1020 -22.23 32.51 10.41
C ILE C 1020 -22.28 33.56 9.30
N PHE C 1021 -22.40 33.07 8.07
CA PHE C 1021 -22.36 33.86 6.84
C PHE C 1021 -20.97 34.38 6.44
N SER C 1022 -20.87 35.11 5.32
CA SER C 1022 -21.14 34.64 3.94
C SER C 1022 -20.50 35.61 2.94
N HIS C 1023 -20.16 35.14 1.74
CA HIS C 1023 -20.12 33.73 1.36
C HIS C 1023 -19.02 32.91 2.04
N ASN C 1024 -17.83 33.49 2.15
CA ASN C 1024 -16.69 32.78 2.69
C ASN C 1024 -16.24 33.40 4.01
N SER C 1025 -16.14 32.57 5.03
CA SER C 1025 -16.26 31.13 4.86
C SER C 1025 -17.45 30.56 5.64
N PRO C 1026 -18.18 29.61 5.03
CA PRO C 1026 -19.49 29.15 5.51
C PRO C 1026 -19.33 28.57 6.91
N GLY C 1027 -20.33 28.73 7.77
CA GLY C 1027 -20.19 28.25 9.12
C GLY C 1027 -21.37 27.40 9.54
N ASN C 1028 -21.15 26.60 10.58
CA ASN C 1028 -19.84 26.55 11.23
C ASN C 1028 -19.27 25.16 11.44
N LYS C 1029 -20.16 24.21 11.70
CA LYS C 1029 -19.79 22.82 11.89
C LYS C 1029 -19.28 22.18 10.59
N CYS C 1030 -19.93 22.45 9.46
CA CYS C 1030 -19.56 21.70 8.26
C CYS C 1030 -18.06 21.92 7.92
N PRO C 1031 -17.50 23.15 8.10
CA PRO C 1031 -16.03 23.22 7.95
C PRO C 1031 -15.24 22.42 8.97
N ILE C 1032 -15.84 22.08 10.11
CA ILE C 1032 -15.19 21.21 11.08
C ILE C 1032 -14.99 19.90 10.38
N THR C 1033 -16.08 19.45 9.78
CA THR C 1033 -16.10 18.13 9.14
C THR C 1033 -15.30 18.02 7.84
N GLU C 1034 -15.27 19.09 7.04
CA GLU C 1034 -14.34 19.17 5.91
C GLU C 1034 -12.87 19.29 6.28
N MET C 1035 -12.54 20.06 7.32
CA MET C 1035 -11.16 20.49 7.48
C MET C 1035 -10.39 20.09 8.73
N ILE C 1036 -11.07 19.64 9.79
CA ILE C 1036 -10.48 18.68 10.72
C ILE C 1036 -11.41 17.57 11.19
N GLU C 1037 -11.29 16.40 10.56
CA GLU C 1037 -12.21 15.31 10.82
C GLU C 1037 -11.91 14.82 12.24
N TYR C 1038 -12.76 13.93 12.74
CA TYR C 1038 -12.59 13.20 14.01
C TYR C 1038 -12.71 14.12 15.23
N LEU C 1039 -12.67 15.42 15.00
CA LEU C 1039 -12.97 16.38 16.06
C LEU C 1039 -14.42 16.16 16.49
N PRO C 1040 -15.35 16.01 15.49
CA PRO C 1040 -16.69 15.64 15.93
C PRO C 1040 -16.50 14.42 16.82
N GLU C 1041 -15.92 13.31 16.38
CA GLU C 1041 -15.92 12.05 17.15
C GLU C 1041 -15.98 12.31 18.66
N CYS C 1042 -15.06 13.16 19.11
CA CYS C 1042 -14.98 13.54 20.51
C CYS C 1042 -16.23 14.36 20.87
N MET C 1043 -16.59 15.33 20.02
CA MET C 1043 -17.78 16.16 20.31
C MET C 1043 -19.01 15.25 20.40
N LYS C 1044 -18.96 14.18 19.61
CA LYS C 1044 -20.06 13.26 19.34
C LYS C 1044 -20.30 12.42 20.55
N VAL C 1045 -19.28 11.69 20.98
CA VAL C 1045 -19.41 10.77 22.11
C VAL C 1045 -19.79 11.55 23.36
N LEU C 1046 -19.47 12.85 23.40
CA LEU C 1046 -19.90 13.71 24.49
C LEU C 1046 -21.43 13.86 24.43
N LEU C 1047 -22.01 13.50 23.28
CA LEU C 1047 -23.45 13.46 23.11
C LEU C 1047 -24.01 12.06 22.81
N ASP C 1048 -25.12 11.79 23.47
CA ASP C 1048 -25.74 10.49 23.76
C ASP C 1048 -25.82 10.36 25.26
N PHE C 1049 -26.21 9.18 25.73
CA PHE C 1049 -26.29 8.92 27.16
C PHE C 1049 -25.57 7.66 27.56
N CYS C 1050 -26.04 6.54 27.01
CA CYS C 1050 -25.95 5.24 27.66
C CYS C 1050 -26.23 5.47 29.15
N MET C 1051 -27.38 6.11 29.42
CA MET C 1051 -27.73 6.63 30.73
C MET C 1051 -27.75 5.53 31.80
N LEU C 1052 -28.22 4.37 31.38
CA LEU C 1052 -28.25 3.17 32.20
C LEU C 1052 -27.19 2.21 31.67
N HIS C 1053 -26.54 1.48 32.57
CA HIS C 1053 -25.14 1.16 32.41
C HIS C 1053 -24.99 -0.36 32.39
N SER C 1054 -24.30 -0.86 31.37
CA SER C 1054 -24.58 -2.17 30.77
C SER C 1054 -26.05 -2.33 30.36
N THR C 1055 -26.68 -3.40 30.84
CA THR C 1055 -27.79 -4.06 30.15
C THR C 1055 -29.18 -3.51 30.50
N GLU C 1056 -30.08 -3.59 29.52
CA GLU C 1056 -31.44 -3.04 29.61
C GLU C 1056 -31.43 -1.51 29.71
N ASP C 1057 -30.68 -0.85 28.82
CA ASP C 1057 -30.59 0.63 28.86
C ASP C 1057 -31.12 1.29 27.60
N LYS C 1058 -31.94 2.32 27.80
CA LYS C 1058 -32.48 3.11 26.73
C LYS C 1058 -31.80 4.47 26.67
N SER C 1059 -31.06 4.81 25.60
CA SER C 1059 -30.28 6.05 25.57
C SER C 1059 -30.80 7.00 24.48
N CYS C 1060 -31.03 8.26 24.85
CA CYS C 1060 -31.47 9.28 23.91
C CYS C 1060 -30.28 9.76 23.07
N ARG C 1061 -30.56 10.28 21.87
CA ARG C 1061 -29.51 10.93 21.07
C ARG C 1061 -29.92 12.30 20.55
N ASP C 1062 -29.56 13.32 21.33
CA ASP C 1062 -29.69 14.73 20.95
C ASP C 1062 -29.07 15.03 19.60
N TYR C 1063 -29.46 16.15 18.97
CA TYR C 1063 -28.84 16.53 17.71
C TYR C 1063 -28.30 17.96 17.66
N TYR C 1064 -27.01 18.06 17.36
CA TYR C 1064 -26.39 19.26 16.80
C TYR C 1064 -26.71 19.48 15.33
N ILE C 1065 -26.91 18.40 14.59
CA ILE C 1065 -26.77 18.39 13.13
C ILE C 1065 -27.69 19.36 12.40
N GLU C 1066 -28.96 19.41 12.79
CA GLU C 1066 -29.94 20.18 12.03
C GLU C 1066 -29.59 21.66 12.12
N TYR C 1067 -29.87 22.38 11.04
CA TYR C 1067 -29.18 23.66 10.83
C TYR C 1067 -29.67 24.90 11.63
N ASN C 1068 -30.94 25.03 12.01
CA ASN C 1068 -32.08 24.31 11.43
C ASN C 1068 -33.04 25.29 10.78
N PHE C 1069 -33.35 25.07 9.50
CA PHE C 1069 -34.30 25.87 8.74
C PHE C 1069 -35.31 24.88 8.10
N LYS C 1070 -36.40 25.26 7.40
CA LYS C 1070 -36.73 26.50 6.64
C LYS C 1070 -35.77 26.75 5.47
N TYR C 1071 -35.55 28.01 5.12
CA TYR C 1071 -34.63 28.41 4.04
C TYR C 1071 -34.90 27.67 2.73
N LEU C 1072 -36.14 27.72 2.26
CA LEU C 1072 -36.49 27.17 0.95
C LEU C 1072 -37.10 28.24 0.07
N TYR C 1089 -31.65 24.78 3.54
CA TYR C 1089 -30.50 25.48 2.97
C TYR C 1089 -29.37 24.48 2.66
N GLU C 1090 -29.42 23.92 1.46
CA GLU C 1090 -28.65 22.73 1.08
C GLU C 1090 -29.03 21.63 2.05
N PRO C 1091 -30.34 21.49 2.30
CA PRO C 1091 -31.01 20.98 3.49
C PRO C 1091 -30.63 19.53 3.78
N LEU C 1092 -30.65 19.13 5.07
CA LEU C 1092 -29.77 18.12 5.67
C LEU C 1092 -28.29 18.51 5.80
N THR C 1093 -27.75 19.18 4.79
CA THR C 1093 -26.56 20.00 4.93
C THR C 1093 -25.33 19.25 5.48
N ALA C 1094 -25.15 19.28 6.80
CA ALA C 1094 -23.89 18.88 7.42
C ALA C 1094 -23.51 17.43 7.08
N LEU C 1095 -24.48 16.53 7.17
CA LEU C 1095 -24.30 15.13 6.78
C LEU C 1095 -23.80 15.05 5.34
N ASN C 1096 -24.53 15.74 4.47
CA ASN C 1096 -24.16 15.89 3.07
C ASN C 1096 -22.71 16.37 2.94
N ALA C 1097 -22.35 17.38 3.73
CA ALA C 1097 -20.98 17.89 3.70
C ALA C 1097 -19.98 16.88 4.27
N MET C 1098 -20.47 15.87 4.98
CA MET C 1098 -19.62 14.73 5.31
C MET C 1098 -19.38 13.87 4.08
N VAL C 1099 -20.44 13.52 3.37
CA VAL C 1099 -20.26 12.72 2.16
C VAL C 1099 -19.37 13.52 1.18
N GLN C 1100 -19.57 14.82 1.13
CA GLN C 1100 -18.83 15.69 0.20
C GLN C 1100 -18.28 16.88 0.99
N ASN C 1101 -17.15 16.68 1.67
CA ASN C 1101 -16.31 15.49 1.55
C ASN C 1101 -15.65 15.23 2.90
N ASN C 1102 -14.90 14.13 3.03
CA ASN C 1102 -15.21 12.80 2.48
C ASN C 1102 -15.27 11.77 3.60
N ARG C 1103 -15.19 12.24 4.83
CA ARG C 1103 -14.24 11.76 5.83
C ARG C 1103 -14.47 10.37 6.42
N ILE C 1104 -15.72 10.02 6.70
CA ILE C 1104 -16.17 8.62 6.88
C ILE C 1104 -15.18 7.71 7.62
N GLU C 1105 -14.71 8.16 8.78
CA GLU C 1105 -14.93 7.39 9.99
C GLU C 1105 -15.34 8.36 11.08
N LEU C 1106 -16.04 9.42 10.69
CA LEU C 1106 -17.16 9.96 11.45
C LEU C 1106 -18.51 9.41 11.03
N LEU C 1107 -18.78 9.44 9.73
CA LEU C 1107 -20.09 9.09 9.21
C LEU C 1107 -20.56 7.73 9.71
N ASN C 1108 -19.61 6.80 9.80
CA ASN C 1108 -19.91 5.43 10.16
C ASN C 1108 -20.20 5.41 11.67
N HIS C 1109 -19.80 6.46 12.38
CA HIS C 1109 -19.96 6.50 13.84
C HIS C 1109 -21.37 6.13 14.27
N PRO C 1110 -21.45 5.08 15.10
CA PRO C 1110 -22.69 4.41 15.48
C PRO C 1110 -23.69 5.31 16.20
N VAL C 1111 -23.23 5.98 17.27
CA VAL C 1111 -24.10 6.60 18.28
C VAL C 1111 -25.18 7.49 17.68
N CYS C 1112 -24.89 8.08 16.53
CA CYS C 1112 -25.68 9.20 16.04
C CYS C 1112 -26.23 8.97 14.64
N LYS C 1113 -25.34 9.13 13.66
CA LYS C 1113 -25.72 9.37 12.28
C LYS C 1113 -26.59 8.24 11.79
N GLU C 1114 -26.15 7.03 12.10
CA GLU C 1114 -26.80 5.81 11.66
C GLU C 1114 -28.25 5.82 12.14
N TYR C 1115 -28.44 6.20 13.41
CA TYR C 1115 -29.78 6.30 13.94
C TYR C 1115 -30.60 7.38 13.25
N LEU C 1116 -30.03 8.56 13.12
CA LEU C 1116 -30.72 9.70 12.51
C LEU C 1116 -31.31 9.24 11.18
N LEU C 1117 -30.43 8.74 10.33
CA LEU C 1117 -30.78 8.32 8.97
C LEU C 1117 -31.75 7.15 8.98
N MET C 1118 -31.66 6.30 10.01
CA MET C 1118 -32.62 5.22 10.20
C MET C 1118 -34.04 5.74 10.40
N LYS C 1119 -34.21 6.65 11.35
CA LYS C 1119 -35.57 7.06 11.68
C LYS C 1119 -36.15 8.04 10.65
N TRP C 1120 -35.42 9.08 10.29
CA TRP C 1120 -35.58 9.78 9.01
C TRP C 1120 -36.01 8.90 7.81
N LEU C 1121 -35.33 7.77 7.64
CA LEU C 1121 -35.82 6.66 6.82
C LEU C 1121 -37.12 5.98 7.27
N ALA C 1122 -37.63 6.21 8.48
CA ALA C 1122 -39.04 5.82 8.64
C ALA C 1122 -40.06 6.55 7.72
N TYR C 1123 -40.14 7.90 7.77
CA TYR C 1123 -41.09 8.52 6.84
C TYR C 1123 -40.55 8.21 5.44
N GLY C 1124 -39.21 8.17 5.32
CA GLY C 1124 -38.59 8.12 3.99
C GLY C 1124 -39.07 6.83 3.37
N PHE C 1125 -39.30 5.85 4.25
CA PHE C 1125 -39.73 4.53 3.88
C PHE C 1125 -41.08 4.81 3.28
N ARG C 1126 -41.92 5.43 4.11
CA ARG C 1126 -43.34 5.60 3.80
C ARG C 1126 -43.59 6.28 2.43
N ALA C 1127 -42.75 7.26 2.06
CA ALA C 1127 -42.85 7.84 0.71
C ALA C 1127 -42.28 6.90 -0.35
N HIS C 1128 -41.16 6.25 -0.01
CA HIS C 1128 -40.37 5.52 -1.00
C HIS C 1128 -41.27 4.41 -1.51
N MET C 1129 -41.75 3.61 -0.57
CA MET C 1129 -42.54 2.42 -0.85
C MET C 1129 -43.70 2.89 -1.69
N MET C 1130 -44.23 4.08 -1.40
CA MET C 1130 -45.41 4.58 -2.08
C MET C 1130 -45.09 4.73 -3.57
N ASN C 1131 -43.91 5.31 -3.87
CA ASN C 1131 -43.49 5.32 -5.27
C ASN C 1131 -43.35 3.90 -5.82
N LEU C 1132 -42.79 2.99 -5.03
CA LEU C 1132 -42.59 1.61 -5.52
C LEU C 1132 -43.96 1.05 -5.92
N GLY C 1133 -44.95 1.38 -5.10
CA GLY C 1133 -46.28 0.79 -5.08
C GLY C 1133 -46.98 1.21 -6.34
N SER C 1134 -46.89 2.51 -6.64
CA SER C 1134 -47.37 3.02 -7.93
C SER C 1134 -46.76 2.25 -9.08
N TYR C 1135 -45.52 1.82 -8.91
CA TYR C 1135 -44.88 0.95 -9.89
C TYR C 1135 -45.22 -0.53 -9.67
N CYS C 1136 -45.73 -0.86 -8.49
CA CYS C 1136 -45.84 -2.25 -8.03
C CYS C 1136 -47.13 -2.82 -8.58
N LEU C 1137 -48.20 -2.03 -8.44
CA LEU C 1137 -49.54 -2.34 -8.93
C LEU C 1137 -49.55 -2.35 -10.45
N GLY C 1138 -48.40 -2.00 -11.03
CA GLY C 1138 -48.09 -2.28 -12.41
C GLY C 1138 -47.39 -3.63 -12.54
N LEU C 1139 -46.41 -3.90 -11.68
CA LEU C 1139 -45.58 -5.11 -11.81
C LEU C 1139 -46.28 -6.43 -11.59
N ILE C 1140 -47.13 -6.52 -10.57
CA ILE C 1140 -47.77 -7.79 -10.28
C ILE C 1140 -48.83 -8.18 -11.34
N PRO C 1141 -49.62 -7.20 -11.85
CA PRO C 1141 -50.39 -7.40 -13.09
C PRO C 1141 -49.74 -8.20 -14.21
N MET C 1142 -48.52 -7.85 -14.64
CA MET C 1142 -47.93 -8.44 -15.84
C MET C 1142 -47.81 -9.93 -15.58
N THR C 1143 -47.26 -10.23 -14.42
CA THR C 1143 -47.05 -11.59 -13.96
C THR C 1143 -48.37 -12.33 -13.99
N ILE C 1144 -49.42 -11.74 -13.40
CA ILE C 1144 -50.71 -12.44 -13.33
C ILE C 1144 -51.29 -12.71 -14.71
N LEU C 1145 -51.24 -11.73 -15.62
CA LEU C 1145 -51.81 -11.93 -16.95
C LEU C 1145 -51.09 -12.99 -17.74
N VAL C 1146 -49.77 -12.96 -17.72
CA VAL C 1146 -49.04 -13.86 -18.59
C VAL C 1146 -48.88 -15.25 -17.98
N VAL C 1147 -48.90 -15.34 -16.65
CA VAL C 1147 -48.93 -16.65 -16.00
C VAL C 1147 -50.29 -17.31 -16.08
N ASN C 1148 -51.37 -16.54 -16.05
CA ASN C 1148 -52.69 -17.15 -15.93
C ASN C 1148 -53.43 -17.56 -17.20
N ILE C 1149 -53.53 -16.66 -18.18
CA ILE C 1149 -53.64 -17.08 -19.57
C ILE C 1149 -53.36 -15.98 -20.58
N LYS C 1150 -53.13 -16.37 -21.84
CA LYS C 1150 -52.32 -17.56 -22.17
C LYS C 1150 -51.43 -17.21 -23.37
N PRO C 1151 -50.42 -18.03 -23.66
CA PRO C 1151 -49.66 -17.66 -24.86
C PRO C 1151 -50.26 -18.33 -26.08
N GLY C 1152 -50.72 -17.52 -27.03
CA GLY C 1152 -51.22 -18.07 -28.27
C GLY C 1152 -52.54 -17.43 -28.62
N MET C 1153 -53.45 -17.46 -27.65
CA MET C 1153 -54.85 -17.08 -27.86
C MET C 1153 -54.95 -15.61 -28.21
N ALA C 1154 -55.76 -15.32 -29.23
CA ALA C 1154 -55.82 -13.99 -29.82
C ALA C 1154 -56.31 -12.98 -28.80
N PHE C 1155 -57.20 -13.44 -27.92
CA PHE C 1155 -57.21 -13.08 -26.51
C PHE C 1155 -58.37 -13.74 -25.73
N ASN C 1156 -58.29 -15.06 -25.57
CA ASN C 1156 -59.40 -15.94 -25.16
C ASN C 1156 -60.77 -15.28 -25.01
N THR C 1173 -64.31 -20.58 -20.32
CA THR C 1173 -63.42 -19.43 -20.17
C THR C 1173 -63.81 -18.61 -18.98
N THR C 1174 -63.75 -19.23 -17.81
CA THR C 1174 -64.07 -18.47 -16.60
C THR C 1174 -62.79 -17.72 -16.14
N ASN C 1175 -62.74 -17.30 -14.85
CA ASN C 1175 -61.69 -16.45 -14.20
C ASN C 1175 -61.76 -15.14 -14.89
N SER C 1176 -62.82 -14.84 -15.61
CA SER C 1176 -62.96 -13.66 -16.41
C SER C 1176 -62.76 -12.37 -15.62
N TYR C 1177 -63.23 -12.36 -14.37
CA TYR C 1177 -62.97 -11.20 -13.51
C TYR C 1177 -61.51 -10.93 -13.11
N LEU C 1178 -60.79 -11.97 -12.73
CA LEU C 1178 -59.36 -11.78 -12.46
C LEU C 1178 -58.73 -10.92 -13.56
N ILE C 1179 -59.00 -11.36 -14.78
CA ILE C 1179 -58.47 -10.70 -15.97
C ILE C 1179 -59.04 -9.32 -16.24
N LYS C 1180 -60.35 -9.12 -16.05
CA LYS C 1180 -60.90 -7.81 -16.36
C LYS C 1180 -60.29 -6.80 -15.42
N THR C 1181 -60.34 -7.13 -14.12
CA THR C 1181 -59.83 -6.24 -13.08
C THR C 1181 -58.40 -5.85 -13.35
N CYS C 1182 -57.57 -6.89 -13.52
CA CYS C 1182 -56.16 -6.60 -13.69
C CYS C 1182 -55.92 -5.79 -14.95
N MET C 1183 -56.66 -6.10 -16.01
CA MET C 1183 -56.50 -5.38 -17.28
C MET C 1183 -56.75 -3.89 -17.19
N ILE C 1184 -57.91 -3.53 -16.65
CA ILE C 1184 -58.27 -2.12 -16.60
C ILE C 1184 -57.28 -1.43 -15.66
N LEU C 1185 -56.95 -2.13 -14.57
CA LEU C 1185 -55.99 -1.60 -13.61
C LEU C 1185 -54.67 -1.27 -14.31
N VAL C 1186 -54.24 -2.13 -15.23
CA VAL C 1186 -53.01 -1.88 -16.00
C VAL C 1186 -53.15 -0.68 -16.92
N PHE C 1187 -54.29 -0.59 -17.61
CA PHE C 1187 -54.49 0.48 -18.59
C PHE C 1187 -54.35 1.82 -17.87
N LEU C 1188 -54.94 1.89 -16.68
CA LEU C 1188 -54.89 3.08 -15.87
C LEU C 1188 -53.49 3.30 -15.26
N SER C 1189 -52.84 2.20 -14.88
CA SER C 1189 -51.49 2.20 -14.32
C SER C 1189 -50.41 2.69 -15.30
N SER C 1190 -50.72 2.57 -16.59
CA SER C 1190 -49.90 3.10 -17.68
C SER C 1190 -49.73 4.62 -17.78
N ILE C 1191 -50.82 5.37 -17.82
CA ILE C 1191 -50.71 6.79 -18.15
C ILE C 1191 -50.12 7.69 -17.06
N PHE C 1192 -50.06 7.21 -15.82
CA PHE C 1192 -49.83 8.06 -14.66
C PHE C 1192 -48.66 9.04 -14.73
N GLY C 1193 -47.52 8.57 -15.21
CA GLY C 1193 -46.35 9.42 -15.29
C GLY C 1193 -46.42 10.28 -16.53
N TYR C 1194 -46.81 9.59 -17.60
CA TYR C 1194 -46.97 10.14 -18.92
C TYR C 1194 -48.40 10.66 -19.11
N ILE C 1212 -30.49 5.49 -20.81
CA ILE C 1212 -30.73 5.64 -19.37
C ILE C 1212 -32.19 5.36 -19.00
N SER C 1213 -32.59 5.80 -17.81
CA SER C 1213 -33.91 5.48 -17.24
C SER C 1213 -35.13 6.08 -17.94
N ASN C 1214 -34.96 7.21 -18.62
CA ASN C 1214 -36.12 7.90 -19.17
C ASN C 1214 -36.63 7.39 -20.52
N VAL C 1215 -35.73 6.88 -21.36
CA VAL C 1215 -36.14 6.20 -22.58
C VAL C 1215 -36.77 4.87 -22.21
N LEU C 1216 -36.38 4.34 -21.04
CA LEU C 1216 -37.02 3.16 -20.49
C LEU C 1216 -38.43 3.49 -20.04
N GLU C 1217 -38.57 4.66 -19.40
CA GLU C 1217 -39.88 5.16 -19.00
C GLU C 1217 -40.78 5.46 -20.21
N TRP C 1218 -40.18 5.82 -21.33
CA TRP C 1218 -40.91 6.01 -22.57
C TRP C 1218 -41.41 4.68 -23.16
N ILE C 1219 -40.43 3.80 -23.44
CA ILE C 1219 -40.71 2.57 -24.13
C ILE C 1219 -41.69 1.74 -23.32
N ILE C 1220 -41.49 1.65 -22.01
CA ILE C 1220 -42.33 0.75 -21.25
C ILE C 1220 -43.80 1.14 -21.38
N TYR C 1221 -44.10 2.43 -21.26
CA TYR C 1221 -45.51 2.82 -21.24
C TYR C 1221 -46.13 2.58 -22.61
N THR C 1222 -45.42 2.99 -23.67
CA THR C 1222 -46.02 2.79 -25.00
C THR C 1222 -46.27 1.33 -25.34
N THR C 1223 -45.31 0.47 -24.99
CA THR C 1223 -45.53 -0.95 -25.22
C THR C 1223 -46.65 -1.51 -24.33
N GLY C 1224 -46.81 -0.96 -23.13
CA GLY C 1224 -47.91 -1.38 -22.28
C GLY C 1224 -49.24 -1.07 -22.96
N ILE C 1225 -49.30 0.12 -23.56
CA ILE C 1225 -50.50 0.57 -24.26
C ILE C 1225 -50.83 -0.32 -25.46
N ILE C 1226 -49.82 -0.68 -26.26
CA ILE C 1226 -50.13 -1.55 -27.39
C ILE C 1226 -50.64 -2.84 -26.78
N PHE C 1227 -50.01 -3.23 -25.67
CA PHE C 1227 -50.30 -4.50 -25.02
C PHE C 1227 -51.78 -4.65 -24.75
N VAL C 1228 -52.40 -3.58 -24.25
CA VAL C 1228 -53.83 -3.67 -23.95
C VAL C 1228 -54.85 -2.86 -24.80
N LEU C 1229 -54.46 -2.33 -25.97
CA LEU C 1229 -55.47 -1.61 -26.76
C LEU C 1229 -56.70 -2.44 -27.22
N PRO C 1230 -56.49 -3.65 -27.82
CA PRO C 1230 -57.59 -4.41 -28.45
C PRO C 1230 -58.91 -4.57 -27.69
N LEU C 1231 -58.98 -4.25 -26.40
CA LEU C 1231 -60.28 -4.03 -25.79
C LEU C 1231 -60.99 -2.80 -26.35
N PHE C 1232 -60.23 -1.74 -26.64
CA PHE C 1232 -60.81 -0.57 -27.31
C PHE C 1232 -60.63 -0.41 -28.82
N VAL C 1233 -60.16 -1.44 -29.54
CA VAL C 1233 -60.22 -1.45 -31.01
C VAL C 1233 -60.18 -2.95 -31.43
N GLU C 1234 -60.16 -3.21 -32.73
CA GLU C 1234 -59.79 -4.52 -33.28
C GLU C 1234 -58.38 -4.42 -33.86
N ILE C 1235 -57.46 -5.26 -33.40
CA ILE C 1235 -56.08 -5.23 -33.88
C ILE C 1235 -55.43 -6.59 -33.71
N PRO C 1236 -54.33 -6.83 -34.45
CA PRO C 1236 -54.15 -8.03 -35.29
C PRO C 1236 -54.25 -9.30 -34.46
N ALA C 1237 -53.99 -9.15 -33.15
CA ALA C 1237 -53.87 -10.20 -32.13
C ALA C 1237 -52.44 -10.74 -31.96
N HIS C 1238 -51.85 -11.31 -32.99
CA HIS C 1238 -50.49 -11.72 -32.80
C HIS C 1238 -49.58 -10.50 -32.54
N LEU C 1239 -49.69 -9.45 -33.34
CA LEU C 1239 -48.82 -8.28 -33.13
C LEU C 1239 -48.83 -7.83 -31.67
N GLN C 1240 -50.04 -7.69 -31.15
CA GLN C 1240 -50.27 -7.19 -29.79
C GLN C 1240 -49.60 -8.12 -28.82
N TRP C 1241 -49.81 -9.41 -29.01
CA TRP C 1241 -49.20 -10.41 -28.17
C TRP C 1241 -47.69 -10.29 -28.30
N GLN C 1242 -47.21 -10.00 -29.51
CA GLN C 1242 -45.77 -9.98 -29.71
C GLN C 1242 -45.10 -8.89 -28.90
N CYS C 1243 -45.59 -7.66 -29.03
CA CYS C 1243 -44.95 -6.55 -28.35
C CYS C 1243 -45.24 -6.55 -26.86
N GLY C 1244 -46.22 -7.37 -26.46
CA GLY C 1244 -46.28 -7.77 -25.06
C GLY C 1244 -45.04 -8.34 -24.43
N ALA C 1245 -44.26 -9.13 -25.19
CA ALA C 1245 -43.05 -9.76 -24.67
C ALA C 1245 -42.06 -8.68 -24.23
N ILE C 1246 -41.85 -7.74 -25.15
CA ILE C 1246 -40.93 -6.63 -24.95
C ILE C 1246 -41.39 -5.88 -23.74
N ALA C 1247 -42.70 -5.65 -23.68
CA ALA C 1247 -43.28 -4.92 -22.56
C ALA C 1247 -42.88 -5.55 -21.24
N VAL C 1248 -43.08 -6.86 -21.10
CA VAL C 1248 -42.73 -7.56 -19.86
C VAL C 1248 -41.24 -7.40 -19.51
N TYR C 1249 -40.41 -7.75 -20.48
CA TYR C 1249 -38.97 -7.80 -20.25
C TYR C 1249 -38.41 -6.45 -19.80
N PHE C 1250 -38.68 -5.42 -20.61
CA PHE C 1250 -38.18 -4.10 -20.29
C PHE C 1250 -38.77 -3.65 -18.99
N TYR C 1251 -40.02 -4.05 -18.77
CA TYR C 1251 -40.75 -3.69 -17.56
C TYR C 1251 -39.84 -4.03 -16.39
N TRP C 1252 -39.64 -5.33 -16.17
CA TRP C 1252 -38.88 -5.80 -15.01
C TRP C 1252 -37.46 -5.26 -14.94
N MET C 1253 -36.74 -5.27 -16.07
CA MET C 1253 -35.34 -4.88 -15.97
C MET C 1253 -35.29 -3.42 -15.54
N ASN C 1254 -36.27 -2.65 -15.99
CA ASN C 1254 -36.40 -1.27 -15.56
C ASN C 1254 -36.56 -1.28 -14.07
N PHE C 1255 -37.42 -2.18 -13.58
CA PHE C 1255 -37.76 -2.24 -12.16
C PHE C 1255 -36.53 -2.46 -11.27
N LEU C 1256 -35.53 -3.15 -11.80
CA LEU C 1256 -34.24 -3.25 -11.10
C LEU C 1256 -33.67 -1.90 -10.64
N LEU C 1257 -33.65 -0.91 -11.53
CA LEU C 1257 -33.19 0.43 -11.16
C LEU C 1257 -33.97 1.08 -10.03
N TYR C 1258 -35.25 0.75 -9.86
CA TYR C 1258 -35.94 1.20 -8.67
C TYR C 1258 -35.41 0.44 -7.47
N LEU C 1259 -35.12 -0.84 -7.67
CA LEU C 1259 -34.50 -1.61 -6.60
C LEU C 1259 -33.04 -1.21 -6.34
N GLN C 1260 -32.50 -0.32 -7.17
CA GLN C 1260 -31.14 0.19 -6.99
C GLN C 1260 -31.04 0.87 -5.63
N ARG C 1261 -32.10 1.58 -5.29
CA ARG C 1261 -32.25 2.19 -3.99
C ARG C 1261 -32.55 1.15 -2.91
N PHE C 1262 -32.40 1.60 -1.66
CA PHE C 1262 -32.29 0.80 -0.42
C PHE C 1262 -30.86 0.42 -0.06
N GLU C 1263 -30.72 -0.37 1.00
CA GLU C 1263 -29.41 -0.80 1.51
C GLU C 1263 -28.88 -2.14 1.01
N ASN C 1264 -29.74 -3.17 1.01
CA ASN C 1264 -29.26 -4.53 0.77
C ASN C 1264 -28.80 -4.67 -0.67
N CYS C 1265 -29.67 -4.29 -1.59
CA CYS C 1265 -29.35 -4.25 -3.01
C CYS C 1265 -28.40 -3.10 -3.30
N GLY C 1266 -28.60 -1.99 -2.60
CA GLY C 1266 -28.21 -0.66 -3.06
C GLY C 1266 -26.81 -0.51 -3.63
N ILE C 1267 -25.94 -1.48 -3.33
CA ILE C 1267 -24.55 -1.44 -3.76
C ILE C 1267 -24.42 -2.33 -4.99
N PHE C 1268 -25.21 -3.38 -5.01
CA PHE C 1268 -25.11 -4.44 -6.00
C PHE C 1268 -25.26 -3.85 -7.42
N ILE C 1269 -26.36 -3.11 -7.59
CA ILE C 1269 -26.76 -2.66 -8.91
C ILE C 1269 -25.85 -1.59 -9.49
N VAL C 1270 -25.36 -0.66 -8.67
CA VAL C 1270 -24.49 0.39 -9.20
C VAL C 1270 -23.28 -0.33 -9.80
N MET C 1271 -22.80 -1.33 -9.06
CA MET C 1271 -21.75 -2.23 -9.54
C MET C 1271 -22.11 -2.78 -10.91
N LEU C 1272 -23.32 -3.34 -11.04
CA LEU C 1272 -23.70 -3.90 -12.34
C LEU C 1272 -23.82 -2.89 -13.49
N GLU C 1273 -24.32 -1.69 -13.22
CA GLU C 1273 -24.44 -0.69 -14.28
C GLU C 1273 -23.05 -0.23 -14.72
N VAL C 1274 -22.16 0.00 -13.76
CA VAL C 1274 -20.82 0.48 -14.10
C VAL C 1274 -20.06 -0.60 -14.86
N ILE C 1275 -20.18 -1.85 -14.43
CA ILE C 1275 -19.47 -2.92 -15.11
C ILE C 1275 -20.01 -3.04 -16.53
N LEU C 1276 -21.32 -2.89 -16.70
CA LEU C 1276 -21.91 -3.00 -18.04
C LEU C 1276 -21.44 -1.86 -18.98
N LYS C 1277 -21.34 -0.63 -18.47
CA LYS C 1277 -20.79 0.42 -19.33
C LYS C 1277 -19.35 0.08 -19.68
N THR C 1278 -18.62 -0.51 -18.73
CA THR C 1278 -17.26 -0.92 -19.01
C THR C 1278 -17.26 -1.96 -20.13
N LEU C 1279 -18.33 -2.77 -20.14
CA LEU C 1279 -18.54 -3.78 -21.15
C LEU C 1279 -18.72 -3.21 -22.55
N LEU C 1280 -19.45 -2.09 -22.67
CA LEU C 1280 -19.73 -1.59 -24.02
C LEU C 1280 -18.59 -1.05 -24.92
N ARG C 1281 -17.51 -0.51 -24.35
CA ARG C 1281 -16.36 -0.18 -25.19
C ARG C 1281 -15.84 -1.47 -25.84
N SER C 1282 -15.71 -2.47 -24.97
CA SER C 1282 -15.30 -3.78 -25.43
C SER C 1282 -16.28 -4.24 -26.51
N THR C 1283 -17.58 -3.98 -26.34
CA THR C 1283 -18.52 -4.52 -27.32
C THR C 1283 -18.37 -3.85 -28.67
N VAL C 1284 -18.02 -2.57 -28.74
CA VAL C 1284 -17.72 -2.08 -30.09
C VAL C 1284 -16.48 -2.80 -30.65
N VAL C 1285 -15.40 -2.90 -29.88
CA VAL C 1285 -14.26 -3.53 -30.54
C VAL C 1285 -14.33 -5.06 -30.87
N PHE C 1286 -14.95 -5.89 -30.04
CA PHE C 1286 -15.34 -7.22 -30.56
C PHE C 1286 -16.65 -7.23 -31.37
N ILE C 1287 -17.24 -6.08 -31.69
CA ILE C 1287 -18.30 -6.15 -32.68
C ILE C 1287 -17.66 -5.89 -34.01
N PHE C 1288 -16.40 -5.48 -34.01
CA PHE C 1288 -15.62 -5.81 -35.21
C PHE C 1288 -14.88 -7.14 -35.18
N LEU C 1289 -14.35 -7.54 -34.02
CA LEU C 1289 -13.64 -8.84 -33.98
C LEU C 1289 -14.53 -10.07 -34.15
N LEU C 1290 -15.62 -10.13 -33.39
CA LEU C 1290 -16.47 -11.30 -33.42
C LEU C 1290 -17.16 -11.36 -34.76
N LEU C 1291 -17.35 -10.19 -35.35
CA LEU C 1291 -17.91 -10.10 -36.69
C LEU C 1291 -16.96 -10.75 -37.69
N ALA C 1292 -15.67 -10.40 -37.59
CA ALA C 1292 -14.66 -11.05 -38.43
C ALA C 1292 -14.69 -12.56 -38.33
N PHE C 1293 -14.76 -13.08 -37.10
CA PHE C 1293 -14.81 -14.53 -36.95
C PHE C 1293 -16.05 -15.10 -37.60
N GLY C 1294 -17.15 -14.37 -37.40
CA GLY C 1294 -18.46 -14.75 -37.87
C GLY C 1294 -18.37 -15.01 -39.35
N LEU C 1295 -17.79 -14.05 -40.07
CA LEU C 1295 -17.66 -14.17 -41.52
C LEU C 1295 -16.69 -15.28 -41.94
N SER C 1296 -15.58 -15.45 -41.21
CA SER C 1296 -14.68 -16.56 -41.58
C SER C 1296 -15.36 -17.93 -41.51
N PHE C 1297 -16.11 -18.15 -40.43
CA PHE C 1297 -16.87 -19.40 -40.32
C PHE C 1297 -18.00 -19.45 -41.33
N TYR C 1298 -18.49 -18.28 -41.72
CA TYR C 1298 -19.46 -18.20 -42.80
C TYR C 1298 -18.88 -18.84 -44.05
N ILE C 1299 -17.67 -18.45 -44.41
CA ILE C 1299 -17.08 -18.98 -45.65
C ILE C 1299 -16.65 -20.44 -45.56
N LEU C 1300 -16.04 -20.86 -44.45
CA LEU C 1300 -15.58 -22.24 -44.43
C LEU C 1300 -16.62 -23.35 -44.40
N LEU C 1301 -17.70 -23.20 -43.65
CA LEU C 1301 -18.71 -24.24 -43.63
C LEU C 1301 -20.13 -23.76 -43.83
N ASN C 1302 -20.44 -23.16 -44.98
CA ASN C 1302 -21.85 -22.90 -45.26
C ASN C 1302 -22.44 -23.76 -46.37
N LEU C 1303 -21.73 -24.81 -46.75
CA LEU C 1303 -22.42 -25.99 -47.27
C LEU C 1303 -23.37 -26.42 -46.16
N GLN C 1304 -22.83 -26.42 -44.94
CA GLN C 1304 -23.51 -27.02 -43.80
C GLN C 1304 -24.57 -26.02 -43.30
N ASP C 1305 -25.62 -26.53 -42.67
CA ASP C 1305 -26.65 -25.71 -42.05
C ASP C 1305 -26.66 -25.99 -40.54
N PRO C 1306 -26.65 -24.93 -39.71
CA PRO C 1306 -26.68 -23.49 -40.02
C PRO C 1306 -25.32 -22.88 -40.31
N PHE C 1307 -25.07 -22.42 -41.53
CA PHE C 1307 -24.19 -21.28 -41.72
C PHE C 1307 -24.63 -20.43 -42.90
N SER C 1308 -25.73 -20.83 -43.55
CA SER C 1308 -26.22 -20.12 -44.72
C SER C 1308 -26.51 -18.68 -44.29
N SER C 1309 -26.05 -17.75 -45.13
CA SER C 1309 -26.31 -16.32 -45.00
C SER C 1309 -25.41 -15.74 -43.91
N PRO C 1310 -25.06 -14.45 -44.02
CA PRO C 1310 -24.14 -13.76 -43.11
C PRO C 1310 -24.69 -13.75 -41.69
N LEU C 1311 -25.96 -13.38 -41.57
CA LEU C 1311 -26.56 -13.00 -40.29
C LEU C 1311 -26.60 -14.20 -39.34
N LEU C 1312 -27.10 -15.32 -39.85
CA LEU C 1312 -27.00 -16.60 -39.15
C LEU C 1312 -25.59 -16.90 -38.67
N SER C 1313 -24.60 -16.71 -39.53
CA SER C 1313 -23.21 -17.03 -39.19
C SER C 1313 -22.70 -16.19 -38.04
N ILE C 1314 -22.85 -14.87 -38.16
CA ILE C 1314 -22.34 -13.97 -37.13
C ILE C 1314 -23.05 -14.18 -35.80
N ILE C 1315 -24.37 -14.33 -35.83
CA ILE C 1315 -25.10 -14.60 -34.57
C ILE C 1315 -24.65 -15.92 -33.96
N GLN C 1316 -24.41 -16.91 -34.83
CA GLN C 1316 -24.00 -18.23 -34.37
C GLN C 1316 -22.67 -18.17 -33.64
N THR C 1317 -21.70 -17.48 -34.22
CA THR C 1317 -20.38 -17.32 -33.62
C THR C 1317 -20.48 -16.55 -32.33
N PHE C 1318 -21.40 -15.59 -32.33
CA PHE C 1318 -21.66 -14.82 -31.13
C PHE C 1318 -22.05 -15.77 -30.00
N SER C 1319 -22.98 -16.67 -30.29
CA SER C 1319 -23.41 -17.66 -29.30
C SER C 1319 -22.22 -18.54 -28.93
N MET C 1320 -21.34 -18.76 -29.90
CA MET C 1320 -20.17 -19.62 -29.71
C MET C 1320 -19.21 -19.04 -28.69
N MET C 1321 -19.17 -17.72 -28.57
CA MET C 1321 -18.26 -17.07 -27.61
C MET C 1321 -18.37 -17.68 -26.21
N LEU C 1322 -19.60 -17.90 -25.78
CA LEU C 1322 -19.94 -18.12 -24.38
C LEU C 1322 -19.04 -19.12 -23.67
N GLY C 1323 -18.69 -20.19 -24.37
CA GLY C 1323 -18.42 -21.45 -23.71
C GLY C 1323 -18.38 -22.56 -24.73
N ASP C 1324 -19.51 -23.23 -24.93
CA ASP C 1324 -19.53 -24.45 -25.73
C ASP C 1324 -19.22 -24.20 -27.20
N ILE C 1325 -18.43 -25.11 -27.78
CA ILE C 1325 -17.79 -24.93 -29.08
C ILE C 1325 -18.57 -25.11 -30.41
N ASN C 1326 -19.71 -25.82 -30.47
CA ASN C 1326 -20.43 -26.48 -29.37
C ASN C 1326 -21.01 -27.90 -29.52
N TYR C 1327 -21.53 -28.34 -30.68
CA TYR C 1327 -21.19 -27.99 -32.08
C TYR C 1327 -19.68 -28.11 -32.26
N ARG C 1328 -19.18 -29.22 -31.74
CA ARG C 1328 -18.04 -29.95 -32.28
C ARG C 1328 -18.62 -31.20 -32.95
N GLU C 1329 -19.95 -31.26 -32.94
CA GLU C 1329 -20.72 -32.21 -33.73
C GLU C 1329 -21.00 -31.58 -35.11
N SER C 1330 -20.41 -30.42 -35.34
CA SER C 1330 -20.51 -29.76 -36.64
C SER C 1330 -19.23 -29.66 -37.47
N PHE C 1331 -18.07 -30.01 -36.93
CA PHE C 1331 -16.92 -30.26 -37.80
C PHE C 1331 -16.77 -31.74 -38.06
N LEU C 1332 -16.69 -32.47 -36.96
CA LEU C 1332 -16.31 -33.87 -36.97
C LEU C 1332 -17.02 -34.74 -38.00
N GLU C 1333 -18.35 -34.72 -37.90
CA GLU C 1333 -19.20 -35.55 -38.74
C GLU C 1333 -19.10 -35.18 -40.22
N PRO C 1334 -19.21 -33.88 -40.57
CA PRO C 1334 -18.79 -33.49 -41.92
C PRO C 1334 -17.44 -34.10 -42.32
N TYR C 1335 -16.43 -33.95 -41.47
CA TYR C 1335 -15.07 -34.37 -41.82
C TYR C 1335 -15.00 -35.87 -42.16
N LEU C 1336 -15.63 -36.72 -41.35
CA LEU C 1336 -15.69 -38.16 -41.64
C LEU C 1336 -16.58 -38.45 -42.83
N ARG C 1337 -17.63 -37.65 -42.98
CA ARG C 1337 -18.46 -37.70 -44.18
C ARG C 1337 -17.55 -37.37 -45.34
N ASN C 1338 -16.69 -36.39 -45.07
CA ASN C 1338 -15.74 -35.79 -46.00
C ASN C 1338 -16.51 -34.72 -46.76
N GLU C 1339 -17.70 -34.44 -46.24
CA GLU C 1339 -18.55 -33.35 -46.70
C GLU C 1339 -17.85 -32.00 -46.64
N LEU C 1340 -17.19 -31.72 -45.52
CA LEU C 1340 -16.69 -30.36 -45.34
C LEU C 1340 -15.48 -30.17 -46.22
N ALA C 1341 -15.49 -29.10 -46.98
CA ALA C 1341 -14.37 -28.76 -47.82
C ALA C 1341 -13.33 -28.15 -46.89
N HIS C 1342 -12.08 -28.12 -47.34
CA HIS C 1342 -11.02 -27.40 -46.65
C HIS C 1342 -10.74 -27.92 -45.25
N PRO C 1343 -10.61 -29.24 -45.07
CA PRO C 1343 -10.21 -29.68 -43.73
C PRO C 1343 -8.92 -29.00 -43.23
N VAL C 1344 -7.91 -28.96 -44.09
CA VAL C 1344 -6.55 -28.58 -43.72
C VAL C 1344 -6.58 -27.24 -43.01
N LEU C 1345 -7.19 -26.27 -43.67
CA LEU C 1345 -7.29 -24.93 -43.14
C LEU C 1345 -8.24 -24.88 -41.97
N SER C 1346 -9.40 -25.52 -42.11
CA SER C 1346 -10.51 -25.30 -41.19
C SER C 1346 -10.17 -25.69 -39.76
N PHE C 1347 -9.50 -26.83 -39.59
CA PHE C 1347 -9.08 -27.22 -38.24
C PHE C 1347 -8.22 -26.13 -37.60
N ALA C 1348 -7.32 -25.57 -38.42
CA ALA C 1348 -6.45 -24.47 -38.02
C ALA C 1348 -7.33 -23.32 -37.57
N GLN C 1349 -8.39 -23.06 -38.34
CA GLN C 1349 -9.30 -21.96 -38.02
C GLN C 1349 -9.90 -22.15 -36.65
N LEU C 1350 -10.27 -23.37 -36.30
CA LEU C 1350 -10.89 -23.56 -34.98
C LEU C 1350 -9.86 -23.46 -33.87
N VAL C 1351 -8.65 -23.96 -34.09
CA VAL C 1351 -7.66 -23.86 -33.02
C VAL C 1351 -7.28 -22.39 -32.78
N SER C 1352 -7.17 -21.60 -33.84
CA SER C 1352 -6.98 -20.16 -33.72
C SER C 1352 -8.12 -19.53 -32.98
N PHE C 1353 -9.32 -19.96 -33.33
CA PHE C 1353 -10.54 -19.43 -32.75
C PHE C 1353 -10.52 -19.61 -31.23
N THR C 1354 -10.24 -20.83 -30.78
CA THR C 1354 -10.18 -21.06 -29.34
C THR C 1354 -9.01 -20.29 -28.70
N ILE C 1355 -7.92 -20.07 -29.43
CA ILE C 1355 -6.89 -19.20 -28.86
C ILE C 1355 -7.38 -17.76 -28.70
N PHE C 1356 -8.35 -17.32 -29.50
CA PHE C 1356 -8.77 -15.90 -29.43
C PHE C 1356 -10.15 -15.49 -28.92
N VAL C 1357 -11.02 -16.40 -28.51
CA VAL C 1357 -12.26 -15.93 -27.91
C VAL C 1357 -12.71 -16.75 -26.70
N PRO C 1358 -12.83 -18.09 -26.83
CA PRO C 1358 -13.26 -18.84 -25.65
C PRO C 1358 -12.35 -18.62 -24.44
N ILE C 1359 -11.04 -18.58 -24.66
CA ILE C 1359 -10.13 -18.39 -23.54
C ILE C 1359 -9.64 -16.97 -23.26
N VAL C 1360 -8.90 -16.38 -24.19
CA VAL C 1360 -8.26 -15.09 -23.89
C VAL C 1360 -9.22 -13.90 -23.76
N LEU C 1361 -10.16 -13.76 -24.70
CA LEU C 1361 -11.07 -12.62 -24.68
C LEU C 1361 -11.93 -12.65 -23.44
N MET C 1362 -12.44 -13.84 -23.13
CA MET C 1362 -13.33 -14.01 -21.99
C MET C 1362 -12.59 -13.63 -20.74
N ASN C 1363 -11.37 -14.14 -20.61
CA ASN C 1363 -10.56 -13.90 -19.44
C ASN C 1363 -10.25 -12.42 -19.28
N LEU C 1364 -10.04 -11.72 -20.40
CA LEU C 1364 -9.76 -10.30 -20.32
C LEU C 1364 -11.00 -9.54 -19.87
N LEU C 1365 -12.17 -9.94 -20.36
CA LEU C 1365 -13.40 -9.27 -19.99
C LEU C 1365 -13.59 -9.46 -18.49
N ILE C 1366 -13.29 -10.68 -18.04
CA ILE C 1366 -13.33 -11.04 -16.62
C ILE C 1366 -12.38 -10.10 -15.89
N GLY C 1367 -11.27 -9.78 -16.54
CA GLY C 1367 -10.21 -8.99 -15.94
C GLY C 1367 -10.76 -7.60 -15.66
N LEU C 1368 -11.43 -7.00 -16.64
CA LEU C 1368 -12.05 -5.69 -16.45
C LEU C 1368 -13.06 -5.78 -15.31
N ALA C 1369 -13.86 -6.85 -15.33
CA ALA C 1369 -14.90 -7.07 -14.33
C ALA C 1369 -14.27 -6.96 -12.94
N VAL C 1370 -13.21 -7.74 -12.72
CA VAL C 1370 -12.58 -7.84 -11.42
C VAL C 1370 -11.95 -6.50 -11.04
N GLY C 1371 -11.25 -5.88 -11.98
CA GLY C 1371 -10.58 -4.62 -11.73
C GLY C 1371 -11.55 -3.54 -11.24
N ASP C 1372 -12.60 -3.28 -12.02
CA ASP C 1372 -13.56 -2.25 -11.60
C ASP C 1372 -14.40 -2.62 -10.38
N ILE C 1373 -14.80 -3.88 -10.23
CA ILE C 1373 -15.63 -4.24 -9.08
C ILE C 1373 -14.81 -4.09 -7.80
N ALA C 1374 -13.56 -4.55 -7.87
CA ALA C 1374 -12.59 -4.41 -6.79
C ALA C 1374 -12.49 -2.94 -6.44
N ASP C 1375 -12.32 -2.11 -7.47
CA ASP C 1375 -12.25 -0.67 -7.28
C ASP C 1375 -13.47 -0.05 -6.60
N VAL C 1376 -14.67 -0.51 -6.94
CA VAL C 1376 -15.87 0.01 -6.27
C VAL C 1376 -15.94 -0.42 -4.82
N GLN C 1377 -15.65 -1.69 -4.55
CA GLN C 1377 -15.67 -2.21 -3.18
C GLN C 1377 -14.57 -1.64 -2.29
N LYS C 1378 -13.49 -1.15 -2.91
CA LYS C 1378 -12.36 -0.54 -2.17
C LYS C 1378 -12.85 0.64 -1.31
N HIS C 1379 -13.72 1.47 -1.87
CA HIS C 1379 -14.44 2.44 -1.05
C HIS C 1379 -15.92 2.35 -1.43
N ALA C 1380 -16.52 1.27 -0.96
CA ALA C 1380 -17.93 0.94 -1.19
C ALA C 1380 -18.87 1.76 -0.31
N SER C 1381 -18.51 1.88 0.96
CA SER C 1381 -19.42 2.41 1.98
C SER C 1381 -19.93 3.79 1.59
N LEU C 1382 -19.02 4.66 1.18
CA LEU C 1382 -19.41 6.00 0.75
C LEU C 1382 -20.41 5.99 -0.37
N LYS C 1383 -20.28 5.05 -1.32
CA LYS C 1383 -21.16 5.03 -2.48
C LYS C 1383 -22.60 4.83 -2.01
N ARG C 1384 -22.77 3.89 -1.08
CA ARG C 1384 -24.05 3.55 -0.49
C ARG C 1384 -24.63 4.68 0.36
N ILE C 1385 -23.83 5.20 1.29
CA ILE C 1385 -24.40 6.15 2.23
C ILE C 1385 -24.71 7.43 1.46
N ALA C 1386 -23.84 7.76 0.50
CA ALA C 1386 -24.12 8.85 -0.44
C ALA C 1386 -25.38 8.62 -1.23
N MET C 1387 -25.71 7.36 -1.51
CA MET C 1387 -27.03 7.08 -2.08
C MET C 1387 -28.17 7.47 -1.13
N GLN C 1388 -28.15 6.99 0.11
CA GLN C 1388 -29.25 7.39 1.01
C GLN C 1388 -29.34 8.89 1.31
N VAL C 1389 -28.19 9.54 1.57
CA VAL C 1389 -28.23 10.98 1.85
C VAL C 1389 -28.74 11.73 0.63
N GLU C 1390 -28.31 11.32 -0.56
CA GLU C 1390 -28.69 12.04 -1.78
C GLU C 1390 -30.20 11.95 -1.86
N LEU C 1391 -30.72 10.74 -1.65
CA LEU C 1391 -32.14 10.51 -1.81
C LEU C 1391 -32.92 11.39 -0.81
N HIS C 1392 -32.49 11.40 0.46
CA HIS C 1392 -33.17 12.22 1.45
C HIS C 1392 -33.06 13.73 1.21
N THR C 1393 -31.96 14.21 0.65
CA THR C 1393 -31.86 15.63 0.32
C THR C 1393 -32.77 15.98 -0.85
N SER C 1394 -32.92 15.07 -1.81
CA SER C 1394 -33.74 15.37 -2.98
C SER C 1394 -35.19 14.94 -2.73
N LEU C 1395 -35.47 14.54 -1.51
CA LEU C 1395 -36.85 14.28 -1.09
C LEU C 1395 -37.27 15.46 -0.20
N GLU C 1396 -36.33 15.90 0.63
CA GLU C 1396 -36.49 16.99 1.57
C GLU C 1396 -36.94 18.27 0.86
N LYS C 1397 -36.27 18.59 -0.25
CA LYS C 1397 -36.51 19.83 -0.97
C LYS C 1397 -37.89 19.93 -1.61
N LYS C 1398 -38.40 18.81 -2.15
CA LYS C 1398 -39.71 18.86 -2.79
C LYS C 1398 -40.90 18.92 -1.83
N LEU C 1399 -40.85 18.17 -0.73
CA LEU C 1399 -42.01 18.10 0.16
C LEU C 1399 -42.17 19.41 0.94
N PRO C 1400 -43.41 19.94 1.01
CA PRO C 1400 -43.84 21.13 1.76
C PRO C 1400 -43.40 21.24 3.22
N LEU C 1401 -42.89 22.43 3.57
CA LEU C 1401 -42.29 22.73 4.86
C LEU C 1401 -43.15 22.43 6.09
N TRP C 1402 -44.46 22.68 5.98
CA TRP C 1402 -45.38 22.46 7.09
C TRP C 1402 -45.44 20.99 7.51
N PHE C 1403 -45.08 20.10 6.59
CA PHE C 1403 -44.99 18.69 6.90
C PHE C 1403 -43.55 18.36 7.33
N LEU C 1404 -43.05 19.13 8.29
CA LEU C 1404 -41.75 18.90 8.91
C LEU C 1404 -41.83 19.14 10.41
N ARG C 1405 -41.47 18.13 11.19
CA ARG C 1405 -41.49 18.21 12.65
C ARG C 1405 -42.87 18.67 13.16
N LYS C 1406 -43.84 17.76 13.14
CA LYS C 1406 -43.67 16.39 12.66
C LYS C 1406 -43.59 16.29 11.15
N VAL C 1407 -43.09 15.18 10.64
CA VAL C 1407 -42.46 14.13 11.46
C VAL C 1407 -41.00 14.40 11.78
N ASP C 1408 -40.70 14.42 13.07
CA ASP C 1408 -39.32 14.50 13.58
C ASP C 1408 -39.30 14.33 15.10
N GLN C 1409 -38.73 13.22 15.54
CA GLN C 1409 -38.59 12.94 16.96
C GLN C 1409 -37.56 13.86 17.60
N LYS C 1410 -36.48 14.14 16.85
CA LYS C 1410 -35.22 14.75 17.31
C LYS C 1410 -34.70 14.04 18.55
N SER C 1411 -35.05 12.76 18.70
CA SER C 1411 -34.45 11.88 19.69
C SER C 1411 -34.89 10.44 19.41
N THR C 1412 -34.14 9.48 19.93
CA THR C 1412 -34.55 8.08 19.77
C THR C 1412 -34.17 7.20 20.96
N ILE C 1413 -35.13 6.47 21.48
CA ILE C 1413 -34.86 5.47 22.51
C ILE C 1413 -34.05 4.35 21.86
N VAL C 1414 -33.12 3.78 22.61
CA VAL C 1414 -32.28 2.70 22.08
C VAL C 1414 -32.48 1.42 22.89
N TYR C 1415 -32.71 0.31 22.21
CA TYR C 1415 -32.91 -0.96 22.91
C TYR C 1415 -32.20 -2.12 22.22
N GLN C 1440 -21.76 -7.20 10.94
CA GLN C 1440 -22.14 -7.08 9.55
C GLN C 1440 -22.19 -5.63 9.10
N GLU C 1441 -21.60 -4.74 9.91
CA GLU C 1441 -21.56 -3.33 9.59
C GLU C 1441 -20.17 -2.74 9.73
N ILE C 1442 -19.99 -1.53 9.19
CA ILE C 1442 -19.14 -1.31 8.03
C ILE C 1442 -17.69 -1.70 8.31
N PRO C 1443 -16.98 -2.21 7.29
CA PRO C 1443 -15.70 -2.92 7.39
C PRO C 1443 -14.59 -2.07 7.99
N ASN C 1444 -13.84 -2.67 8.91
CA ASN C 1444 -12.68 -2.03 9.53
C ASN C 1444 -11.51 -1.85 8.56
N ALA C 1445 -11.36 -2.79 7.63
CA ALA C 1445 -10.11 -2.95 6.87
C ALA C 1445 -9.73 -1.75 6.00
N ASP C 1446 -10.71 -1.12 5.36
CA ASP C 1446 -10.44 0.08 4.56
C ASP C 1446 -9.92 1.18 5.48
N LYS C 1447 -8.84 1.85 5.07
CA LYS C 1447 -8.31 2.94 5.88
C LYS C 1447 -7.40 3.90 5.11
N SER C 1448 -7.22 5.08 5.68
CA SER C 1448 -6.26 6.08 5.22
C SER C 1448 -5.27 6.28 6.36
N LEU C 1449 -3.98 6.08 6.10
CA LEU C 1449 -2.98 6.23 7.15
C LEU C 1449 -1.84 7.17 6.74
N GLU C 1450 -1.99 7.77 5.55
CA GLU C 1450 -1.18 8.90 5.14
C GLU C 1450 -1.36 10.07 6.10
N MET C 1451 -2.55 10.21 6.66
CA MET C 1451 -2.82 11.38 7.46
C MET C 1451 -1.84 11.36 8.60
N GLU C 1452 -1.62 10.16 9.14
CA GLU C 1452 -0.76 10.01 10.31
C GLU C 1452 0.47 10.93 10.14
N ILE C 1453 1.08 10.76 8.97
CA ILE C 1453 2.21 11.57 8.51
C ILE C 1453 1.84 13.05 8.38
N LEU C 1454 0.66 13.32 7.84
CA LEU C 1454 0.32 14.74 7.74
C LEU C 1454 0.17 15.36 9.14
N LYS C 1455 -0.23 14.57 10.14
CA LYS C 1455 -0.17 14.95 11.56
C LYS C 1455 1.25 15.24 12.05
N GLN C 1456 2.21 14.35 11.73
CA GLN C 1456 3.63 14.63 12.14
C GLN C 1456 4.17 15.98 11.56
N LYS C 1457 3.90 16.23 10.30
CA LYS C 1457 4.56 17.33 9.61
C LYS C 1457 4.31 18.69 10.28
N TYR C 1458 3.07 18.97 10.69
CA TYR C 1458 2.75 20.30 11.22
C TYR C 1458 3.57 20.52 12.47
N ARG C 1459 3.70 19.43 13.23
CA ARG C 1459 4.44 19.43 14.48
C ARG C 1459 5.86 19.82 14.18
N LEU C 1460 6.45 19.20 13.16
CA LEU C 1460 7.84 19.54 12.86
C LEU C 1460 8.02 20.99 12.40
N LYS C 1461 7.05 21.56 11.66
CA LYS C 1461 7.16 23.01 11.38
C LYS C 1461 7.05 23.84 12.65
N ASP C 1462 6.29 23.35 13.62
CA ASP C 1462 6.21 24.05 14.89
C ASP C 1462 7.57 24.02 15.56
N LEU C 1463 8.23 22.88 15.44
CA LEU C 1463 9.58 22.76 15.94
C LEU C 1463 10.57 23.73 15.29
N THR C 1464 10.52 23.91 13.96
CA THR C 1464 11.42 24.95 13.43
C THR C 1464 11.04 26.40 13.75
N PHE C 1465 9.76 26.69 13.99
CA PHE C 1465 9.36 28.00 14.51
C PHE C 1465 9.95 28.13 15.91
N LEU C 1466 10.23 27.02 16.57
CA LEU C 1466 10.61 27.01 17.97
C LEU C 1466 12.13 26.79 18.03
N LEU C 1467 12.77 26.75 16.86
CA LEU C 1467 14.21 26.60 16.85
C LEU C 1467 14.87 27.84 16.24
N GLU C 1468 14.27 28.37 15.18
CA GLU C 1468 14.83 29.54 14.53
C GLU C 1468 14.89 30.73 15.47
N LYS C 1469 13.80 30.95 16.20
CA LYS C 1469 13.77 32.02 17.19
C LYS C 1469 14.87 31.86 18.21
N GLN C 1470 15.13 30.61 18.61
CA GLN C 1470 16.28 30.33 19.44
C GLN C 1470 17.60 30.72 18.81
N HIS C 1471 17.73 30.53 17.50
CA HIS C 1471 18.99 30.85 16.83
C HIS C 1471 19.21 32.37 16.85
N GLU C 1472 18.15 33.08 16.46
CA GLU C 1472 18.10 34.54 16.53
C GLU C 1472 18.55 34.98 17.91
N LEU C 1473 17.91 34.37 18.89
CA LEU C 1473 18.07 34.75 20.28
C LEU C 1473 19.50 34.53 20.74
N ILE C 1474 20.15 33.50 20.22
CA ILE C 1474 21.53 33.22 20.63
C ILE C 1474 22.54 34.20 19.99
N LYS C 1475 22.36 34.51 18.71
CA LYS C 1475 23.21 35.59 18.19
C LYS C 1475 22.99 36.83 19.05
N LEU C 1476 21.75 37.03 19.49
CA LEU C 1476 21.47 38.14 20.37
C LEU C 1476 22.13 37.95 21.73
N ILE C 1477 22.46 36.70 22.10
CA ILE C 1477 23.35 36.50 23.26
C ILE C 1477 24.69 37.13 23.03
N ILE C 1478 25.32 36.82 21.91
CA ILE C 1478 26.67 37.37 21.71
C ILE C 1478 26.72 38.87 21.51
N GLN C 1479 25.70 39.43 20.87
CA GLN C 1479 25.72 40.87 20.64
C GLN C 1479 25.65 41.71 21.93
N LYS C 1480 25.33 41.08 23.06
CA LYS C 1480 25.41 41.77 24.35
C LYS C 1480 26.33 41.08 25.34
N MET C 1481 27.32 40.34 24.85
CA MET C 1481 28.12 39.54 25.76
C MET C 1481 29.35 40.36 26.16
N GLU C 1482 29.97 39.99 27.28
CA GLU C 1482 31.05 40.80 27.84
C GLU C 1482 32.42 40.13 27.71
N ILE C 1483 32.83 39.85 26.47
CA ILE C 1483 34.02 39.03 26.24
C ILE C 1483 35.30 39.85 26.40
N ILE C 1484 35.70 40.08 27.65
CA ILE C 1484 36.97 40.71 28.00
C ILE C 1484 37.17 40.66 29.52
N SER C 1485 38.15 39.92 30.02
CA SER C 1485 39.05 39.07 29.22
C SER C 1485 38.30 37.77 28.85
N GLU C 1486 38.77 37.01 27.85
CA GLU C 1486 39.99 37.27 27.07
C GLU C 1486 39.81 37.02 25.57
N THR C 1487 40.27 37.97 24.77
CA THR C 1487 40.18 37.87 23.32
C THR C 1487 41.57 37.71 22.70
N LYS D 855 47.85 42.96 17.60
CA LYS D 855 47.06 44.14 17.23
C LYS D 855 47.35 44.59 15.80
N LYS D 856 46.29 44.88 15.04
CA LYS D 856 44.93 44.76 15.56
C LYS D 856 44.17 43.60 14.92
N SER D 857 43.85 42.60 15.75
CA SER D 857 43.08 41.44 15.34
C SER D 857 41.61 41.48 15.79
N PRO D 858 41.31 41.89 17.06
CA PRO D 858 39.97 41.70 17.61
C PRO D 858 38.86 42.25 16.73
N LEU D 859 39.10 43.38 16.07
CA LEU D 859 38.08 44.04 15.26
C LEU D 859 37.44 43.04 14.30
N HIS D 860 38.27 42.17 13.71
CA HIS D 860 37.79 41.15 12.77
C HIS D 860 36.69 40.32 13.40
N PHE D 861 37.01 39.84 14.61
CA PHE D 861 36.09 39.05 15.42
C PHE D 861 34.83 39.86 15.69
N ALA D 862 35.03 40.99 16.34
CA ALA D 862 33.98 41.76 16.99
C ALA D 862 32.95 42.16 15.95
N ALA D 863 33.41 42.66 14.80
CA ALA D 863 32.49 43.07 13.75
C ALA D 863 32.15 41.91 12.81
N SER D 864 32.74 40.73 13.01
CA SER D 864 32.15 39.52 12.45
C SER D 864 30.83 39.22 13.13
N TYR D 865 30.89 39.04 14.46
CA TYR D 865 29.67 38.79 15.25
C TYR D 865 28.88 40.03 15.61
N GLY D 866 29.44 41.21 15.36
CA GLY D 866 28.67 42.44 15.40
C GLY D 866 28.61 43.04 16.78
N ARG D 867 29.76 43.10 17.43
CA ARG D 867 29.91 43.74 18.73
C ARG D 867 30.01 45.24 18.53
N ILE D 868 28.85 45.89 18.43
CA ILE D 868 28.78 47.25 17.92
C ILE D 868 29.61 48.28 18.69
N ASN D 869 29.56 48.29 20.01
CA ASN D 869 30.27 49.32 20.74
C ASN D 869 31.78 49.18 20.68
N THR D 870 32.25 47.94 20.78
CA THR D 870 33.68 47.66 20.67
C THR D 870 34.16 47.98 19.26
N CYS D 871 33.34 47.63 18.26
CA CYS D 871 33.61 48.03 16.88
C CYS D 871 33.79 49.54 16.74
N GLN D 872 32.81 50.30 17.20
CA GLN D 872 32.83 51.76 17.05
C GLN D 872 33.98 52.44 17.79
N ARG D 873 34.20 52.06 19.05
CA ARG D 873 35.25 52.68 19.85
C ARG D 873 36.67 52.24 19.47
N LEU D 874 36.82 51.01 18.97
CA LEU D 874 38.10 50.57 18.45
C LEU D 874 38.45 51.18 17.09
N LEU D 875 37.46 51.20 16.20
CA LEU D 875 37.67 51.68 14.83
C LEU D 875 37.83 53.19 14.65
N GLN D 876 37.17 53.97 15.49
CA GLN D 876 37.34 55.41 15.45
C GLN D 876 38.59 55.78 16.25
N ASP D 877 39.63 56.20 15.56
CA ASP D 877 40.90 56.56 16.22
C ASP D 877 41.46 57.96 15.89
N ILE D 878 41.61 58.35 14.62
CA ILE D 878 41.21 57.63 13.42
C ILE D 878 42.44 57.17 12.64
N SER D 879 42.48 55.88 12.31
CA SER D 879 43.59 55.28 11.59
C SER D 879 43.71 55.88 10.18
N ASP D 880 42.55 56.27 9.63
CA ASP D 880 42.32 56.55 8.20
C ASP D 880 42.06 55.24 7.47
N THR D 881 41.81 54.20 8.24
CA THR D 881 41.35 52.91 7.74
C THR D 881 42.30 52.26 6.72
N ARG D 882 43.59 52.36 6.98
CA ARG D 882 44.60 51.62 6.21
C ARG D 882 44.33 50.12 6.20
N LEU D 883 43.92 49.60 7.36
CA LEU D 883 43.66 48.18 7.56
C LEU D 883 42.17 47.78 7.54
N LEU D 884 41.32 48.61 6.94
CA LEU D 884 39.88 48.47 7.14
C LEU D 884 39.10 47.30 6.46
N ASN D 885 39.37 46.81 5.24
CA ASN D 885 40.52 46.94 4.30
C ASN D 885 41.79 46.22 4.78
N GLU D 886 41.61 45.19 5.60
CA GLU D 886 42.61 44.16 5.83
C GLU D 886 42.00 42.76 5.73
N GLY D 887 42.84 41.76 5.47
CA GLY D 887 42.35 40.39 5.45
C GLY D 887 43.41 39.37 5.81
N ASP D 888 42.93 38.23 6.29
CA ASP D 888 43.76 37.08 6.62
C ASP D 888 43.08 35.81 6.15
N LEU D 889 43.87 34.79 5.85
CA LEU D 889 43.37 33.62 5.15
C LEU D 889 42.29 32.85 6.01
N HIS D 890 41.22 32.40 5.39
CA HIS D 890 41.02 32.69 3.94
C HIS D 890 40.73 34.16 3.93
N GLY D 891 41.26 34.93 2.99
CA GLY D 891 41.09 36.36 3.04
C GLY D 891 39.62 36.78 3.14
N MET D 892 39.37 37.70 4.09
CA MET D 892 38.03 38.24 4.30
C MET D 892 38.14 39.59 4.99
N THR D 893 37.07 40.37 4.89
CA THR D 893 37.04 41.71 5.46
C THR D 893 35.86 41.79 6.43
N PRO D 894 35.97 42.67 7.45
CA PRO D 894 34.83 42.93 8.33
C PRO D 894 33.55 43.20 7.54
N LEU D 895 33.66 43.87 6.40
CA LEU D 895 32.49 44.26 5.63
C LEU D 895 31.71 42.99 5.28
N HIS D 896 32.47 41.96 4.91
CA HIS D 896 31.91 40.64 4.62
C HIS D 896 31.36 39.94 5.85
N LEU D 897 32.20 39.74 6.86
CA LEU D 897 31.81 39.01 8.07
C LEU D 897 30.58 39.60 8.74
N ALA D 898 30.34 40.89 8.51
CA ALA D 898 29.10 41.51 8.94
C ALA D 898 27.93 40.92 8.15
N ALA D 899 28.12 40.78 6.84
CA ALA D 899 27.10 40.24 5.93
C ALA D 899 26.85 38.73 6.09
N LYS D 900 27.92 37.96 6.29
CA LYS D 900 27.81 36.52 6.49
C LYS D 900 26.81 36.22 7.59
N ASN D 901 27.09 36.66 8.81
CA ASN D 901 26.22 36.35 9.94
C ASN D 901 25.14 37.38 10.27
N GLY D 902 24.81 38.26 9.33
CA GLY D 902 23.66 39.11 9.52
C GLY D 902 23.78 40.20 10.57
N HIS D 903 24.33 41.35 10.20
CA HIS D 903 24.39 42.50 11.10
C HIS D 903 24.13 43.75 10.28
N ASP D 904 22.85 44.15 10.23
CA ASP D 904 22.44 45.37 9.54
C ASP D 904 23.06 46.59 10.21
N LYS D 905 23.06 46.60 11.53
CA LYS D 905 23.52 47.76 12.31
C LYS D 905 24.97 48.10 12.00
N VAL D 906 25.84 47.11 12.12
CA VAL D 906 27.27 47.31 11.97
C VAL D 906 27.65 47.56 10.53
N VAL D 907 27.04 46.84 9.60
CA VAL D 907 27.36 47.03 8.19
C VAL D 907 26.90 48.41 7.72
N GLN D 908 25.78 48.89 8.29
CA GLN D 908 25.36 50.27 8.09
C GLN D 908 26.39 51.27 8.62
N LEU D 909 26.78 51.14 9.89
CA LEU D 909 27.75 52.07 10.49
C LEU D 909 29.06 52.10 9.69
N LEU D 910 29.47 50.92 9.27
CA LEU D 910 30.70 50.72 8.54
C LEU D 910 30.61 51.29 7.14
N LEU D 911 29.41 51.33 6.58
CA LEU D 911 29.18 52.12 5.38
C LEU D 911 28.94 53.61 5.61
N LYS D 912 28.72 54.02 6.86
CA LYS D 912 28.69 55.46 7.13
C LYS D 912 30.10 55.98 7.11
N LYS D 913 31.00 55.27 7.79
CA LYS D 913 32.41 55.53 7.55
C LYS D 913 32.76 55.11 6.12
N GLY D 914 32.10 54.06 5.64
CA GLY D 914 32.30 53.61 4.28
C GLY D 914 33.60 52.86 4.10
N ALA D 915 33.80 52.34 2.88
CA ALA D 915 35.11 51.89 2.39
C ALA D 915 35.44 50.51 2.97
N LEU D 916 36.18 49.68 2.24
CA LEU D 916 36.49 49.86 0.81
C LEU D 916 35.24 49.87 -0.09
N PHE D 917 34.21 49.14 0.37
CA PHE D 917 32.92 48.89 -0.32
C PHE D 917 32.97 47.70 -1.27
N LEU D 918 34.15 47.11 -1.44
CA LEU D 918 34.28 45.77 -1.99
C LEU D 918 35.72 45.25 -1.90
N SER D 919 35.81 43.94 -1.70
CA SER D 919 37.04 43.19 -1.79
C SER D 919 36.65 41.72 -1.71
N ASP D 920 37.50 40.83 -2.21
CA ASP D 920 37.09 39.45 -2.39
C ASP D 920 38.27 38.50 -2.67
N HIS D 921 38.47 37.59 -1.71
CA HIS D 921 39.47 36.53 -1.81
C HIS D 921 39.15 35.28 -2.62
N ASN D 922 37.94 34.73 -2.52
CA ASN D 922 37.50 33.82 -3.56
C ASN D 922 36.46 34.52 -4.43
N GLY D 923 36.41 35.84 -4.34
CA GLY D 923 35.79 36.60 -5.40
C GLY D 923 34.33 36.82 -5.12
N TRP D 924 33.86 36.31 -3.98
CA TRP D 924 32.42 36.23 -3.72
C TRP D 924 31.83 37.61 -3.58
N THR D 925 32.63 38.52 -3.01
CA THR D 925 32.19 39.82 -2.51
C THR D 925 31.36 39.57 -1.23
N ALA D 926 30.78 40.63 -0.67
CA ALA D 926 29.97 40.54 0.54
C ALA D 926 28.53 40.16 0.28
N LEU D 927 27.93 40.77 -0.74
CA LEU D 927 26.50 40.62 -1.00
C LEU D 927 26.10 39.20 -1.39
N HIS D 928 27.06 38.42 -1.87
CA HIS D 928 26.86 36.98 -2.04
C HIS D 928 26.74 36.26 -0.70
N HIS D 929 27.60 36.62 0.24
CA HIS D 929 27.54 36.17 1.64
C HIS D 929 26.26 36.62 2.36
N ALA D 930 25.73 37.76 1.92
CA ALA D 930 24.38 38.20 2.32
C ALA D 930 23.31 37.30 1.69
N SER D 931 23.41 37.04 0.40
CA SER D 931 22.42 36.24 -0.34
C SER D 931 22.65 34.74 -0.10
N MET D 932 23.56 34.45 0.82
CA MET D 932 23.92 33.08 1.15
C MET D 932 22.79 32.58 2.05
N GLY D 933 22.61 33.23 3.18
CA GLY D 933 21.45 32.99 4.01
C GLY D 933 20.32 33.91 3.57
N GLY D 934 19.17 33.79 4.22
CA GLY D 934 18.01 34.58 3.89
C GLY D 934 17.84 35.86 4.70
N TYR D 935 18.89 36.69 4.72
CA TYR D 935 18.84 37.95 5.45
C TYR D 935 18.14 38.99 4.61
N THR D 936 17.67 40.07 5.22
CA THR D 936 17.03 41.11 4.43
C THR D 936 17.45 42.56 4.60
N GLN D 937 17.52 43.03 5.83
CA GLN D 937 17.82 44.43 6.09
C GLN D 937 19.21 44.80 5.61
N THR D 938 20.15 43.89 5.86
CA THR D 938 21.52 44.01 5.35
C THR D 938 21.42 44.20 3.85
N MET D 939 20.83 43.21 3.21
CA MET D 939 20.72 43.15 1.76
C MET D 939 19.94 44.33 1.20
N LYS D 940 19.06 44.92 2.01
CA LYS D 940 18.49 46.21 1.68
C LYS D 940 19.56 47.31 1.60
N VAL D 941 20.09 47.69 2.76
CA VAL D 941 20.89 48.92 2.83
C VAL D 941 22.24 48.83 2.09
N ILE D 942 22.86 47.66 2.17
CA ILE D 942 24.11 47.38 1.48
C ILE D 942 23.98 47.66 0.00
N LEU D 943 22.90 47.15 -0.57
CA LEU D 943 22.65 47.30 -2.00
C LEU D 943 22.34 48.76 -2.25
N ASP D 944 21.54 49.38 -1.38
CA ASP D 944 21.06 50.74 -1.62
C ASP D 944 22.18 51.79 -1.59
N THR D 945 23.32 51.47 -0.96
CA THR D 945 24.45 52.39 -1.02
C THR D 945 25.02 52.65 -2.43
N ASN D 946 25.21 51.59 -3.22
CA ASN D 946 25.53 51.73 -4.64
C ASN D 946 24.83 50.64 -5.45
N LEU D 947 24.28 50.97 -6.62
CA LEU D 947 23.90 49.95 -7.59
C LEU D 947 24.95 49.64 -8.67
N LYS D 948 26.09 50.33 -8.64
CA LYS D 948 27.22 50.00 -9.54
C LYS D 948 28.13 48.88 -9.02
N CYS D 949 28.41 48.93 -7.72
CA CYS D 949 29.16 47.89 -7.00
C CYS D 949 28.28 46.73 -6.53
N THR D 950 27.48 46.17 -7.44
CA THR D 950 26.55 45.10 -7.04
C THR D 950 26.63 43.75 -7.75
N ASP D 951 27.13 43.65 -8.97
CA ASP D 951 27.14 42.32 -9.56
C ASP D 951 28.50 41.88 -10.04
N ARG D 952 28.96 40.73 -9.57
CA ARG D 952 30.25 40.25 -10.00
C ARG D 952 30.22 38.76 -10.30
N LEU D 953 30.75 38.38 -11.45
CA LEU D 953 30.50 37.09 -12.09
C LEU D 953 31.51 35.96 -11.87
N ASP D 954 32.45 36.15 -10.94
CA ASP D 954 33.57 35.21 -10.80
C ASP D 954 33.68 34.51 -9.43
N GLU D 955 34.51 33.46 -9.29
CA GLU D 955 35.40 32.92 -10.35
C GLU D 955 34.68 32.11 -11.44
N ASP D 956 33.71 31.30 -11.03
CA ASP D 956 33.00 30.41 -11.95
C ASP D 956 31.57 30.87 -11.92
N GLY D 957 31.00 31.22 -13.07
CA GLY D 957 30.19 32.42 -13.11
C GLY D 957 29.01 32.25 -12.17
N ASN D 958 28.77 33.29 -11.38
CA ASN D 958 27.69 33.33 -10.43
C ASN D 958 27.44 34.79 -10.09
N THR D 959 26.23 35.08 -9.63
CA THR D 959 25.94 36.40 -9.07
C THR D 959 24.96 36.24 -7.93
N ALA D 960 24.75 37.33 -7.19
CA ALA D 960 24.00 37.34 -5.94
C ALA D 960 22.70 36.57 -6.11
N LEU D 961 22.05 36.75 -7.26
CA LEU D 961 20.81 36.06 -7.56
C LEU D 961 21.05 34.55 -7.59
N HIS D 962 22.20 34.13 -8.10
CA HIS D 962 22.47 32.72 -8.28
C HIS D 962 22.60 32.01 -6.93
N PHE D 963 23.31 32.63 -5.99
CA PHE D 963 23.40 32.01 -4.66
C PHE D 963 22.04 32.12 -3.98
N ALA D 964 21.46 33.32 -4.00
CA ALA D 964 20.19 33.61 -3.32
C ALA D 964 19.08 32.63 -3.71
N ALA D 965 19.19 32.04 -4.89
CA ALA D 965 18.34 30.92 -5.24
C ALA D 965 19.14 29.63 -5.05
N ARG D 966 19.65 29.46 -3.84
CA ARG D 966 20.01 28.16 -3.34
C ARG D 966 19.42 28.00 -1.96
N GLU D 967 20.25 28.18 -0.94
CA GLU D 967 19.87 28.03 0.44
C GLU D 967 18.83 29.09 0.81
N GLY D 968 19.07 30.30 0.34
CA GLY D 968 18.33 31.48 0.74
C GLY D 968 16.84 31.45 0.51
N HIS D 969 16.12 32.18 1.36
CA HIS D 969 14.68 32.34 1.24
C HIS D 969 14.32 33.24 0.07
N ALA D 970 13.02 33.30 -0.21
CA ALA D 970 12.46 33.99 -1.37
C ALA D 970 12.52 35.53 -1.34
N LYS D 971 12.39 36.11 -0.15
CA LYS D 971 12.30 37.57 -0.03
C LYS D 971 13.52 38.21 -0.66
N ALA D 972 14.69 37.62 -0.43
CA ALA D 972 15.94 38.17 -0.92
C ALA D 972 15.77 38.42 -2.42
N VAL D 973 15.36 37.38 -3.12
CA VAL D 973 15.13 37.45 -4.56
C VAL D 973 14.08 38.51 -4.90
N ALA D 974 13.00 38.56 -4.12
CA ALA D 974 11.94 39.53 -4.38
C ALA D 974 12.46 40.97 -4.36
N LEU D 975 13.33 41.28 -3.39
CA LEU D 975 13.98 42.59 -3.35
C LEU D 975 15.04 42.80 -4.43
N LEU D 976 15.75 41.74 -4.84
CA LEU D 976 16.66 41.89 -5.98
C LEU D 976 15.98 42.22 -7.30
N LEU D 977 14.81 41.64 -7.54
CA LEU D 977 14.00 42.04 -8.69
C LEU D 977 13.44 43.43 -8.46
N SER D 978 13.14 43.74 -7.20
CA SER D 978 12.67 45.07 -6.86
C SER D 978 13.77 46.11 -7.01
N HIS D 979 15.01 45.69 -7.24
CA HIS D 979 16.06 46.65 -7.57
C HIS D 979 16.77 46.41 -8.91
N ASN D 980 16.07 45.80 -9.86
CA ASN D 980 16.61 45.51 -11.19
C ASN D 980 17.97 44.81 -11.24
N ALA D 981 18.12 43.75 -10.46
CA ALA D 981 19.31 42.91 -10.55
C ALA D 981 19.38 42.26 -11.92
N ASP D 982 20.58 41.90 -12.35
CA ASP D 982 20.81 41.23 -13.62
C ASP D 982 19.99 39.94 -13.64
N ILE D 983 19.23 39.71 -14.71
CA ILE D 983 18.66 38.39 -14.92
C ILE D 983 19.45 37.50 -15.85
N VAL D 984 19.98 38.07 -16.92
CA VAL D 984 20.39 37.21 -18.02
C VAL D 984 21.69 36.46 -17.81
N LEU D 985 22.63 37.04 -17.06
CA LEU D 985 24.00 36.54 -17.16
C LEU D 985 24.02 35.04 -16.88
N ASN D 986 24.67 34.29 -17.75
CA ASN D 986 24.70 32.84 -17.66
C ASN D 986 26.15 32.37 -17.52
N LYS D 987 26.43 31.61 -16.45
CA LYS D 987 27.56 30.66 -16.30
C LYS D 987 27.38 29.87 -15.00
N GLN D 988 27.99 28.68 -14.93
CA GLN D 988 28.32 27.91 -16.14
C GLN D 988 27.08 27.32 -16.79
N GLN D 989 26.95 27.51 -18.10
CA GLN D 989 25.83 27.01 -18.93
C GLN D 989 24.42 27.12 -18.32
N ALA D 990 24.30 26.79 -17.04
CA ALA D 990 23.01 26.67 -16.38
C ALA D 990 22.66 27.93 -15.61
N SER D 991 21.45 28.42 -15.84
CA SER D 991 20.97 29.67 -15.27
C SER D 991 20.68 29.50 -13.79
N PHE D 992 20.50 30.61 -13.08
CA PHE D 992 20.21 30.56 -11.66
C PHE D 992 18.98 29.71 -11.39
N LEU D 993 18.03 29.77 -12.33
CA LEU D 993 16.77 29.05 -12.23
C LEU D 993 17.02 27.55 -12.31
N HIS D 994 17.84 27.16 -13.28
CA HIS D 994 18.42 25.81 -13.36
C HIS D 994 18.83 25.36 -11.96
N LEU D 995 19.83 26.07 -11.43
CA LEU D 995 20.54 25.66 -10.22
C LEU D 995 19.60 25.63 -9.03
N ALA D 996 18.58 26.48 -9.08
CA ALA D 996 17.50 26.46 -8.10
C ALA D 996 16.78 25.13 -8.16
N LEU D 997 16.24 24.78 -9.32
CA LEU D 997 15.40 23.60 -9.42
C LEU D 997 16.17 22.30 -9.16
N HIS D 998 17.44 22.26 -9.57
CA HIS D 998 18.27 21.09 -9.31
C HIS D 998 18.57 20.92 -7.82
N ASN D 999 18.30 21.97 -7.05
CA ASN D 999 18.23 21.86 -5.59
C ASN D 999 16.81 21.62 -5.06
N LYS D 1000 15.83 21.56 -5.97
CA LYS D 1000 14.45 21.26 -5.63
C LYS D 1000 13.82 22.24 -4.64
N ARG D 1001 13.96 23.54 -4.87
CA ARG D 1001 13.30 24.49 -3.97
C ARG D 1001 12.00 24.99 -4.58
N LYS D 1002 10.90 24.68 -3.89
CA LYS D 1002 9.58 25.18 -4.25
C LYS D 1002 9.54 26.71 -4.19
N GLU D 1003 10.00 27.26 -3.08
CA GLU D 1003 9.40 28.50 -2.57
C GLU D 1003 9.80 29.68 -3.43
N VAL D 1004 11.09 29.76 -3.74
CA VAL D 1004 11.61 30.80 -4.62
C VAL D 1004 10.95 30.72 -5.99
N VAL D 1005 10.94 29.53 -6.61
CA VAL D 1005 10.55 29.42 -8.00
C VAL D 1005 9.03 29.57 -8.10
N LEU D 1006 8.39 29.58 -6.93
CA LEU D 1006 7.03 30.08 -6.79
C LEU D 1006 6.89 31.60 -6.62
N THR D 1007 7.78 32.25 -5.86
CA THR D 1007 7.70 33.71 -5.72
C THR D 1007 8.13 34.48 -6.98
N ILE D 1008 9.06 33.91 -7.74
CA ILE D 1008 9.58 34.55 -8.95
C ILE D 1008 8.52 34.71 -10.03
N ILE D 1009 7.73 33.66 -10.23
CA ILE D 1009 6.82 33.59 -11.34
C ILE D 1009 5.67 34.60 -11.31
N ARG D 1010 5.20 35.00 -10.13
CA ARG D 1010 4.18 36.03 -10.07
C ARG D 1010 4.71 37.37 -10.55
N SER D 1011 5.89 37.73 -10.05
CA SER D 1011 6.45 39.04 -10.36
C SER D 1011 7.98 39.10 -10.36
N LYS D 1012 8.50 39.87 -11.31
CA LYS D 1012 7.71 40.32 -12.46
C LYS D 1012 8.37 40.03 -13.79
N ARG D 1013 9.66 40.32 -13.80
CA ARG D 1013 10.39 40.69 -15.00
C ARG D 1013 10.63 39.57 -16.00
N TRP D 1014 10.47 38.33 -15.57
CA TRP D 1014 10.00 37.32 -16.51
C TRP D 1014 9.03 36.34 -15.90
N ASP D 1015 8.19 35.78 -16.76
CA ASP D 1015 7.40 34.62 -16.40
C ASP D 1015 8.32 33.41 -16.30
N GLU D 1016 8.80 33.00 -17.47
CA GLU D 1016 9.83 31.97 -17.60
C GLU D 1016 10.82 32.34 -18.70
N CYS D 1017 12.03 32.76 -18.32
CA CYS D 1017 12.94 33.40 -19.26
C CYS D 1017 13.52 32.47 -20.32
N LEU D 1018 14.31 33.08 -21.21
CA LEU D 1018 14.66 32.57 -22.54
C LEU D 1018 15.60 31.35 -22.60
N LYS D 1019 16.53 31.24 -21.66
CA LYS D 1019 17.93 30.98 -22.00
C LYS D 1019 18.46 29.60 -21.62
N ILE D 1020 19.22 29.04 -22.56
CA ILE D 1020 19.06 27.67 -23.03
C ILE D 1020 20.38 27.15 -23.58
N PHE D 1021 20.37 25.89 -23.99
CA PHE D 1021 21.54 25.14 -24.45
C PHE D 1021 22.52 24.72 -23.34
N SER D 1022 23.61 24.02 -23.71
CA SER D 1022 23.62 22.67 -24.30
C SER D 1022 25.03 22.07 -24.16
N HIS D 1023 25.15 20.74 -24.12
CA HIS D 1023 24.03 19.80 -23.98
C HIS D 1023 23.36 19.82 -22.60
N ASN D 1024 24.16 19.91 -21.56
CA ASN D 1024 23.64 19.85 -20.21
C ASN D 1024 23.83 21.18 -19.48
N SER D 1025 22.74 21.71 -18.95
CA SER D 1025 21.49 20.96 -18.87
C SER D 1025 20.37 21.65 -19.65
N PRO D 1026 19.55 20.87 -20.39
CA PRO D 1026 18.60 21.36 -21.38
C PRO D 1026 17.63 22.31 -20.73
N GLY D 1027 17.18 23.35 -21.44
CA GLY D 1027 16.30 24.30 -20.82
C GLY D 1027 15.07 24.55 -21.66
N ASN D 1028 14.04 25.08 -21.01
CA ASN D 1028 14.11 25.35 -19.58
C ASN D 1028 12.95 24.84 -18.75
N LYS D 1029 11.77 24.84 -19.35
CA LYS D 1029 10.57 24.33 -18.71
C LYS D 1029 10.59 22.81 -18.53
N CYS D 1030 11.09 22.07 -19.52
CA CYS D 1030 10.97 20.62 -19.42
C CYS D 1030 11.68 20.10 -18.15
N PRO D 1031 12.86 20.67 -17.76
CA PRO D 1031 13.38 20.26 -16.45
C PRO D 1031 12.50 20.64 -15.26
N ILE D 1032 11.63 21.64 -15.43
CA ILE D 1032 10.67 21.98 -14.39
C ILE D 1032 9.82 20.76 -14.19
N THR D 1033 9.34 20.27 -15.33
CA THR D 1033 8.41 19.15 -15.32
C THR D 1033 9.00 17.78 -14.95
N GLU D 1034 10.24 17.53 -15.34
CA GLU D 1034 10.99 16.38 -14.82
C GLU D 1034 11.37 16.45 -13.33
N MET D 1035 11.75 17.62 -12.85
CA MET D 1035 12.45 17.66 -11.56
C MET D 1035 11.84 18.44 -10.40
N ILE D 1036 10.87 19.31 -10.65
CA ILE D 1036 9.82 19.59 -9.65
C ILE D 1036 8.41 19.73 -10.21
N GLU D 1037 7.65 18.66 -10.10
CA GLU D 1037 6.32 18.61 -10.70
C GLU D 1037 5.45 19.58 -9.92
N TYR D 1038 4.24 19.83 -10.42
CA TYR D 1038 3.17 20.59 -9.77
C TYR D 1038 3.50 22.08 -9.66
N LEU D 1039 4.77 22.43 -9.89
CA LEU D 1039 5.14 23.84 -10.01
C LEU D 1039 4.40 24.42 -11.22
N PRO D 1040 4.39 23.67 -12.36
CA PRO D 1040 3.52 24.18 -13.43
C PRO D 1040 2.17 24.41 -12.79
N GLU D 1041 1.50 23.41 -12.20
CA GLU D 1041 0.09 23.55 -11.77
C GLU D 1041 -0.24 25.00 -11.40
N CYS D 1042 0.59 25.58 -10.54
CA CYS D 1042 0.44 26.96 -10.10
C CYS D 1042 0.69 27.87 -11.30
N MET D 1043 1.78 27.62 -12.05
CA MET D 1043 2.08 28.47 -13.22
C MET D 1043 0.91 28.43 -14.21
N LYS D 1044 0.25 27.26 -14.22
CA LYS D 1044 -0.75 26.87 -15.18
C LYS D 1044 -2.02 27.63 -14.91
N VAL D 1045 -2.55 27.47 -13.71
CA VAL D 1045 -3.81 28.10 -13.33
C VAL D 1045 -3.70 29.62 -13.45
N LEU D 1046 -2.47 30.13 -13.34
CA LEU D 1046 -2.22 31.56 -13.56
C LEU D 1046 -2.47 31.88 -15.04
N LEU D 1047 -2.52 30.84 -15.86
CA LEU D 1047 -2.89 30.97 -17.26
C LEU D 1047 -4.17 30.23 -17.66
N ASP D 1048 -4.96 30.93 -18.47
CA ASP D 1048 -6.39 30.76 -18.75
C ASP D 1048 -7.08 32.03 -18.35
N PHE D 1049 -8.40 32.02 -18.38
CA PHE D 1049 -9.18 33.18 -17.98
C PHE D 1049 -10.26 32.85 -16.97
N CYS D 1050 -11.18 31.99 -17.41
CA CYS D 1050 -12.56 31.99 -16.93
C CYS D 1050 -12.97 33.45 -16.77
N MET D 1051 -12.81 34.20 -17.86
CA MET D 1051 -12.92 35.65 -17.88
C MET D 1051 -14.29 36.12 -17.40
N LEU D 1052 -15.32 35.36 -17.78
CA LEU D 1052 -16.69 35.58 -17.36
C LEU D 1052 -17.05 34.48 -16.38
N HIS D 1053 -17.86 34.82 -15.38
CA HIS D 1053 -17.70 34.25 -14.05
C HIS D 1053 -19.01 33.56 -13.68
N SER D 1054 -18.89 32.30 -13.27
CA SER D 1054 -19.91 31.28 -13.49
C SER D 1054 -20.30 31.14 -14.97
N THR D 1055 -21.60 31.25 -15.25
CA THR D 1055 -22.23 30.58 -16.39
C THR D 1055 -22.26 31.41 -17.67
N GLU D 1056 -22.20 30.71 -18.80
CA GLU D 1056 -22.11 31.30 -20.14
C GLU D 1056 -20.79 32.04 -20.35
N ASP D 1057 -19.67 31.40 -20.02
CA ASP D 1057 -18.35 32.04 -20.16
C ASP D 1057 -17.44 31.32 -21.15
N LYS D 1058 -16.83 32.10 -22.03
CA LYS D 1058 -15.87 31.61 -22.98
C LYS D 1058 -14.45 32.00 -22.58
N SER D 1059 -13.56 31.05 -22.26
CA SER D 1059 -12.24 31.39 -21.75
C SER D 1059 -11.13 30.95 -22.72
N CYS D 1060 -10.21 31.86 -23.03
CA CYS D 1060 -9.07 31.57 -23.89
C CYS D 1060 -8.03 30.78 -23.10
N ARG D 1061 -7.20 30.01 -23.80
CA ARG D 1061 -6.03 29.35 -23.17
C ARG D 1061 -4.74 29.57 -23.94
N ASP D 1062 -4.01 30.62 -23.52
CA ASP D 1062 -2.66 30.91 -23.99
C ASP D 1062 -1.72 29.72 -23.87
N TYR D 1063 -0.60 29.74 -24.59
CA TYR D 1063 0.37 28.65 -24.46
C TYR D 1063 1.80 29.10 -24.20
N TYR D 1064 2.35 28.62 -23.09
CA TYR D 1064 3.79 28.51 -22.87
C TYR D 1064 4.45 27.37 -23.65
N ILE D 1065 3.70 26.29 -23.88
CA ILE D 1065 4.27 24.99 -24.20
C ILE D 1065 5.15 24.94 -25.43
N GLU D 1066 4.70 25.57 -26.52
CA GLU D 1066 5.40 25.44 -27.79
C GLU D 1066 6.78 26.08 -27.68
N TYR D 1067 7.75 25.51 -28.38
CA TYR D 1067 9.15 25.72 -28.00
C TYR D 1067 9.83 27.04 -28.42
N ASN D 1068 9.45 27.70 -29.53
CA ASN D 1068 8.72 27.12 -30.66
C ASN D 1068 9.57 27.17 -31.92
N PHE D 1069 9.75 26.02 -32.55
CA PHE D 1069 10.50 25.89 -33.81
C PHE D 1069 9.57 25.11 -34.79
N LYS D 1070 9.87 24.88 -36.08
CA LYS D 1070 11.16 24.81 -36.81
C LYS D 1070 12.07 23.69 -36.31
N TYR D 1071 13.39 23.87 -36.42
CA TYR D 1071 14.39 22.90 -35.94
C TYR D 1071 14.12 21.49 -36.47
N LEU D 1072 14.02 21.35 -37.78
CA LEU D 1072 13.91 20.04 -38.41
C LEU D 1072 15.03 19.85 -39.44
N TYR D 1089 12.15 20.29 -32.70
CA TYR D 1089 13.30 19.84 -31.90
C TYR D 1089 12.83 18.91 -30.77
N GLU D 1090 12.76 17.62 -31.10
CA GLU D 1090 12.05 16.63 -30.30
C GLU D 1090 10.61 17.10 -30.18
N PRO D 1091 10.04 17.52 -31.31
CA PRO D 1091 8.96 18.50 -31.51
C PRO D 1091 7.67 18.05 -30.82
N LEU D 1092 6.84 19.01 -30.39
CA LEU D 1092 5.95 18.93 -29.20
C LEU D 1092 6.66 18.91 -27.84
N THR D 1093 7.76 18.18 -27.75
CA THR D 1093 8.78 18.42 -26.72
C THR D 1093 8.23 18.33 -25.29
N ALA D 1094 7.83 19.46 -24.72
CA ALA D 1094 7.58 19.56 -23.28
C ALA D 1094 6.52 18.57 -22.79
N LEU D 1095 5.42 18.47 -23.53
CA LEU D 1095 4.37 17.49 -23.26
C LEU D 1095 4.95 16.08 -23.21
N ASN D 1096 5.70 15.77 -24.27
CA ASN D 1096 6.44 14.52 -24.36
C ASN D 1096 7.31 14.32 -23.12
N ALA D 1097 8.03 15.36 -22.70
CA ALA D 1097 8.86 15.27 -21.51
C ALA D 1097 8.03 15.12 -20.24
N MET D 1098 6.73 15.43 -20.32
CA MET D 1098 5.81 15.05 -19.24
C MET D 1098 5.58 13.56 -19.22
N VAL D 1099 5.24 13.00 -20.39
CA VAL D 1099 5.03 11.55 -20.45
C VAL D 1099 6.33 10.85 -20.04
N GLN D 1100 7.46 11.39 -20.46
CA GLN D 1100 8.77 10.80 -20.19
C GLN D 1100 9.69 11.90 -19.62
N ASN D 1101 9.57 12.17 -18.32
CA ASN D 1101 8.79 11.38 -17.38
C ASN D 1101 8.22 12.32 -16.31
N ASN D 1102 7.41 11.81 -15.40
CA ASN D 1102 6.35 10.83 -15.63
C ASN D 1102 5.00 11.38 -15.18
N ARG D 1103 5.00 12.65 -14.81
CA ARG D 1103 4.46 13.12 -13.54
C ARG D 1103 2.94 13.09 -13.34
N ILE D 1104 2.18 13.44 -14.38
CA ILE D 1104 0.76 13.11 -14.53
C ILE D 1104 -0.06 13.17 -13.23
N GLU D 1105 0.05 14.27 -12.51
CA GLU D 1105 -1.14 15.06 -12.23
C GLU D 1105 -0.80 16.51 -12.45
N LEU D 1106 0.10 16.78 -13.39
CA LEU D 1106 0.00 17.91 -14.30
C LEU D 1106 -0.71 17.58 -15.61
N LEU D 1107 -0.28 16.51 -16.25
CA LEU D 1107 -0.75 16.17 -17.59
C LEU D 1107 -2.27 16.13 -17.66
N ASN D 1108 -2.87 15.61 -16.59
CA ASN D 1108 -4.30 15.41 -16.54
C ASN D 1108 -4.96 16.78 -16.35
N HIS D 1109 -4.18 17.78 -15.94
CA HIS D 1109 -4.72 19.12 -15.65
C HIS D 1109 -5.60 19.63 -16.79
N PRO D 1110 -6.86 19.93 -16.45
CA PRO D 1110 -7.93 20.23 -17.39
C PRO D 1110 -7.66 21.46 -18.25
N VAL D 1111 -7.34 22.59 -17.61
CA VAL D 1111 -7.38 23.92 -18.22
C VAL D 1111 -6.68 24.00 -19.56
N CYS D 1112 -5.64 23.18 -19.74
CA CYS D 1112 -4.68 23.40 -20.80
C CYS D 1112 -4.53 22.17 -21.69
N LYS D 1113 -3.78 21.20 -21.18
CA LYS D 1113 -3.15 20.17 -22.00
C LYS D 1113 -4.22 19.43 -22.78
N GLU D 1114 -5.29 19.09 -22.06
CA GLU D 1114 -6.39 18.33 -22.63
C GLU D 1114 -6.94 19.06 -23.84
N TYR D 1115 -7.13 20.36 -23.70
CA TYR D 1115 -7.59 21.16 -24.81
C TYR D 1115 -6.62 21.20 -25.97
N LEU D 1116 -5.36 21.46 -25.65
CA LEU D 1116 -4.32 21.55 -26.67
C LEU D 1116 -4.38 20.31 -27.56
N LEU D 1117 -4.28 19.15 -26.90
CA LEU D 1117 -4.25 17.87 -27.58
C LEU D 1117 -5.57 17.57 -28.29
N MET D 1118 -6.66 18.09 -27.76
CA MET D 1118 -7.95 17.99 -28.44
C MET D 1118 -7.96 18.69 -29.80
N LYS D 1119 -7.55 19.96 -29.82
CA LYS D 1119 -7.66 20.71 -31.06
C LYS D 1119 -6.58 20.33 -32.07
N TRP D 1120 -5.31 20.30 -31.66
CA TRP D 1120 -4.27 19.51 -32.31
C TRP D 1120 -4.73 18.18 -32.94
N LEU D 1121 -5.49 17.39 -32.16
CA LEU D 1121 -6.30 16.30 -32.70
C LEU D 1121 -7.42 16.69 -33.68
N ALA D 1122 -7.80 17.95 -33.82
CA ALA D 1122 -8.59 18.21 -35.03
C ALA D 1122 -7.89 17.94 -36.39
N TYR D 1123 -6.72 18.56 -36.67
CA TYR D 1123 -6.09 18.21 -37.95
C TYR D 1123 -5.71 16.74 -37.80
N GLY D 1124 -5.32 16.33 -36.58
CA GLY D 1124 -4.72 15.01 -36.38
C GLY D 1124 -5.77 14.01 -36.82
N PHE D 1125 -7.02 14.43 -36.60
CA PHE D 1125 -8.18 13.62 -36.90
C PHE D 1125 -8.08 13.50 -38.40
N ARG D 1126 -8.07 14.67 -39.05
CA ARG D 1126 -8.17 14.75 -40.50
C ARG D 1126 -7.13 13.91 -41.25
N ALA D 1127 -5.90 13.82 -40.74
CA ALA D 1127 -4.92 12.90 -41.33
C ALA D 1127 -5.21 11.45 -40.96
N HIS D 1128 -5.61 11.23 -39.71
CA HIS D 1128 -5.67 9.89 -39.13
C HIS D 1128 -6.72 9.15 -39.96
N MET D 1129 -7.91 9.74 -39.99
CA MET D 1129 -9.08 9.14 -40.62
C MET D 1129 -8.67 8.84 -42.05
N MET D 1130 -7.86 9.72 -42.65
CA MET D 1130 -7.48 9.58 -44.05
C MET D 1130 -6.71 8.27 -44.22
N ASN D 1131 -5.78 8.01 -43.31
CA ASN D 1131 -5.13 6.70 -43.31
C ASN D 1131 -6.15 5.58 -43.12
N LEU D 1132 -7.11 5.76 -42.22
CA LEU D 1132 -8.10 4.70 -41.95
C LEU D 1132 -8.82 4.39 -43.27
N GLY D 1133 -9.10 5.46 -44.00
CA GLY D 1133 -9.99 5.50 -45.15
C GLY D 1133 -9.34 4.72 -46.26
N SER D 1134 -8.06 4.99 -46.47
CA SER D 1134 -7.25 4.20 -47.40
C SER D 1134 -7.35 2.71 -47.05
N TYR D 1135 -7.45 2.42 -45.75
CA TYR D 1135 -7.70 1.05 -45.31
C TYR D 1135 -9.20 0.68 -45.33
N CYS D 1136 -10.05 1.70 -45.39
CA CYS D 1136 -11.48 1.53 -45.13
C CYS D 1136 -12.15 1.06 -46.42
N LEU D 1137 -11.77 1.75 -47.51
CA LEU D 1137 -12.24 1.47 -48.86
C LEU D 1137 -11.70 0.12 -49.33
N GLY D 1138 -10.86 -0.47 -48.48
CA GLY D 1138 -10.52 -1.88 -48.56
C GLY D 1138 -11.48 -2.72 -47.73
N LEU D 1139 -11.77 -2.28 -46.50
CA LEU D 1139 -12.57 -3.08 -45.56
C LEU D 1139 -14.03 -3.30 -45.93
N ILE D 1140 -14.69 -2.27 -46.41
CA ILE D 1140 -16.11 -2.43 -46.73
C ILE D 1140 -16.36 -3.30 -47.98
N PRO D 1141 -15.51 -3.16 -49.03
CA PRO D 1141 -15.45 -4.18 -50.10
C PRO D 1141 -15.57 -5.65 -49.70
N MET D 1142 -14.77 -6.12 -48.74
CA MET D 1142 -14.70 -7.57 -48.44
C MET D 1142 -16.08 -8.00 -48.02
N THR D 1143 -16.63 -7.21 -47.09
CA THR D 1143 -17.94 -7.43 -46.54
C THR D 1143 -18.95 -7.50 -47.68
N ILE D 1144 -18.93 -6.51 -48.56
CA ILE D 1144 -19.92 -6.48 -49.66
C ILE D 1144 -19.81 -7.69 -50.58
N LEU D 1145 -18.60 -8.08 -50.95
CA LEU D 1145 -18.45 -9.22 -51.86
C LEU D 1145 -18.91 -10.52 -51.25
N VAL D 1146 -18.52 -10.76 -50.00
CA VAL D 1146 -18.81 -12.06 -49.43
C VAL D 1146 -20.22 -12.16 -48.87
N VAL D 1147 -20.80 -11.03 -48.48
CA VAL D 1147 -22.20 -11.01 -48.10
C VAL D 1147 -23.15 -11.07 -49.30
N ASN D 1148 -22.75 -10.49 -50.43
CA ASN D 1148 -23.70 -10.37 -51.53
C ASN D 1148 -23.80 -11.51 -52.53
N ILE D 1149 -22.67 -11.96 -53.08
CA ILE D 1149 -22.56 -13.34 -53.52
C ILE D 1149 -21.12 -13.82 -53.75
N LYS D 1150 -20.96 -15.15 -53.84
CA LYS D 1150 -21.66 -16.12 -53.00
C LYS D 1150 -20.68 -17.20 -52.59
N PRO D 1151 -21.02 -18.02 -51.57
CA PRO D 1151 -20.06 -19.07 -51.30
C PRO D 1151 -20.36 -20.31 -52.12
N GLY D 1152 -19.42 -20.71 -52.96
CA GLY D 1152 -19.58 -21.93 -53.72
C GLY D 1152 -19.23 -21.69 -55.17
N MET D 1153 -19.87 -20.66 -55.73
CA MET D 1153 -19.83 -20.40 -57.16
C MET D 1153 -18.42 -20.06 -57.60
N ALA D 1154 -18.02 -20.65 -58.72
CA ALA D 1154 -16.62 -20.58 -59.17
C ALA D 1154 -16.24 -19.15 -59.49
N PHE D 1155 -17.22 -18.40 -59.98
CA PHE D 1155 -17.42 -16.99 -59.63
C PHE D 1155 -18.60 -16.36 -60.37
N ASN D 1156 -19.82 -16.79 -60.03
CA ASN D 1156 -21.05 -16.56 -60.81
C ASN D 1156 -20.90 -15.87 -62.17
N THR D 1173 -28.29 -13.27 -63.22
CA THR D 1173 -27.09 -12.84 -62.52
C THR D 1173 -26.89 -11.36 -62.67
N THR D 1174 -27.86 -10.61 -62.15
CA THR D 1174 -27.72 -9.15 -62.22
C THR D 1174 -26.87 -8.69 -61.00
N ASN D 1175 -26.95 -7.39 -60.63
CA ASN D 1175 -26.15 -6.67 -59.59
C ASN D 1175 -24.76 -6.71 -60.06
N SER D 1176 -24.52 -6.99 -61.33
CA SER D 1176 -23.20 -7.16 -61.90
C SER D 1176 -22.30 -5.96 -61.68
N TYR D 1177 -22.87 -4.76 -61.74
CA TYR D 1177 -22.08 -3.56 -61.43
C TYR D 1177 -21.61 -3.39 -59.98
N LEU D 1178 -22.47 -3.66 -59.02
CA LEU D 1178 -22.01 -3.64 -57.62
C LEU D 1178 -20.67 -4.36 -57.50
N ILE D 1179 -20.68 -5.57 -58.06
CA ILE D 1179 -19.52 -6.45 -58.03
C ILE D 1179 -18.34 -5.98 -58.86
N LYS D 1180 -18.59 -5.46 -60.06
CA LYS D 1180 -17.46 -5.06 -60.89
C LYS D 1180 -16.74 -3.92 -60.19
N THR D 1181 -17.53 -2.90 -59.80
CA THR D 1181 -16.98 -1.72 -59.16
C THR D 1181 -16.15 -2.08 -57.95
N CYS D 1182 -16.78 -2.84 -57.05
CA CYS D 1182 -16.09 -3.17 -55.82
C CYS D 1182 -14.83 -3.98 -56.12
N MET D 1183 -14.92 -4.90 -57.08
CA MET D 1183 -13.78 -5.74 -57.42
C MET D 1183 -12.54 -4.97 -57.88
N ILE D 1184 -12.74 -4.10 -58.86
CA ILE D 1184 -11.60 -3.37 -59.42
C ILE D 1184 -11.06 -2.46 -58.32
N LEU D 1185 -11.99 -1.87 -57.56
CA LEU D 1185 -11.61 -1.01 -56.45
C LEU D 1185 -10.70 -1.75 -55.48
N VAL D 1186 -11.01 -3.01 -55.22
CA VAL D 1186 -10.18 -3.84 -54.34
C VAL D 1186 -8.81 -4.11 -54.94
N PHE D 1187 -8.78 -4.44 -56.23
CA PHE D 1187 -7.52 -4.80 -56.89
C PHE D 1187 -6.56 -3.63 -56.76
N LEU D 1188 -7.10 -2.43 -56.97
CA LEU D 1188 -6.31 -1.21 -56.86
C LEU D 1188 -5.97 -0.88 -55.40
N SER D 1189 -6.91 -1.14 -54.50
CA SER D 1189 -6.75 -0.94 -53.06
C SER D 1189 -5.67 -1.82 -52.42
N SER D 1190 -5.38 -2.93 -53.08
CA SER D 1190 -4.29 -3.84 -52.72
C SER D 1190 -2.85 -3.32 -52.84
N ILE D 1191 -2.47 -2.80 -54.00
CA ILE D 1191 -1.05 -2.51 -54.23
C ILE D 1191 -0.49 -1.28 -53.49
N PHE D 1192 -1.36 -0.41 -52.98
CA PHE D 1192 -0.97 0.93 -52.56
C PHE D 1192 0.25 1.04 -51.63
N GLY D 1193 0.32 0.17 -50.62
CA GLY D 1193 1.43 0.22 -49.69
C GLY D 1193 2.62 -0.49 -50.27
N TYR D 1194 2.30 -1.64 -50.84
CA TYR D 1194 3.24 -2.53 -51.49
C TYR D 1194 3.38 -2.19 -52.97
N ILE D 1212 4.25 -9.60 -35.82
CA ILE D 1212 3.80 -8.23 -35.63
C ILE D 1212 3.02 -7.72 -36.85
N SER D 1213 2.86 -6.40 -36.93
CA SER D 1213 2.01 -5.77 -37.94
C SER D 1213 2.47 -5.86 -39.40
N ASN D 1214 3.77 -6.02 -39.64
CA ASN D 1214 4.27 -5.97 -41.01
C ASN D 1214 4.17 -7.27 -41.80
N VAL D 1215 4.28 -8.41 -41.13
CA VAL D 1215 4.01 -9.69 -41.77
C VAL D 1215 2.51 -9.81 -42.02
N LEU D 1216 1.73 -9.08 -41.24
CA LEU D 1216 0.30 -8.97 -41.47
C LEU D 1216 0.05 -8.13 -42.71
N GLU D 1217 0.81 -7.04 -42.85
CA GLU D 1217 0.75 -6.21 -44.05
C GLU D 1217 1.22 -6.95 -45.29
N TRP D 1218 2.11 -7.92 -45.12
CA TRP D 1218 2.54 -8.77 -46.22
C TRP D 1218 1.44 -9.76 -46.65
N ILE D 1219 1.03 -10.58 -45.68
CA ILE D 1219 0.10 -11.66 -45.94
C ILE D 1219 -1.19 -11.10 -46.49
N ILE D 1220 -1.71 -10.02 -45.88
CA ILE D 1220 -3.02 -9.56 -46.29
C ILE D 1220 -3.01 -9.20 -47.79
N TYR D 1221 -2.00 -8.48 -48.25
CA TYR D 1221 -2.03 -8.02 -49.61
C TYR D 1221 -1.92 -9.19 -50.57
N THR D 1222 -0.96 -10.09 -50.29
CA THR D 1222 -0.81 -11.22 -51.22
C THR D 1222 -2.06 -12.10 -51.32
N THR D 1223 -2.70 -12.34 -50.18
CA THR D 1223 -3.93 -13.12 -50.23
C THR D 1223 -5.05 -12.35 -50.92
N GLY D 1224 -5.06 -11.02 -50.81
CA GLY D 1224 -6.04 -10.22 -51.52
C GLY D 1224 -5.87 -10.40 -53.02
N ILE D 1225 -4.61 -10.42 -53.44
CA ILE D 1225 -4.28 -10.60 -54.85
C ILE D 1225 -4.72 -11.95 -55.39
N ILE D 1226 -4.47 -13.02 -54.62
CA ILE D 1226 -4.91 -14.33 -55.11
C ILE D 1226 -6.42 -14.23 -55.19
N PHE D 1227 -7.01 -13.55 -54.20
CA PHE D 1227 -8.46 -13.47 -54.07
C PHE D 1227 -9.09 -12.97 -55.36
N VAL D 1228 -8.49 -11.94 -55.96
CA VAL D 1228 -9.07 -11.43 -57.21
C VAL D 1228 -8.31 -11.63 -58.54
N LEU D 1229 -7.30 -12.51 -58.62
CA LEU D 1229 -6.65 -12.67 -59.92
C LEU D 1229 -7.55 -13.19 -61.08
N PRO D 1230 -8.35 -14.28 -60.87
CA PRO D 1230 -9.09 -14.92 -61.96
C PRO D 1230 -9.87 -14.04 -62.96
N LEU D 1231 -10.08 -12.76 -62.68
CA LEU D 1231 -10.48 -11.85 -63.76
C LEU D 1231 -9.35 -11.68 -64.80
N PHE D 1232 -8.10 -11.63 -64.35
CA PHE D 1232 -6.97 -11.61 -65.28
C PHE D 1232 -6.22 -12.92 -65.60
N VAL D 1233 -6.74 -14.08 -65.20
CA VAL D 1233 -6.23 -15.37 -65.69
C VAL D 1233 -7.39 -16.38 -65.53
N GLU D 1234 -7.16 -17.65 -65.87
CA GLU D 1234 -8.01 -18.76 -65.47
C GLU D 1234 -7.32 -19.53 -64.34
N ILE D 1235 -8.00 -19.68 -63.21
CA ILE D 1235 -7.42 -20.35 -62.06
C ILE D 1235 -8.51 -20.94 -61.16
N PRO D 1236 -8.16 -21.93 -60.32
CA PRO D 1236 -8.86 -23.20 -60.21
C PRO D 1236 -10.33 -23.00 -59.85
N ALA D 1237 -10.60 -21.84 -59.24
CA ALA D 1237 -11.88 -21.40 -58.64
C ALA D 1237 -12.04 -21.78 -57.17
N HIS D 1238 -12.00 -23.06 -56.84
CA HIS D 1238 -12.07 -23.35 -55.41
C HIS D 1238 -10.83 -22.80 -54.69
N LEU D 1239 -9.64 -23.03 -55.22
CA LEU D 1239 -8.45 -22.52 -54.52
C LEU D 1239 -8.58 -21.04 -54.16
N GLN D 1240 -8.97 -20.26 -55.15
CA GLN D 1240 -9.09 -18.82 -55.05
C GLN D 1240 -10.09 -18.50 -53.97
N TRP D 1241 -11.22 -19.17 -54.03
CA TRP D 1241 -12.26 -18.99 -53.03
C TRP D 1241 -11.69 -19.36 -51.67
N GLN D 1242 -10.86 -20.40 -51.63
CA GLN D 1242 -10.37 -20.88 -50.35
C GLN D 1242 -9.52 -19.84 -49.65
N CYS D 1243 -8.52 -19.32 -50.35
CA CYS D 1243 -7.59 -18.39 -49.71
C CYS D 1243 -8.24 -17.01 -49.53
N GLY D 1244 -9.36 -16.80 -50.21
CA GLY D 1244 -10.25 -15.73 -49.79
C GLY D 1244 -10.67 -15.68 -48.32
N ALA D 1245 -10.88 -16.84 -47.70
CA ALA D 1245 -11.29 -16.91 -46.31
C ALA D 1245 -10.22 -16.27 -45.42
N ILE D 1246 -9.00 -16.72 -45.65
CA ILE D 1246 -7.84 -16.27 -44.89
C ILE D 1246 -7.74 -14.78 -45.09
N ALA D 1247 -7.90 -14.35 -46.35
CA ALA D 1247 -7.82 -12.93 -46.67
C ALA D 1247 -8.77 -12.13 -45.80
N VAL D 1248 -10.04 -12.53 -45.73
CA VAL D 1248 -11.01 -11.80 -44.91
C VAL D 1248 -10.61 -11.74 -43.44
N TYR D 1249 -10.33 -12.92 -42.89
CA TYR D 1249 -10.07 -13.03 -41.46
C TYR D 1249 -8.89 -12.18 -41.01
N PHE D 1250 -7.75 -12.39 -41.68
CA PHE D 1250 -6.54 -11.65 -41.33
C PHE D 1250 -6.78 -10.19 -41.57
N TYR D 1251 -7.56 -9.91 -42.60
CA TYR D 1251 -7.89 -8.55 -42.99
C TYR D 1251 -8.38 -7.83 -41.71
N TRP D 1252 -9.56 -8.25 -41.26
CA TRP D 1252 -10.19 -7.59 -40.12
C TRP D 1252 -9.35 -7.60 -38.85
N MET D 1253 -8.75 -8.74 -38.51
CA MET D 1253 -8.07 -8.77 -37.23
C MET D 1253 -6.90 -7.78 -37.29
N ASN D 1254 -6.33 -7.65 -38.48
CA ASN D 1254 -5.29 -6.65 -38.70
C ASN D 1254 -5.89 -5.30 -38.38
N PHE D 1255 -7.10 -5.09 -38.91
CA PHE D 1255 -7.76 -3.79 -38.78
C PHE D 1255 -7.97 -3.36 -37.33
N LEU D 1256 -8.10 -4.33 -36.43
CA LEU D 1256 -8.10 -4.03 -35.00
C LEU D 1256 -6.92 -3.16 -34.54
N LEU D 1257 -5.71 -3.53 -34.95
CA LEU D 1257 -4.52 -2.73 -34.62
C LEU D 1257 -4.56 -1.28 -35.12
N TYR D 1258 -5.28 -1.01 -36.22
CA TYR D 1258 -5.49 0.38 -36.58
C TYR D 1258 -6.48 0.99 -35.60
N LEU D 1259 -7.46 0.20 -35.18
CA LEU D 1259 -8.37 0.70 -34.14
C LEU D 1259 -7.72 0.78 -32.76
N GLN D 1260 -6.47 0.32 -32.65
CA GLN D 1260 -5.72 0.42 -31.41
C GLN D 1260 -5.59 1.88 -31.01
N ARG D 1261 -5.37 2.71 -32.03
CA ARG D 1261 -5.34 4.15 -31.87
C ARG D 1261 -6.74 4.72 -31.66
N PHE D 1262 -6.77 5.97 -31.21
CA PHE D 1262 -7.90 6.69 -30.61
C PHE D 1262 -7.98 6.55 -29.09
N GLU D 1263 -9.04 7.12 -28.51
CA GLU D 1263 -9.24 7.12 -27.06
C GLU D 1263 -10.11 5.99 -26.51
N ASN D 1264 -11.26 5.73 -27.13
CA ASN D 1264 -12.25 4.84 -26.53
C ASN D 1264 -11.73 3.41 -26.51
N CYS D 1265 -11.29 2.95 -27.67
CA CYS D 1265 -10.64 1.65 -27.81
C CYS D 1265 -9.25 1.69 -27.18
N GLY D 1266 -8.58 2.82 -27.33
CA GLY D 1266 -7.12 2.90 -27.33
C GLY D 1266 -6.40 2.18 -26.21
N ILE D 1267 -7.13 1.86 -25.15
CA ILE D 1267 -6.56 1.19 -23.98
C ILE D 1267 -6.86 -0.30 -24.07
N PHE D 1268 -8.02 -0.60 -24.65
CA PHE D 1268 -8.55 -1.95 -24.68
C PHE D 1268 -7.55 -2.91 -25.34
N ILE D 1269 -7.13 -2.52 -26.55
CA ILE D 1269 -6.35 -3.40 -27.40
C ILE D 1269 -4.95 -3.64 -26.90
N VAL D 1270 -4.28 -2.63 -26.33
CA VAL D 1270 -2.92 -2.83 -25.85
C VAL D 1270 -3.01 -3.91 -24.78
N MET D 1271 -4.04 -3.79 -23.94
CA MET D 1271 -4.38 -4.81 -22.96
C MET D 1271 -4.47 -6.18 -23.61
N LEU D 1272 -5.24 -6.28 -24.70
CA LEU D 1272 -5.38 -7.59 -25.36
C LEU D 1272 -4.08 -8.15 -25.99
N GLU D 1273 -3.25 -7.29 -26.57
CA GLU D 1273 -1.99 -7.77 -27.16
C GLU D 1273 -1.06 -8.25 -26.07
N VAL D 1274 -0.96 -7.49 -24.97
CA VAL D 1274 -0.05 -7.86 -23.90
C VAL D 1274 -0.51 -9.15 -23.23
N ILE D 1275 -1.82 -9.28 -23.01
CA ILE D 1275 -2.32 -10.48 -22.37
C ILE D 1275 -2.06 -11.67 -23.29
N LEU D 1276 -2.22 -11.49 -24.60
CA LEU D 1276 -1.98 -12.59 -25.53
C LEU D 1276 -0.51 -13.02 -25.57
N LYS D 1277 0.44 -12.08 -25.52
CA LYS D 1277 1.83 -12.49 -25.42
C LYS D 1277 2.05 -13.26 -24.13
N THR D 1278 1.38 -12.82 -23.07
CA THR D 1278 1.48 -13.51 -21.79
C THR D 1278 0.96 -14.95 -21.97
N LEU D 1279 -0.03 -15.08 -22.85
CA LEU D 1279 -0.62 -16.37 -23.19
C LEU D 1279 0.36 -17.31 -23.87
N LEU D 1280 1.19 -16.79 -24.77
CA LEU D 1280 2.06 -17.70 -25.52
C LEU D 1280 3.19 -18.50 -24.81
N ARG D 1281 3.75 -17.99 -23.71
CA ARG D 1281 4.66 -18.83 -22.94
C ARG D 1281 3.89 -20.05 -22.43
N SER D 1282 2.72 -19.75 -21.88
CA SER D 1282 1.84 -20.80 -21.43
C SER D 1282 1.57 -21.74 -22.60
N THR D 1283 1.36 -21.21 -23.82
CA THR D 1283 0.99 -22.11 -24.90
C THR D 1283 2.12 -23.04 -25.28
N VAL D 1284 3.39 -22.63 -25.18
CA VAL D 1284 4.39 -23.68 -25.38
C VAL D 1284 4.31 -24.74 -24.28
N VAL D 1285 4.23 -24.33 -23.01
CA VAL D 1285 4.22 -25.42 -22.03
C VAL D 1285 2.97 -26.33 -21.95
N PHE D 1286 1.74 -25.84 -22.15
CA PHE D 1286 0.65 -26.78 -22.45
C PHE D 1286 0.58 -27.23 -23.92
N ILE D 1287 1.56 -26.89 -24.76
CA ILE D 1287 1.57 -27.57 -26.04
C ILE D 1287 2.47 -28.77 -25.89
N PHE D 1288 3.17 -28.85 -24.77
CA PHE D 1288 3.53 -30.20 -24.34
C PHE D 1288 2.53 -30.90 -23.43
N LEU D 1289 1.90 -30.17 -22.50
CA LEU D 1289 0.93 -30.83 -21.62
C LEU D 1289 -0.35 -31.32 -22.31
N LEU D 1290 -0.98 -30.44 -23.09
CA LEU D 1290 -2.24 -30.79 -23.71
C LEU D 1290 -1.99 -31.86 -24.75
N LEU D 1291 -0.78 -31.84 -25.31
CA LEU D 1291 -0.36 -32.86 -26.24
C LEU D 1291 -0.31 -34.22 -25.54
N ALA D 1292 0.32 -34.25 -24.37
CA ALA D 1292 0.33 -35.48 -23.56
C ALA D 1292 -1.08 -36.03 -23.32
N PHE D 1293 -2.00 -35.15 -22.92
CA PHE D 1293 -3.36 -35.63 -22.69
C PHE D 1293 -3.96 -36.19 -23.96
N GLY D 1294 -3.69 -35.47 -25.05
CA GLY D 1294 -4.21 -35.78 -26.36
C GLY D 1294 -3.87 -37.21 -26.68
N LEU D 1295 -2.60 -37.56 -26.51
CA LEU D 1295 -2.14 -38.91 -26.81
C LEU D 1295 -2.71 -39.95 -25.84
N SER D 1296 -2.84 -39.62 -24.55
CA SER D 1296 -3.43 -40.59 -23.63
C SER D 1296 -4.86 -40.97 -24.03
N PHE D 1297 -5.67 -39.97 -24.37
CA PHE D 1297 -7.02 -40.25 -24.85
C PHE D 1297 -6.99 -40.93 -26.20
N TYR D 1298 -5.94 -40.66 -26.97
CA TYR D 1298 -5.74 -41.38 -28.22
C TYR D 1298 -5.70 -42.87 -27.94
N ILE D 1299 -4.87 -43.28 -26.98
CA ILE D 1299 -4.74 -44.71 -26.72
C ILE D 1299 -5.95 -45.34 -26.06
N LEU D 1300 -6.57 -44.67 -25.08
CA LEU D 1300 -7.69 -45.35 -24.40
C LEU D 1300 -8.96 -45.58 -25.21
N LEU D 1301 -9.39 -44.62 -26.02
CA LEU D 1301 -10.61 -44.84 -26.79
C LEU D 1301 -10.48 -44.52 -28.27
N ASN D 1302 -9.63 -45.22 -29.00
CA ASN D 1302 -9.66 -45.05 -30.44
C ASN D 1302 -10.17 -46.28 -31.20
N LEU D 1303 -10.79 -47.21 -30.48
CA LEU D 1303 -11.84 -48.02 -31.09
C LEU D 1303 -12.88 -47.03 -31.57
N GLN D 1304 -13.18 -46.07 -30.70
CA GLN D 1304 -14.31 -45.18 -30.91
C GLN D 1304 -13.89 -44.10 -31.90
N ASP D 1305 -14.87 -43.54 -32.62
CA ASP D 1305 -14.65 -42.42 -33.54
C ASP D 1305 -15.45 -41.22 -33.05
N PRO D 1306 -14.81 -40.03 -32.95
CA PRO D 1306 -13.43 -39.70 -33.32
C PRO D 1306 -12.41 -39.97 -32.23
N PHE D 1307 -11.49 -40.90 -32.44
CA PHE D 1307 -10.15 -40.76 -31.85
C PHE D 1307 -9.09 -41.35 -32.75
N SER D 1308 -9.51 -41.85 -33.90
CA SER D 1308 -8.58 -42.47 -34.84
C SER D 1308 -7.53 -41.43 -35.22
N SER D 1309 -6.27 -41.86 -35.20
CA SER D 1309 -5.11 -41.09 -35.63
C SER D 1309 -4.76 -40.07 -34.55
N PRO D 1310 -3.47 -39.68 -34.47
CA PRO D 1310 -2.94 -38.79 -33.44
C PRO D 1310 -3.61 -37.41 -33.52
N LEU D 1311 -3.66 -36.88 -34.74
CA LEU D 1311 -3.96 -35.48 -34.99
C LEU D 1311 -5.39 -35.14 -34.55
N LEU D 1312 -6.34 -35.97 -34.98
CA LEU D 1312 -7.69 -35.91 -34.47
C LEU D 1312 -7.76 -35.91 -32.95
N SER D 1313 -7.01 -36.80 -32.31
CA SER D 1313 -7.04 -36.92 -30.86
C SER D 1313 -6.57 -35.66 -30.15
N ILE D 1314 -5.40 -35.16 -30.56
CA ILE D 1314 -4.84 -33.99 -29.90
C ILE D 1314 -5.72 -32.76 -30.14
N ILE D 1315 -6.19 -32.56 -31.37
CA ILE D 1315 -7.09 -31.43 -31.63
C ILE D 1315 -8.37 -31.55 -30.81
N GLN D 1316 -8.87 -32.78 -30.69
CA GLN D 1316 -10.09 -33.03 -29.94
C GLN D 1316 -9.95 -32.63 -28.49
N THR D 1317 -8.86 -33.06 -27.87
CA THR D 1317 -8.58 -32.74 -26.47
C THR D 1317 -8.39 -31.24 -26.30
N PHE D 1318 -7.79 -30.64 -27.32
CA PHE D 1318 -7.62 -29.21 -27.33
C PHE D 1318 -8.98 -28.54 -27.20
N SER D 1319 -9.94 -28.98 -28.02
CA SER D 1319 -11.30 -28.45 -27.96
C SER D 1319 -11.89 -28.75 -26.59
N MET D 1320 -11.49 -29.88 -26.02
CA MET D 1320 -12.01 -30.32 -24.73
C MET D 1320 -11.60 -29.38 -23.60
N MET D 1321 -10.46 -28.71 -23.74
CA MET D 1321 -10.00 -27.78 -22.71
C MET D 1321 -11.08 -26.79 -22.30
N LEU D 1322 -11.76 -26.24 -23.28
CA LEU D 1322 -12.56 -25.04 -23.14
C LEU D 1322 -13.48 -25.02 -21.92
N GLY D 1323 -14.07 -26.17 -21.63
CA GLY D 1323 -15.37 -26.18 -20.97
C GLY D 1323 -15.96 -27.56 -21.06
N ASP D 1324 -16.80 -27.79 -22.07
CA ASP D 1324 -17.60 -29.00 -22.13
C ASP D 1324 -16.75 -30.27 -22.33
N ILE D 1325 -17.14 -31.32 -21.61
CA ILE D 1325 -16.32 -32.52 -21.43
C ILE D 1325 -16.20 -33.61 -22.54
N ASN D 1326 -17.11 -33.73 -23.52
CA ASN D 1326 -18.31 -32.89 -23.74
C ASN D 1326 -19.67 -33.52 -24.11
N TYR D 1327 -19.77 -34.62 -24.88
CA TYR D 1327 -18.86 -35.77 -25.04
C TYR D 1327 -18.49 -36.29 -23.65
N ARG D 1328 -19.53 -36.41 -22.84
CA ARG D 1328 -19.68 -37.43 -21.81
C ARG D 1328 -20.70 -38.44 -22.36
N GLU D 1329 -21.12 -38.18 -23.60
CA GLU D 1329 -21.87 -39.12 -24.40
C GLU D 1329 -20.89 -40.01 -25.19
N SER D 1330 -19.60 -39.84 -24.89
CA SER D 1330 -18.57 -40.68 -25.49
C SER D 1330 -17.82 -41.63 -24.55
N PHE D 1331 -18.03 -41.54 -23.24
CA PHE D 1331 -17.62 -42.66 -22.38
C PHE D 1331 -18.79 -43.55 -22.07
N LEU D 1332 -19.83 -42.91 -21.55
CA LEU D 1332 -20.97 -43.60 -20.97
C LEU D 1332 -21.55 -44.72 -21.81
N GLU D 1333 -21.93 -44.36 -23.03
CA GLU D 1333 -22.60 -45.26 -23.94
C GLU D 1333 -21.70 -46.43 -24.35
N PRO D 1334 -20.44 -46.16 -24.77
CA PRO D 1334 -19.49 -47.27 -24.85
C PRO D 1334 -19.50 -48.17 -23.60
N TYR D 1335 -19.41 -47.57 -22.42
CA TYR D 1335 -19.28 -48.34 -21.18
C TYR D 1335 -20.48 -49.29 -20.98
N LEU D 1336 -21.71 -48.81 -21.19
CA LEU D 1336 -22.90 -49.66 -21.10
C LEU D 1336 -22.96 -50.65 -22.24
N ARG D 1337 -22.49 -50.23 -23.41
CA ARG D 1337 -22.30 -51.13 -24.54
C ARG D 1337 -21.34 -52.20 -24.08
N ASN D 1338 -20.32 -51.72 -23.36
CA ASN D 1338 -19.19 -52.49 -22.83
C ASN D 1338 -18.18 -52.52 -23.97
N GLU D 1339 -18.44 -51.70 -24.97
CA GLU D 1339 -17.54 -51.47 -26.09
C GLU D 1339 -16.17 -50.99 -25.62
N LEU D 1340 -16.14 -50.01 -24.72
CA LEU D 1340 -14.88 -49.38 -24.41
C LEU D 1340 -14.05 -50.33 -23.56
N ALA D 1341 -12.83 -50.54 -23.99
CA ALA D 1341 -11.91 -51.36 -23.24
C ALA D 1341 -11.43 -50.51 -22.08
N HIS D 1342 -10.88 -51.15 -21.05
CA HIS D 1342 -10.22 -50.46 -19.96
C HIS D 1342 -11.11 -49.50 -19.20
N PRO D 1343 -12.33 -49.93 -18.80
CA PRO D 1343 -13.10 -49.02 -17.95
C PRO D 1343 -12.33 -48.56 -16.70
N VAL D 1344 -11.70 -49.51 -16.02
CA VAL D 1344 -11.13 -49.30 -14.69
C VAL D 1344 -10.21 -48.10 -14.71
N LEU D 1345 -9.27 -48.14 -15.65
CA LEU D 1345 -8.30 -47.09 -15.80
C LEU D 1345 -8.93 -45.83 -16.36
N SER D 1346 -9.78 -45.99 -17.38
CA SER D 1346 -10.22 -44.85 -18.18
C SER D 1346 -11.00 -43.83 -17.36
N PHE D 1347 -11.89 -44.32 -16.50
CA PHE D 1347 -12.61 -43.38 -15.64
C PHE D 1347 -11.66 -42.53 -14.81
N ALA D 1348 -10.61 -43.19 -14.30
CA ALA D 1348 -9.55 -42.56 -13.55
C ALA D 1348 -8.93 -41.49 -14.43
N GLN D 1349 -8.70 -41.83 -15.69
CA GLN D 1349 -8.08 -40.90 -16.63
C GLN D 1349 -8.93 -39.64 -16.74
N LEU D 1350 -10.25 -39.78 -16.80
CA LEU D 1350 -11.05 -38.57 -16.95
C LEU D 1350 -11.10 -37.76 -15.66
N VAL D 1351 -11.14 -38.42 -14.51
CA VAL D 1351 -11.17 -37.64 -13.27
C VAL D 1351 -9.85 -36.88 -13.08
N SER D 1352 -8.73 -37.50 -13.43
CA SER D 1352 -7.43 -36.83 -13.44
C SER D 1352 -7.45 -35.66 -14.40
N PHE D 1353 -8.05 -35.91 -15.56
CA PHE D 1353 -8.10 -34.91 -16.62
C PHE D 1353 -8.81 -33.66 -16.12
N THR D 1354 -9.99 -33.84 -15.51
CA THR D 1354 -10.71 -32.68 -14.99
C THR D 1354 -9.95 -32.05 -13.83
N ILE D 1355 -9.19 -32.82 -13.05
CA ILE D 1355 -8.35 -32.15 -12.05
C ILE D 1355 -7.25 -31.30 -12.70
N PHE D 1356 -6.83 -31.61 -13.93
CA PHE D 1356 -5.71 -30.86 -14.53
C PHE D 1356 -5.91 -29.94 -15.74
N VAL D 1357 -7.10 -29.79 -16.28
CA VAL D 1357 -7.24 -28.80 -17.36
C VAL D 1357 -8.54 -27.99 -17.27
N PRO D 1358 -9.71 -28.65 -17.20
CA PRO D 1358 -10.93 -27.85 -17.13
C PRO D 1358 -10.94 -26.88 -15.95
N ILE D 1359 -10.46 -27.33 -14.79
CA ILE D 1359 -10.46 -26.46 -13.63
C ILE D 1359 -9.18 -25.70 -13.32
N VAL D 1360 -8.09 -26.43 -12.99
CA VAL D 1360 -6.89 -25.75 -12.51
C VAL D 1360 -6.14 -24.92 -13.57
N LEU D 1361 -5.91 -25.49 -14.75
CA LEU D 1361 -5.16 -24.81 -15.79
C LEU D 1361 -5.88 -23.54 -16.22
N MET D 1362 -7.19 -23.66 -16.41
CA MET D 1362 -8.00 -22.55 -16.88
C MET D 1362 -7.92 -21.44 -15.87
N ASN D 1363 -8.09 -21.81 -14.60
CA ASN D 1363 -8.08 -20.84 -13.52
C ASN D 1363 -6.74 -20.14 -13.44
N LEU D 1364 -5.65 -20.86 -13.68
CA LEU D 1364 -4.34 -20.24 -13.63
C LEU D 1364 -4.16 -19.26 -14.78
N LEU D 1365 -4.67 -19.63 -15.96
CA LEU D 1365 -4.53 -18.75 -17.11
C LEU D 1365 -5.31 -17.48 -16.80
N ILE D 1366 -6.48 -17.67 -16.19
CA ILE D 1366 -7.33 -16.55 -15.75
C ILE D 1366 -6.51 -15.71 -14.78
N GLY D 1367 -5.68 -16.38 -13.99
CA GLY D 1367 -4.90 -15.75 -12.94
C GLY D 1367 -3.94 -14.79 -13.60
N LEU D 1368 -3.21 -15.25 -14.61
CA LEU D 1368 -2.29 -14.38 -15.35
C LEU D 1368 -3.06 -13.22 -15.96
N ALA D 1369 -4.21 -13.53 -16.53
CA ALA D 1369 -5.06 -12.52 -17.17
C ALA D 1369 -5.31 -11.39 -16.18
N VAL D 1370 -5.79 -11.75 -15.00
CA VAL D 1370 -6.18 -10.77 -13.99
C VAL D 1370 -4.97 -9.99 -13.51
N GLY D 1371 -3.88 -10.70 -13.24
CA GLY D 1371 -2.66 -10.09 -12.73
C GLY D 1371 -2.16 -9.00 -13.66
N ASP D 1372 -1.92 -9.34 -14.93
CA ASP D 1372 -1.43 -8.35 -15.87
C ASP D 1372 -2.43 -7.25 -16.23
N ILE D 1373 -3.72 -7.57 -16.37
CA ILE D 1373 -4.67 -6.53 -16.74
C ILE D 1373 -4.79 -5.53 -15.61
N ALA D 1374 -4.84 -6.04 -14.38
CA ALA D 1374 -4.84 -5.24 -13.16
C ALA D 1374 -3.64 -4.32 -13.20
N ASP D 1375 -2.48 -4.90 -13.49
CA ASP D 1375 -1.24 -4.14 -13.60
C ASP D 1375 -1.27 -3.02 -14.64
N VAL D 1376 -1.88 -3.27 -15.80
CA VAL D 1376 -2.00 -2.21 -16.81
C VAL D 1376 -2.93 -1.09 -16.36
N GLN D 1377 -4.08 -1.46 -15.81
CA GLN D 1377 -5.05 -0.47 -15.33
C GLN D 1377 -4.57 0.33 -14.12
N LYS D 1378 -3.61 -0.23 -13.37
CA LYS D 1378 -3.04 0.44 -12.20
C LYS D 1378 -2.44 1.79 -12.57
N HIS D 1379 -1.73 1.84 -13.70
CA HIS D 1379 -1.37 3.13 -14.28
C HIS D 1379 -1.70 3.07 -15.78
N ALA D 1380 -3.01 3.14 -16.03
CA ALA D 1380 -3.59 3.09 -17.37
C ALA D 1380 -3.44 4.40 -18.11
N SER D 1381 -3.70 5.52 -17.42
CA SER D 1381 -3.85 6.82 -18.04
C SER D 1381 -2.63 7.17 -18.88
N LEU D 1382 -1.45 6.99 -18.29
CA LEU D 1382 -0.21 7.27 -18.99
C LEU D 1382 -0.08 6.48 -20.27
N LYS D 1383 -0.52 5.23 -20.28
CA LYS D 1383 -0.36 4.38 -21.46
C LYS D 1383 -1.11 5.00 -22.64
N ARG D 1384 -2.33 5.45 -22.35
CA ARG D 1384 -3.19 6.10 -23.34
C ARG D 1384 -2.66 7.45 -23.81
N ILE D 1385 -2.31 8.32 -22.86
CA ILE D 1385 -1.98 9.67 -23.26
C ILE D 1385 -0.64 9.60 -23.99
N ALA D 1386 0.24 8.72 -23.52
CA ALA D 1386 1.48 8.43 -24.24
C ALA D 1386 1.23 7.89 -25.63
N MET D 1387 0.12 7.17 -25.82
CA MET D 1387 -0.28 6.83 -27.18
C MET D 1387 -0.58 8.06 -28.03
N GLN D 1388 -1.46 8.95 -27.55
CA GLN D 1388 -1.74 10.13 -28.38
C GLN D 1388 -0.54 11.06 -28.61
N VAL D 1389 0.26 11.33 -27.57
CA VAL D 1389 1.42 12.20 -27.75
C VAL D 1389 2.41 11.56 -28.72
N GLU D 1390 2.59 10.24 -28.62
CA GLU D 1390 3.58 9.56 -29.45
C GLU D 1390 3.12 9.76 -30.90
N LEU D 1391 1.82 9.53 -31.11
CA LEU D 1391 1.29 9.61 -32.46
C LEU D 1391 1.49 11.01 -33.03
N HIS D 1392 1.16 12.03 -32.25
CA HIS D 1392 1.35 13.41 -32.73
C HIS D 1392 2.79 13.82 -32.94
N THR D 1393 3.72 13.29 -32.14
CA THR D 1393 5.13 13.59 -32.38
C THR D 1393 5.62 12.90 -33.64
N SER D 1394 5.13 11.70 -33.93
CA SER D 1394 5.61 10.98 -35.11
C SER D 1394 4.75 11.30 -36.32
N LEU D 1395 3.86 12.28 -36.15
CA LEU D 1395 3.11 12.82 -37.28
C LEU D 1395 3.72 14.19 -37.59
N GLU D 1396 4.05 14.91 -36.53
CA GLU D 1396 4.63 16.24 -36.59
C GLU D 1396 5.91 16.25 -37.43
N LYS D 1397 6.78 15.27 -37.18
CA LYS D 1397 8.09 15.22 -37.83
C LYS D 1397 8.02 14.99 -39.34
N LYS D 1398 7.11 14.14 -39.79
CA LYS D 1398 7.02 13.88 -41.23
C LYS D 1398 6.40 14.99 -42.06
N LEU D 1399 5.35 15.62 -41.56
CA LEU D 1399 4.65 16.62 -42.37
C LEU D 1399 5.47 17.91 -42.50
N PRO D 1400 5.58 18.44 -43.74
CA PRO D 1400 6.25 19.70 -44.10
C PRO D 1400 5.94 20.95 -43.27
N LEU D 1401 7.00 21.65 -42.87
CA LEU D 1401 6.95 22.79 -41.97
C LEU D 1401 6.00 23.93 -42.36
N TRP D 1402 5.91 24.21 -43.66
CA TRP D 1402 5.05 25.29 -44.16
C TRP D 1402 3.58 25.04 -43.84
N PHE D 1403 3.23 23.77 -43.64
CA PHE D 1403 1.88 23.42 -43.24
C PHE D 1403 1.82 23.36 -41.70
N LEU D 1404 2.28 24.43 -41.07
CA LEU D 1404 2.20 24.61 -39.62
C LEU D 1404 1.85 26.05 -39.29
N ARG D 1405 0.76 26.23 -38.55
CA ARG D 1405 0.29 27.55 -38.14
C ARG D 1405 0.13 28.48 -39.35
N LYS D 1406 -0.93 28.28 -40.13
CA LYS D 1406 -1.94 27.24 -39.88
C LYS D 1406 -1.44 25.85 -40.25
N VAL D 1407 -2.11 24.82 -39.75
CA VAL D 1407 -3.17 24.97 -38.75
C VAL D 1407 -2.65 25.06 -37.32
N ASP D 1408 -3.02 26.15 -36.65
CA ASP D 1408 -2.77 26.34 -35.22
C ASP D 1408 -3.47 27.59 -34.71
N GLN D 1409 -4.46 27.39 -33.87
CA GLN D 1409 -5.20 28.48 -33.26
C GLN D 1409 -4.34 29.23 -32.25
N LYS D 1410 -3.52 28.47 -31.51
CA LYS D 1410 -2.80 28.87 -30.29
C LYS D 1410 -3.75 29.55 -29.30
N SER D 1411 -5.03 29.20 -29.37
CA SER D 1411 -6.02 29.57 -28.38
C SER D 1411 -7.32 28.81 -28.64
N THR D 1412 -8.17 28.70 -27.63
CA THR D 1412 -9.46 28.05 -27.82
C THR D 1412 -10.57 28.64 -26.97
N ILE D 1413 -11.68 28.99 -27.60
CA ILE D 1413 -12.87 29.40 -26.87
C ILE D 1413 -13.42 28.19 -26.13
N VAL D 1414 -13.94 28.40 -24.94
CA VAL D 1414 -14.48 27.31 -24.13
C VAL D 1414 -15.96 27.52 -23.86
N TYR D 1415 -16.78 26.49 -24.11
CA TYR D 1415 -18.21 26.60 -23.88
C TYR D 1415 -18.79 25.35 -23.24
N GLN D 1440 -16.33 11.09 -15.99
CA GLN D 1440 -15.82 9.98 -16.79
C GLN D 1440 -14.38 10.23 -17.20
N GLU D 1441 -13.73 11.20 -16.56
CA GLU D 1441 -12.34 11.51 -16.84
C GLU D 1441 -11.49 11.60 -15.58
N ILE D 1442 -10.17 11.59 -15.78
CA ILE D 1442 -9.31 10.49 -15.35
C ILE D 1442 -9.36 10.27 -13.85
N PRO D 1443 -9.26 9.01 -13.41
CA PRO D 1443 -9.58 8.53 -12.06
C PRO D 1443 -8.74 9.19 -10.96
N ASN D 1444 -9.41 9.59 -9.89
CA ASN D 1444 -8.76 10.16 -8.72
C ASN D 1444 -7.92 9.15 -7.95
N ALA D 1445 -8.37 7.89 -7.93
CA ALA D 1445 -7.89 6.90 -6.96
C ALA D 1445 -6.41 6.56 -7.06
N ASP D 1446 -5.88 6.47 -8.28
CA ASP D 1446 -4.44 6.23 -8.46
C ASP D 1446 -3.66 7.40 -7.87
N LYS D 1447 -2.62 7.10 -7.09
CA LYS D 1447 -1.81 8.16 -6.51
C LYS D 1447 -0.42 7.71 -6.05
N SER D 1448 0.47 8.68 -5.91
CA SER D 1448 1.78 8.49 -5.31
C SER D 1448 1.82 9.39 -4.06
N LEU D 1449 2.09 8.79 -2.90
CA LEU D 1449 2.11 9.56 -1.67
C LEU D 1449 3.40 9.37 -0.88
N GLU D 1450 4.32 8.63 -1.47
CA GLU D 1450 5.71 8.58 -1.01
C GLU D 1450 6.36 9.96 -1.08
N MET D 1451 5.94 10.75 -2.07
CA MET D 1451 6.61 12.01 -2.26
C MET D 1451 6.43 12.81 -0.99
N GLU D 1452 5.24 12.73 -0.43
CA GLU D 1452 4.90 13.51 0.77
C GLU D 1452 6.12 13.50 1.72
N ILE D 1453 6.57 12.27 1.97
CA ILE D 1453 7.75 11.97 2.76
C ILE D 1453 9.02 12.57 2.13
N LEU D 1454 9.15 12.46 0.81
CA LEU D 1454 10.35 13.04 0.22
C LEU D 1454 10.35 14.57 0.42
N LYS D 1455 9.16 15.20 0.47
CA LYS D 1455 8.99 16.60 0.89
C LYS D 1455 9.45 16.85 2.32
N GLN D 1456 9.05 15.99 3.28
CA GLN D 1456 9.54 16.18 4.69
C GLN D 1456 11.09 16.14 4.81
N LYS D 1457 11.71 15.19 4.13
CA LYS D 1457 13.12 14.91 4.37
C LYS D 1457 14.01 16.14 4.11
N TYR D 1458 13.77 16.87 3.02
CA TYR D 1458 14.68 17.97 2.66
C TYR D 1458 14.64 19.00 3.77
N ARG D 1459 13.42 19.17 4.30
CA ARG D 1459 13.17 20.12 5.38
C ARG D 1459 14.01 19.73 6.56
N LEU D 1460 13.99 18.44 6.91
CA LEU D 1460 14.77 18.04 8.07
C LEU D 1460 16.29 18.21 7.85
N LYS D 1461 16.80 18.01 6.63
CA LYS D 1461 18.22 18.36 6.42
C LYS D 1461 18.47 19.86 6.57
N ASP D 1462 17.47 20.65 6.22
CA ASP D 1462 17.61 22.09 6.41
C ASP D 1462 17.70 22.38 7.90
N LEU D 1463 16.91 21.65 8.67
CA LEU D 1463 16.98 21.76 10.10
C LEU D 1463 18.35 21.39 10.68
N THR D 1464 18.99 20.32 10.20
CA THR D 1464 20.35 20.10 10.72
C THR D 1464 21.42 21.09 10.23
N PHE D 1465 21.25 21.68 9.05
CA PHE D 1465 22.11 22.79 8.62
C PHE D 1465 21.88 23.95 9.57
N LEU D 1466 20.71 23.99 10.21
CA LEU D 1466 20.30 25.14 10.99
C LEU D 1466 20.49 24.79 12.47
N LEU D 1467 21.07 23.61 12.73
CA LEU D 1467 21.32 23.23 14.10
C LEU D 1467 22.82 23.09 14.34
N GLU D 1468 23.53 22.51 13.37
CA GLU D 1468 24.96 22.32 13.50
C GLU D 1468 25.69 23.64 13.66
N LYS D 1469 25.32 24.61 12.82
CA LYS D 1469 25.90 25.94 12.91
C LYS D 1469 25.68 26.55 14.28
N GLN D 1470 24.50 26.31 14.85
CA GLN D 1470 24.25 26.68 16.23
C GLN D 1470 25.19 26.01 17.21
N HIS D 1471 25.53 24.75 16.97
CA HIS D 1471 26.41 24.04 17.90
C HIS D 1471 27.81 24.65 17.87
N GLU D 1472 28.30 24.84 16.65
CA GLU D 1472 29.56 25.53 16.38
C GLU D 1472 29.57 26.84 17.14
N LEU D 1473 28.48 27.58 16.94
CA LEU D 1473 28.36 28.93 17.44
C LEU D 1473 28.38 28.95 18.96
N ILE D 1474 27.83 27.91 19.59
CA ILE D 1474 27.81 27.86 21.04
C ILE D 1474 29.18 27.52 21.64
N LYS D 1475 29.89 26.55 21.05
CA LYS D 1475 31.27 26.38 21.51
C LYS D 1475 32.00 27.71 21.36
N LEU D 1476 31.67 28.44 20.29
CA LEU D 1476 32.26 29.76 20.11
C LEU D 1476 31.77 30.74 21.18
N ILE D 1477 30.62 30.46 21.80
CA ILE D 1477 30.25 31.20 23.01
C ILE D 1477 31.26 30.99 24.11
N ILE D 1478 31.56 29.73 24.41
CA ILE D 1478 32.48 29.51 25.53
C ILE D 1478 33.92 29.97 25.27
N GLN D 1479 34.37 29.85 24.04
CA GLN D 1479 35.74 30.27 23.74
C GLN D 1479 36.00 31.78 23.94
N LYS D 1480 34.93 32.57 24.08
CA LYS D 1480 35.10 33.98 24.43
C LYS D 1480 34.37 34.37 25.70
N MET D 1481 34.16 33.42 26.60
CA MET D 1481 33.34 33.70 27.75
C MET D 1481 34.24 34.15 28.90
N GLU D 1482 33.68 34.85 29.87
CA GLU D 1482 34.48 35.47 30.94
C GLU D 1482 34.31 34.77 32.29
N ILE D 1483 34.61 33.48 32.34
CA ILE D 1483 34.30 32.69 33.53
C ILE D 1483 35.32 32.91 34.65
N ILE D 1484 35.18 34.01 35.36
CA ILE D 1484 35.95 34.33 36.57
C ILE D 1484 35.41 35.60 37.20
N SER D 1485 34.83 35.52 38.41
CA SER D 1485 34.60 34.28 39.14
C SER D 1485 33.38 33.55 38.54
N GLU D 1486 33.20 32.24 38.81
CA GLU D 1486 34.05 31.43 39.67
C GLU D 1486 34.32 30.04 39.10
N THR D 1487 35.60 29.63 39.13
CA THR D 1487 36.02 28.33 38.63
C THR D 1487 36.47 27.43 39.78
#